data_8ECO
#
_entry.id   8ECO
#
_entity_poly.entity_id   1
_entity_poly.type   'polypeptide(L)'
_entity_poly.pdbx_seq_one_letter_code
;MADISRADALALLATQELDSIIKPETSGSAALAAFRSIRMSAGTVSMPVLAALPTAGWVTDDTSGAATGTKPTSKVSWTG
KNLVAEEIAVIVPVHENTIADSRFDIWGEVRPLVSQEFGRVLDEAVFFGVNKPATWLDPALVPGAIAAGNTIADGTGIDL
ADDINEAFGFVEDDEFDVNVAFTGRFLRRRLRGLRDADNAPIYLDGVRSDNRTAEIYGQDLMYVGNRSWDRDEAVLLAGD
RSKVLLGIREDVQVKLLTEATIGGINLAEKDMVALRFKFRVAYSTAFSTAGGEVTDYPFAVITPDVTP
;
_entity_poly.pdbx_strand_id   A,B,E,G,C,D,F
#
# COMPACT_ATOMS: atom_id res chain seq x y z
N ALA A 2 -77.90 3.97 22.65
CA ALA A 2 -76.85 3.73 23.65
C ALA A 2 -76.04 2.48 23.30
N ASP A 3 -74.74 2.48 23.59
CA ASP A 3 -73.83 1.36 23.34
C ASP A 3 -72.61 1.43 24.27
N ILE A 4 -71.86 0.33 24.42
CA ILE A 4 -70.64 0.32 25.22
C ILE A 4 -69.50 0.95 24.43
N SER A 5 -69.16 2.19 24.76
CA SER A 5 -68.01 2.93 24.22
C SER A 5 -66.69 2.32 24.67
N ARG A 6 -65.58 2.68 24.04
CA ARG A 6 -64.25 2.29 24.54
C ARG A 6 -63.98 2.92 25.92
N ALA A 7 -64.47 4.13 26.16
CA ALA A 7 -64.42 4.78 27.47
C ALA A 7 -65.29 4.10 28.55
N ASP A 8 -66.42 3.50 28.19
CA ASP A 8 -67.25 2.72 29.11
C ASP A 8 -66.61 1.40 29.57
N ALA A 9 -65.74 0.83 28.75
CA ALA A 9 -64.99 -0.38 29.05
C ALA A 9 -63.55 -0.12 29.49
N LEU A 10 -63.11 1.14 29.60
CA LEU A 10 -61.72 1.54 29.86
C LEU A 10 -61.10 0.85 31.08
N ALA A 11 -61.87 0.72 32.16
CA ALA A 11 -61.40 0.07 33.38
C ALA A 11 -61.13 -1.43 33.22
N LEU A 12 -61.62 -2.07 32.17
CA LEU A 12 -61.45 -3.50 31.88
C LEU A 12 -60.30 -3.80 30.91
N LEU A 13 -59.73 -2.80 30.27
CA LEU A 13 -58.74 -3.01 29.20
C LEU A 13 -57.47 -3.66 29.72
N ALA A 14 -56.90 -4.56 28.93
CA ALA A 14 -55.61 -5.16 29.21
C ALA A 14 -54.48 -4.12 29.10
N THR A 15 -53.31 -4.47 29.62
CA THR A 15 -52.07 -3.67 29.52
C THR A 15 -50.89 -4.58 29.20
N GLN A 16 -49.86 -4.00 28.61
CA GLN A 16 -48.63 -4.69 28.26
C GLN A 16 -47.47 -3.72 28.39
N GLU A 17 -46.30 -4.25 28.70
CA GLU A 17 -45.09 -3.49 28.99
C GLU A 17 -43.92 -4.16 28.30
N LEU A 18 -42.95 -3.41 27.75
CA LEU A 18 -41.69 -4.03 27.35
C LEU A 18 -40.95 -4.64 28.55
N ASP A 19 -40.27 -5.75 28.29
CA ASP A 19 -39.46 -6.53 29.23
C ASP A 19 -38.11 -5.88 29.60
N SER A 20 -37.79 -4.72 29.04
CA SER A 20 -36.46 -4.13 29.07
C SER A 20 -36.49 -2.63 28.77
N ILE A 21 -35.40 -1.93 29.10
CA ILE A 21 -35.25 -0.50 28.92
C ILE A 21 -34.54 -0.21 27.59
N ILE A 22 -35.03 0.78 26.84
CA ILE A 22 -34.35 1.33 25.68
C ILE A 22 -33.23 2.26 26.14
N LYS A 23 -31.97 1.89 25.89
CA LYS A 23 -30.78 2.64 26.29
C LYS A 23 -29.64 2.46 25.28
N PRO A 24 -28.69 3.40 25.13
CA PRO A 24 -27.53 3.24 24.27
C PRO A 24 -26.56 2.19 24.81
N GLU A 25 -25.59 1.77 23.99
CA GLU A 25 -24.46 0.97 24.45
C GLU A 25 -23.53 1.78 25.35
N THR A 26 -22.99 1.14 26.40
CA THR A 26 -21.90 1.69 27.21
C THR A 26 -20.53 1.45 26.55
N SER A 27 -19.52 2.24 26.90
CA SER A 27 -18.13 2.01 26.47
C SER A 27 -17.13 2.48 27.52
N GLY A 28 -16.01 1.81 27.70
CA GLY A 28 -14.96 2.15 28.66
C GLY A 28 -14.06 3.29 28.22
N SER A 29 -13.18 3.74 29.12
CA SER A 29 -12.16 4.74 28.78
C SER A 29 -11.16 4.18 27.77
N ALA A 30 -10.84 4.96 26.74
CA ALA A 30 -9.73 4.67 25.85
C ALA A 30 -8.40 4.67 26.62
N ALA A 31 -8.25 5.52 27.64
CA ALA A 31 -7.03 5.62 28.42
C ALA A 31 -6.72 4.30 29.15
N LEU A 32 -7.65 3.75 29.92
CA LEU A 32 -7.40 2.48 30.61
C LEU A 32 -7.28 1.31 29.64
N ALA A 33 -7.92 1.36 28.48
CA ALA A 33 -7.81 0.31 27.48
C ALA A 33 -6.44 0.29 26.80
N ALA A 34 -5.88 1.46 26.46
CA ALA A 34 -4.64 1.58 25.71
C ALA A 34 -3.38 1.45 26.57
N PHE A 35 -3.26 2.25 27.61
CA PHE A 35 -1.99 2.48 28.31
C PHE A 35 -1.78 1.48 29.44
N ARG A 36 -0.50 1.17 29.72
CA ARG A 36 -0.17 0.25 30.83
C ARG A 36 -0.50 0.99 32.13
N SER A 37 -0.75 0.28 33.22
CA SER A 37 -0.95 0.84 34.55
C SER A 37 -0.24 0.06 35.64
N ILE A 38 0.08 0.77 36.72
CA ILE A 38 0.71 0.23 37.93
C ILE A 38 -0.18 0.47 39.14
N ARG A 39 -0.07 -0.40 40.13
CA ARG A 39 -0.69 -0.20 41.44
C ARG A 39 0.10 0.81 42.24
N MET A 40 -0.52 1.94 42.56
CA MET A 40 0.01 2.88 43.52
C MET A 40 -0.39 2.45 44.93
N SER A 41 0.50 2.62 45.91
CA SER A 41 0.27 2.36 47.33
C SER A 41 0.53 3.58 48.23
N ALA A 42 0.88 4.73 47.65
CA ALA A 42 1.42 5.89 48.36
C ALA A 42 0.81 7.26 48.01
N GLY A 43 0.00 7.36 46.95
CA GLY A 43 -0.58 8.63 46.49
C GLY A 43 0.33 9.45 45.59
N THR A 44 1.65 9.28 45.71
CA THR A 44 2.66 9.71 44.75
C THR A 44 3.70 8.61 44.56
N VAL A 45 4.11 8.36 43.32
CA VAL A 45 5.21 7.47 42.97
C VAL A 45 6.31 8.28 42.29
N SER A 46 7.58 8.06 42.61
CA SER A 46 8.70 8.71 41.90
C SER A 46 9.32 7.77 40.87
N MET A 47 9.61 8.30 39.69
CA MET A 47 10.05 7.54 38.52
C MET A 47 11.42 8.03 38.07
N PRO A 48 12.47 7.21 37.98
CA PRO A 48 13.78 7.62 37.48
C PRO A 48 13.88 7.43 35.97
N VAL A 49 14.42 8.43 35.29
CA VAL A 49 14.49 8.55 33.83
C VAL A 49 15.96 8.75 33.46
N LEU A 50 16.50 7.95 32.55
CA LEU A 50 17.83 8.18 32.00
C LEU A 50 17.89 9.52 31.27
N ALA A 51 18.90 10.35 31.50
CA ALA A 51 18.95 11.71 31.00
C ALA A 51 20.17 12.03 30.12
N ALA A 52 21.27 11.27 30.20
CA ALA A 52 22.44 11.46 29.37
C ALA A 52 23.18 10.15 29.08
N LEU A 53 23.91 10.12 27.97
CA LEU A 53 24.67 8.96 27.51
C LEU A 53 26.17 9.19 27.69
N PRO A 54 26.97 8.14 27.95
CA PRO A 54 28.41 8.24 28.05
C PRO A 54 29.07 8.55 26.69
N THR A 55 30.29 9.06 26.71
CA THR A 55 31.11 9.34 25.53
C THR A 55 32.41 8.56 25.57
N ALA A 56 32.72 7.73 24.59
CA ALA A 56 34.00 7.04 24.46
C ALA A 56 34.95 7.74 23.47
N GLY A 57 36.18 7.29 23.37
CA GLY A 57 37.19 7.81 22.45
C GLY A 57 38.26 6.81 22.09
N TRP A 58 39.15 7.17 21.18
CA TRP A 58 40.23 6.32 20.67
C TRP A 58 41.54 6.57 21.42
N VAL A 59 42.32 5.52 21.71
CA VAL A 59 43.61 5.63 22.38
C VAL A 59 44.74 4.93 21.65
N THR A 60 45.94 5.48 21.72
CA THR A 60 47.18 4.90 21.21
C THR A 60 47.88 4.06 22.28
N ASP A 61 48.92 3.32 21.90
CA ASP A 61 49.59 2.34 22.76
C ASP A 61 51.11 2.26 22.51
N ASP A 62 51.69 3.30 21.95
CA ASP A 62 53.10 3.33 21.51
C ASP A 62 54.09 3.66 22.63
N THR A 63 53.70 4.51 23.58
CA THR A 63 54.61 5.27 24.45
C THR A 63 53.88 5.74 25.71
N SER A 64 54.55 5.72 26.86
CA SER A 64 53.98 6.11 28.15
C SER A 64 53.76 7.62 28.33
N GLY A 65 54.51 8.45 27.61
CA GLY A 65 54.43 9.91 27.68
C GLY A 65 53.40 10.58 26.77
N ALA A 66 52.72 9.85 25.88
CA ALA A 66 51.81 10.43 24.88
C ALA A 66 50.41 10.70 25.44
N ALA A 67 49.89 11.92 25.27
CA ALA A 67 48.52 12.28 25.70
C ALA A 67 47.44 11.46 24.98
N THR A 68 47.67 11.04 23.74
CA THR A 68 46.75 10.15 23.00
C THR A 68 46.68 8.73 23.56
N GLY A 69 47.54 8.36 24.51
CA GLY A 69 47.47 7.07 25.21
C GLY A 69 46.51 7.06 26.39
N THR A 70 46.16 8.23 26.93
CA THR A 70 45.29 8.38 28.10
C THR A 70 43.83 8.14 27.75
N LYS A 71 43.19 7.19 28.44
CA LYS A 71 41.77 6.86 28.25
C LYS A 71 40.88 8.02 28.73
N PRO A 72 39.84 8.45 27.99
CA PRO A 72 38.97 9.54 28.39
C PRO A 72 38.04 9.13 29.53
N THR A 73 37.60 10.10 30.32
CA THR A 73 36.47 9.93 31.26
C THR A 73 35.15 10.40 30.67
N SER A 74 34.03 9.88 31.14
CA SER A 74 32.70 10.45 30.88
C SER A 74 31.69 10.05 31.96
N LYS A 75 30.53 10.73 31.98
CA LYS A 75 29.44 10.46 32.91
C LYS A 75 28.15 10.01 32.23
N VAL A 76 27.35 9.28 32.99
CA VAL A 76 25.93 9.01 32.77
C VAL A 76 25.13 9.90 33.74
N SER A 77 23.90 10.27 33.42
CA SER A 77 23.05 10.99 34.37
C SER A 77 21.57 10.62 34.26
N TRP A 78 20.81 10.92 35.31
CA TRP A 78 19.39 10.62 35.44
C TRP A 78 18.62 11.81 36.02
N THR A 79 17.33 11.85 35.74
CA THR A 79 16.34 12.77 36.32
C THR A 79 15.17 11.99 36.87
N GLY A 80 14.41 12.58 37.78
CA GLY A 80 13.19 12.00 38.34
C GLY A 80 11.93 12.78 37.97
N LYS A 81 10.79 12.10 37.89
CA LYS A 81 9.47 12.73 37.79
C LYS A 81 8.40 11.98 38.59
N ASN A 82 7.26 12.62 38.85
CA ASN A 82 6.23 12.07 39.73
C ASN A 82 4.96 11.66 39.00
N LEU A 83 4.40 10.52 39.41
CA LEU A 83 3.04 10.08 39.10
C LEU A 83 2.18 10.33 40.35
N VAL A 84 1.14 11.17 40.24
CA VAL A 84 0.36 11.68 41.38
C VAL A 84 -1.12 11.31 41.27
N ALA A 85 -1.69 10.67 42.28
CA ALA A 85 -3.08 10.24 42.26
C ALA A 85 -4.06 11.39 42.53
N GLU A 86 -5.16 11.37 41.80
CA GLU A 86 -6.27 12.32 41.85
C GLU A 86 -7.58 11.54 41.78
N GLU A 87 -8.69 12.15 42.22
CA GLU A 87 -9.93 11.47 42.54
C GLU A 87 -11.10 11.94 41.68
N ILE A 88 -11.79 11.00 41.04
CA ILE A 88 -13.07 11.19 40.35
C ILE A 88 -14.17 10.64 41.27
N ALA A 89 -15.24 11.39 41.51
CA ALA A 89 -16.31 10.93 42.38
C ALA A 89 -17.69 11.43 41.97
N VAL A 90 -18.74 10.71 42.35
CA VAL A 90 -20.13 11.16 42.26
C VAL A 90 -21.01 10.47 43.31
N ILE A 91 -22.07 11.14 43.77
CA ILE A 91 -23.10 10.57 44.65
C ILE A 91 -24.44 10.55 43.90
N VAL A 92 -25.13 9.40 43.88
CA VAL A 92 -26.44 9.23 43.23
C VAL A 92 -27.50 8.88 44.28
N PRO A 93 -28.30 9.85 44.76
CA PRO A 93 -29.36 9.62 45.75
C PRO A 93 -30.71 9.24 45.14
N VAL A 94 -31.51 8.46 45.87
CA VAL A 94 -32.87 8.02 45.48
C VAL A 94 -33.72 7.70 46.71
N HIS A 95 -35.05 7.73 46.62
CA HIS A 95 -35.94 7.25 47.68
C HIS A 95 -35.99 5.73 47.75
N GLU A 96 -36.04 5.14 48.94
CA GLU A 96 -36.16 3.69 49.11
C GLU A 96 -37.46 3.12 48.53
N ASN A 97 -38.56 3.87 48.50
CA ASN A 97 -39.79 3.43 47.87
C ASN A 97 -39.65 3.34 46.34
N THR A 98 -38.86 4.21 45.72
CA THR A 98 -38.56 4.10 44.29
C THR A 98 -37.82 2.81 43.99
N ILE A 99 -36.86 2.41 44.83
CA ILE A 99 -36.18 1.12 44.65
C ILE A 99 -37.16 -0.04 44.85
N ALA A 100 -38.06 0.05 45.83
CA ALA A 100 -39.01 -1.02 46.11
C ALA A 100 -40.07 -1.19 45.00
N ASP A 101 -40.58 -0.09 44.47
CA ASP A 101 -41.68 -0.08 43.51
C ASP A 101 -41.28 -0.31 42.05
N SER A 102 -40.05 -0.06 41.64
CA SER A 102 -39.65 -0.24 40.23
C SER A 102 -39.56 -1.71 39.84
N ARG A 103 -40.04 -2.05 38.63
CA ARG A 103 -39.95 -3.40 38.05
C ARG A 103 -38.55 -3.77 37.53
N PHE A 104 -37.66 -2.78 37.43
CA PHE A 104 -36.25 -2.90 37.11
C PHE A 104 -35.38 -2.50 38.31
N ASP A 105 -34.22 -3.12 38.48
CA ASP A 105 -33.25 -2.77 39.53
C ASP A 105 -32.59 -1.41 39.24
N ILE A 106 -32.94 -0.37 40.00
CA ILE A 106 -32.40 0.97 39.84
C ILE A 106 -30.87 0.99 39.95
N TRP A 107 -30.27 0.34 40.95
CA TRP A 107 -28.82 0.36 41.07
C TRP A 107 -28.14 -0.42 39.95
N GLY A 108 -28.76 -1.50 39.49
CA GLY A 108 -28.34 -2.24 38.30
C GLY A 108 -28.35 -1.40 37.02
N GLU A 109 -29.17 -0.37 36.92
CA GLU A 109 -29.10 0.60 35.83
C GLU A 109 -28.07 1.71 36.09
N VAL A 110 -27.94 2.21 37.32
CA VAL A 110 -27.06 3.32 37.67
C VAL A 110 -25.58 2.95 37.57
N ARG A 111 -25.17 1.79 38.10
CA ARG A 111 -23.76 1.41 38.19
C ARG A 111 -23.04 1.41 36.82
N PRO A 112 -23.57 0.83 35.73
CA PRO A 112 -22.92 0.90 34.43
C PRO A 112 -22.78 2.33 33.90
N LEU A 113 -23.78 3.19 34.10
CA LEU A 113 -23.74 4.54 33.58
C LEU A 113 -22.70 5.40 34.31
N VAL A 114 -22.54 5.22 35.62
CA VAL A 114 -21.48 5.89 36.40
C VAL A 114 -20.10 5.38 35.99
N SER A 115 -19.96 4.08 35.79
CA SER A 115 -18.71 3.50 35.29
C SER A 115 -18.31 4.09 33.93
N GLN A 116 -19.23 4.22 32.98
CA GLN A 116 -18.98 4.92 31.72
C GLN A 116 -18.60 6.39 31.95
N GLU A 117 -19.31 7.12 32.80
CA GLU A 117 -19.02 8.52 33.06
C GLU A 117 -17.62 8.73 33.66
N PHE A 118 -17.16 7.84 34.53
CA PHE A 118 -15.81 7.90 35.07
C PHE A 118 -14.77 7.75 33.97
N GLY A 119 -15.00 6.81 33.06
CA GLY A 119 -14.16 6.62 31.89
C GLY A 119 -14.09 7.86 31.01
N ARG A 120 -15.21 8.52 30.76
CA ARG A 120 -15.27 9.77 30.01
C ARG A 120 -14.51 10.90 30.69
N VAL A 121 -14.68 11.10 32.00
CA VAL A 121 -14.00 12.16 32.74
C VAL A 121 -12.48 11.95 32.75
N LEU A 122 -12.02 10.71 32.87
CA LEU A 122 -10.61 10.38 32.75
C LEU A 122 -10.06 10.72 31.34
N ASP A 123 -10.68 10.16 30.30
CA ASP A 123 -10.26 10.38 28.92
C ASP A 123 -10.22 11.87 28.55
N GLU A 124 -11.23 12.66 28.91
CA GLU A 124 -11.23 14.09 28.65
C GLU A 124 -10.00 14.80 29.21
N ALA A 125 -9.47 14.35 30.36
CA ALA A 125 -8.32 14.97 30.99
C ALA A 125 -6.98 14.38 30.53
N VAL A 126 -6.94 13.11 30.15
CA VAL A 126 -5.73 12.45 29.67
C VAL A 126 -5.40 12.84 28.22
N PHE A 127 -6.39 12.83 27.33
CA PHE A 127 -6.19 13.14 25.92
C PHE A 127 -6.20 14.63 25.65
N PHE A 128 -7.10 15.39 26.27
CA PHE A 128 -7.25 16.84 26.08
C PHE A 128 -7.04 17.57 27.40
N GLY A 129 -6.98 18.89 27.43
CA GLY A 129 -6.75 19.62 28.68
C GLY A 129 -7.93 19.67 29.66
N VAL A 130 -9.06 19.05 29.34
CA VAL A 130 -10.37 19.40 29.88
C VAL A 130 -10.50 19.00 31.35
N ASN A 131 -10.55 20.01 32.23
CA ASN A 131 -10.57 19.85 33.68
C ASN A 131 -9.45 18.95 34.23
N LYS A 132 -8.28 18.91 33.57
CA LYS A 132 -7.11 18.17 34.05
C LYS A 132 -6.72 18.68 35.45
N PRO A 133 -6.48 17.81 36.45
CA PRO A 133 -5.96 18.23 37.74
C PRO A 133 -4.65 19.01 37.62
N ALA A 134 -4.52 20.15 38.28
CA ALA A 134 -3.31 20.98 38.19
C ALA A 134 -2.05 20.30 38.74
N THR A 135 -2.23 19.30 39.60
CA THR A 135 -1.17 18.46 40.18
C THR A 135 -0.59 17.44 39.20
N TRP A 136 -1.26 17.14 38.09
CA TRP A 136 -0.65 16.41 36.97
C TRP A 136 0.20 17.39 36.18
N LEU A 137 1.51 17.33 36.35
CA LEU A 137 2.44 18.32 35.78
C LEU A 137 2.67 18.13 34.28
N ASP A 138 2.53 16.92 33.76
CA ASP A 138 2.59 16.67 32.33
C ASP A 138 1.40 17.32 31.59
N PRO A 139 1.59 17.83 30.37
CA PRO A 139 0.46 18.17 29.53
C PRO A 139 -0.36 16.93 29.19
N ALA A 140 -1.64 17.10 28.89
CA ALA A 140 -2.44 16.06 28.25
C ALA A 140 -1.89 15.74 26.84
N LEU A 141 -2.19 14.57 26.30
CA LEU A 141 -1.49 14.08 25.11
C LEU A 141 -1.62 14.98 23.88
N VAL A 142 -2.83 15.48 23.55
CA VAL A 142 -3.03 16.39 22.42
C VAL A 142 -2.30 17.72 22.61
N PRO A 143 -2.53 18.51 23.68
CA PRO A 143 -1.80 19.77 23.85
C PRO A 143 -0.29 19.56 24.03
N GLY A 144 0.14 18.42 24.57
CA GLY A 144 1.54 18.02 24.62
C GLY A 144 2.14 17.85 23.23
N ALA A 145 1.51 17.10 22.34
CA ALA A 145 1.98 16.93 20.97
C ALA A 145 2.02 18.25 20.21
N ILE A 146 1.08 19.15 20.44
CA ILE A 146 1.07 20.49 19.82
C ILE A 146 2.24 21.33 20.33
N ALA A 147 2.47 21.37 21.64
CA ALA A 147 3.58 22.08 22.26
C ALA A 147 4.95 21.54 21.83
N ALA A 148 5.06 20.24 21.61
CA ALA A 148 6.26 19.58 21.11
C ALA A 148 6.55 19.82 19.62
N GLY A 149 5.63 20.45 18.89
CA GLY A 149 5.73 20.63 17.45
C GLY A 149 5.38 19.39 16.62
N ASN A 150 4.94 18.30 17.24
CA ASN A 150 4.54 17.07 16.56
C ASN A 150 3.10 17.18 16.06
N THR A 151 2.83 18.15 15.19
CA THR A 151 1.49 18.40 14.72
C THR A 151 1.45 18.89 13.28
N ILE A 152 0.36 18.59 12.62
CA ILE A 152 0.05 18.93 11.24
C ILE A 152 -1.43 19.31 11.17
N ALA A 153 -1.80 20.35 10.44
CA ALA A 153 -3.20 20.63 10.17
C ALA A 153 -3.74 19.69 9.08
N ASP A 154 -4.94 19.16 9.27
CA ASP A 154 -5.71 18.44 8.27
C ASP A 154 -5.84 19.29 6.98
N GLY A 155 -5.53 18.71 5.82
CA GLY A 155 -5.52 19.41 4.54
C GLY A 155 -4.22 20.16 4.25
N THR A 156 -3.13 19.92 4.97
CA THR A 156 -1.81 20.43 4.59
C THR A 156 -1.20 19.63 3.44
N GLY A 157 -1.24 18.30 3.51
CA GLY A 157 -0.78 17.39 2.49
C GLY A 157 -1.73 17.25 1.31
N ILE A 158 -1.42 16.34 0.39
CA ILE A 158 -2.27 16.08 -0.78
C ILE A 158 -3.62 15.46 -0.39
N ASP A 159 -3.69 14.72 0.72
CA ASP A 159 -4.90 14.13 1.30
C ASP A 159 -4.67 13.72 2.76
N LEU A 160 -5.71 13.26 3.47
CA LEU A 160 -5.60 12.89 4.88
C LEU A 160 -4.62 11.73 5.12
N ALA A 161 -4.47 10.79 4.19
CA ALA A 161 -3.50 9.72 4.37
C ALA A 161 -2.06 10.25 4.27
N ASP A 162 -1.81 11.31 3.52
CA ASP A 162 -0.54 12.04 3.54
C ASP A 162 -0.32 12.75 4.89
N ASP A 163 -1.35 13.40 5.43
CA ASP A 163 -1.27 14.00 6.77
C ASP A 163 -1.02 12.94 7.87
N ILE A 164 -1.67 11.77 7.79
CA ILE A 164 -1.40 10.65 8.69
C ILE A 164 0.03 10.12 8.51
N ASN A 165 0.56 10.05 7.30
CA ASN A 165 1.95 9.68 7.08
C ASN A 165 2.90 10.66 7.76
N GLU A 166 2.65 11.96 7.67
CA GLU A 166 3.46 12.97 8.35
C GLU A 166 3.35 12.85 9.87
N ALA A 167 2.15 12.63 10.40
CA ALA A 167 1.95 12.43 11.82
C ALA A 167 2.76 11.24 12.34
N PHE A 168 2.69 10.08 11.68
CA PHE A 168 3.50 8.93 12.06
C PHE A 168 5.00 9.25 11.96
N GLY A 169 5.38 10.02 10.94
CA GLY A 169 6.74 10.49 10.72
C GLY A 169 7.28 11.31 11.88
N PHE A 170 6.53 12.21 12.50
CA PHE A 170 7.04 12.98 13.63
C PHE A 170 7.40 12.08 14.82
N VAL A 171 6.59 11.07 15.11
CA VAL A 171 6.87 10.10 16.18
C VAL A 171 8.14 9.32 15.88
N GLU A 172 8.26 8.81 14.65
CA GLU A 172 9.43 8.06 14.20
C GLU A 172 10.70 8.89 14.27
N ASP A 173 10.66 10.13 13.80
CA ASP A 173 11.80 11.04 13.83
C ASP A 173 12.20 11.47 15.26
N ASP A 174 11.32 11.30 16.24
CA ASP A 174 11.61 11.46 17.67
C ASP A 174 12.13 10.17 18.33
N GLU A 175 12.50 9.16 17.55
CA GLU A 175 12.98 7.84 18.01
C GLU A 175 11.94 6.98 18.74
N PHE A 176 10.65 7.28 18.63
CA PHE A 176 9.57 6.43 19.14
C PHE A 176 8.91 5.62 18.02
N ASP A 177 8.16 4.58 18.38
CA ASP A 177 7.45 3.71 17.44
C ASP A 177 5.94 3.97 17.49
N VAL A 178 5.28 4.20 16.35
CA VAL A 178 3.81 4.23 16.32
C VAL A 178 3.28 2.82 16.56
N ASN A 179 2.48 2.63 17.59
CA ASN A 179 1.79 1.37 17.90
C ASN A 179 0.37 1.58 18.42
N VAL A 180 -0.10 2.83 18.54
CA VAL A 180 -1.48 3.17 18.89
C VAL A 180 -1.91 4.39 18.10
N ALA A 181 -3.17 4.44 17.69
CA ALA A 181 -3.79 5.63 17.12
C ALA A 181 -5.23 5.78 17.61
N PHE A 182 -5.67 6.99 17.89
CA PHE A 182 -6.97 7.33 18.46
C PHE A 182 -7.70 8.35 17.61
N THR A 183 -9.02 8.22 17.52
CA THR A 183 -9.89 9.15 16.79
C THR A 183 -11.35 8.98 17.20
N GLY A 184 -12.22 9.93 16.81
CA GLY A 184 -13.68 9.85 17.08
C GLY A 184 -14.39 9.10 15.95
N ARG A 185 -15.72 8.97 16.02
CA ARG A 185 -16.54 8.21 15.02
C ARG A 185 -16.44 8.85 13.62
N PHE A 186 -16.32 10.17 13.52
CA PHE A 186 -16.23 10.93 12.24
C PHE A 186 -15.17 10.40 11.27
N LEU A 187 -14.04 9.81 11.70
CA LEU A 187 -13.00 9.44 10.77
C LEU A 187 -13.41 8.30 9.83
N ARG A 188 -14.39 7.46 10.17
CA ARG A 188 -14.84 6.38 9.29
C ARG A 188 -15.27 6.91 7.93
N ARG A 189 -16.03 8.02 7.88
CA ARG A 189 -16.39 8.67 6.61
C ARG A 189 -15.20 9.35 5.92
N ARG A 190 -14.24 9.90 6.65
CA ARG A 190 -13.03 10.48 6.07
C ARG A 190 -12.18 9.43 5.39
N LEU A 191 -12.04 8.25 5.99
CA LEU A 191 -11.37 7.10 5.38
C LEU A 191 -12.13 6.57 4.18
N ARG A 192 -13.44 6.31 4.27
CA ARG A 192 -14.25 5.93 3.09
C ARG A 192 -14.18 6.96 1.96
N GLY A 193 -14.09 8.25 2.29
CA GLY A 193 -14.01 9.35 1.36
C GLY A 193 -12.62 9.64 0.76
N LEU A 194 -11.57 8.89 1.10
CA LEU A 194 -10.24 9.07 0.53
C LEU A 194 -10.20 8.63 -0.94
N ARG A 195 -10.09 9.60 -1.83
CA ARG A 195 -9.97 9.43 -3.28
C ARG A 195 -8.60 9.88 -3.75
N ASP A 196 -8.12 9.35 -4.88
CA ASP A 196 -7.01 9.90 -5.64
C ASP A 196 -7.37 11.25 -6.30
N ALA A 197 -6.44 11.84 -7.04
CA ALA A 197 -6.63 13.13 -7.71
C ALA A 197 -7.73 13.12 -8.78
N ASP A 198 -8.16 11.94 -9.23
CA ASP A 198 -9.22 11.73 -10.22
C ASP A 198 -10.50 11.20 -9.58
N ASN A 199 -10.64 11.28 -8.26
CA ASN A 199 -11.81 10.84 -7.53
C ASN A 199 -12.04 9.32 -7.46
N ALA A 200 -11.10 8.48 -7.83
CA ALA A 200 -11.22 7.05 -7.58
C ALA A 200 -10.80 6.71 -6.13
N PRO A 201 -11.47 5.81 -5.40
CA PRO A 201 -11.09 5.43 -4.03
C PRO A 201 -9.68 4.82 -3.91
N ILE A 202 -8.91 5.21 -2.90
CA ILE A 202 -7.59 4.63 -2.60
C ILE A 202 -7.49 3.91 -1.26
N TYR A 203 -8.37 4.23 -0.31
CA TYR A 203 -8.47 3.50 0.94
C TYR A 203 -9.34 2.25 0.78
N LEU A 204 -10.54 2.39 0.24
CA LEU A 204 -11.43 1.26 -0.08
C LEU A 204 -11.06 0.58 -1.41
N ASP A 205 -11.39 -0.70 -1.54
CA ASP A 205 -11.38 -1.42 -2.81
C ASP A 205 -12.61 -1.09 -3.67
N GLY A 206 -12.81 0.18 -4.01
CA GLY A 206 -14.00 0.66 -4.73
C GLY A 206 -15.23 0.82 -3.82
N VAL A 207 -16.23 1.59 -4.25
CA VAL A 207 -17.31 2.04 -3.34
C VAL A 207 -18.43 1.01 -3.12
N ARG A 208 -18.55 -0.05 -3.91
CA ARG A 208 -19.69 -0.96 -3.85
C ARG A 208 -19.70 -1.81 -2.59
N SER A 209 -18.67 -2.61 -2.37
CA SER A 209 -18.75 -3.77 -1.50
C SER A 209 -17.95 -3.67 -0.20
N ASP A 210 -17.10 -2.66 -0.08
CA ASP A 210 -16.11 -2.53 0.98
C ASP A 210 -16.49 -1.44 2.00
N ASN A 211 -16.37 -1.73 3.29
CA ASN A 211 -16.43 -0.72 4.35
C ASN A 211 -15.44 -0.97 5.51
N ARG A 212 -14.39 -1.78 5.31
CA ARG A 212 -13.36 -2.00 6.35
C ARG A 212 -12.65 -0.68 6.66
N THR A 213 -12.88 -0.11 7.84
CA THR A 213 -12.30 1.16 8.34
C THR A 213 -11.50 1.00 9.64
N ALA A 214 -11.07 -0.21 9.94
CA ALA A 214 -10.42 -0.55 11.20
C ALA A 214 -8.96 -0.06 11.35
N GLU A 215 -8.27 0.29 10.28
CA GLU A 215 -6.81 0.52 10.28
C GLU A 215 -6.38 1.55 9.24
N ILE A 216 -5.22 2.19 9.42
CA ILE A 216 -4.55 3.01 8.41
C ILE A 216 -3.05 2.71 8.44
N TYR A 217 -2.40 2.54 7.30
CA TYR A 217 -1.03 2.03 7.20
C TYR A 217 -0.79 0.79 8.06
N GLY A 218 -1.75 -0.13 8.12
CA GLY A 218 -1.68 -1.30 8.98
C GLY A 218 -1.75 -1.06 10.49
N GLN A 219 -1.87 0.19 10.95
CA GLN A 219 -2.09 0.54 12.34
C GLN A 219 -3.58 0.51 12.64
N ASP A 220 -4.01 -0.37 13.55
CA ASP A 220 -5.38 -0.36 14.04
C ASP A 220 -5.73 0.97 14.71
N LEU A 221 -6.96 1.41 14.52
CA LEU A 221 -7.50 2.64 15.11
C LEU A 221 -8.34 2.32 16.34
N MET A 222 -8.07 2.99 17.46
CA MET A 222 -8.98 3.02 18.59
C MET A 222 -10.00 4.14 18.42
N TYR A 223 -11.21 3.79 18.07
CA TYR A 223 -12.33 4.72 17.97
C TYR A 223 -12.88 5.02 19.37
N VAL A 224 -12.78 6.26 19.81
CA VAL A 224 -13.19 6.68 21.16
C VAL A 224 -14.69 6.94 21.19
N GLY A 225 -15.46 6.00 21.72
CA GLY A 225 -16.92 6.00 21.63
C GLY A 225 -17.65 6.78 22.73
N ASN A 226 -17.03 6.98 23.90
CA ASN A 226 -17.68 7.46 25.12
C ASN A 226 -17.93 8.98 25.21
N ARG A 227 -17.96 9.70 24.07
CA ARG A 227 -18.13 11.17 23.97
C ARG A 227 -16.97 12.03 24.47
N SER A 228 -15.82 11.45 24.82
CA SER A 228 -14.63 12.22 25.23
C SER A 228 -13.92 12.96 24.12
N TRP A 229 -13.96 12.45 22.89
CA TRP A 229 -13.13 12.96 21.81
C TRP A 229 -13.57 14.35 21.39
N ASP A 230 -12.66 15.33 21.41
CA ASP A 230 -12.92 16.68 20.93
C ASP A 230 -12.41 16.86 19.50
N ARG A 231 -13.32 16.65 18.54
CA ARG A 231 -13.02 16.80 17.12
C ARG A 231 -12.62 18.22 16.68
N ASP A 232 -12.91 19.23 17.49
CA ASP A 232 -12.47 20.60 17.23
C ASP A 232 -11.02 20.84 17.70
N GLU A 233 -10.44 19.92 18.46
CA GLU A 233 -9.05 19.95 18.88
C GLU A 233 -8.19 18.97 18.06
N ALA A 234 -8.66 17.75 17.86
CA ALA A 234 -7.90 16.71 17.19
C ALA A 234 -8.73 15.92 16.19
N VAL A 235 -8.20 15.69 14.99
CA VAL A 235 -8.70 14.71 14.03
C VAL A 235 -8.21 13.31 14.40
N LEU A 236 -6.93 13.18 14.73
CA LEU A 236 -6.30 11.91 15.07
C LEU A 236 -5.07 12.15 15.93
N LEU A 237 -4.83 11.28 16.91
CA LEU A 237 -3.63 11.25 17.74
C LEU A 237 -2.95 9.89 17.56
N ALA A 238 -1.66 9.85 17.27
CA ALA A 238 -0.92 8.60 17.07
C ALA A 238 0.38 8.63 17.85
N GLY A 239 0.87 7.50 18.31
CA GLY A 239 2.11 7.46 19.08
C GLY A 239 2.45 6.10 19.65
N ASP A 240 3.23 6.11 20.73
CA ASP A 240 3.73 4.92 21.40
C ASP A 240 3.05 4.71 22.76
N ARG A 241 2.18 3.70 22.86
CA ARG A 241 1.42 3.40 24.08
C ARG A 241 2.29 3.02 25.27
N SER A 242 3.52 2.57 25.03
CA SER A 242 4.44 2.19 26.10
C SER A 242 4.93 3.40 26.90
N LYS A 243 4.79 4.61 26.37
CA LYS A 243 5.31 5.86 26.93
C LYS A 243 4.30 6.69 27.72
N VAL A 244 3.16 6.11 28.08
CA VAL A 244 2.20 6.66 29.05
C VAL A 244 2.08 5.68 30.19
N LEU A 245 2.04 6.17 31.42
CA LEU A 245 1.84 5.38 32.61
C LEU A 245 0.63 5.90 33.38
N LEU A 246 -0.32 5.02 33.66
CA LEU A 246 -1.43 5.31 34.54
C LEU A 246 -1.21 4.64 35.90
N GLY A 247 -1.46 5.35 36.99
CA GLY A 247 -1.44 4.77 38.32
C GLY A 247 -2.86 4.49 38.77
N ILE A 248 -3.18 3.26 39.14
CA ILE A 248 -4.42 2.97 39.86
C ILE A 248 -4.09 2.99 41.34
N ARG A 249 -4.57 4.01 42.05
CA ARG A 249 -4.40 4.15 43.50
C ARG A 249 -5.51 3.45 44.26
N GLU A 250 -6.72 3.54 43.74
CA GLU A 250 -7.88 2.83 44.27
C GLU A 250 -8.86 2.59 43.13
N ASP A 251 -9.16 1.33 42.86
CA ASP A 251 -10.23 0.92 41.95
C ASP A 251 -11.57 1.51 42.38
N VAL A 252 -12.56 1.52 41.49
CA VAL A 252 -13.89 2.07 41.80
C VAL A 252 -14.45 1.43 43.08
N GLN A 253 -14.68 2.26 44.09
CA GLN A 253 -15.32 1.91 45.34
C GLN A 253 -16.73 2.45 45.35
N VAL A 254 -17.68 1.67 45.83
CA VAL A 254 -19.10 2.01 45.87
C VAL A 254 -19.63 1.80 47.27
N LYS A 255 -20.05 2.87 47.94
CA LYS A 255 -20.64 2.79 49.30
C LYS A 255 -22.11 3.16 49.27
N LEU A 256 -22.96 2.29 49.82
CA LEU A 256 -24.37 2.57 50.06
C LEU A 256 -24.52 3.46 51.30
N LEU A 257 -24.79 4.73 51.10
CA LEU A 257 -25.10 5.68 52.14
C LEU A 257 -26.56 5.55 52.56
N THR A 258 -26.80 5.45 53.86
CA THR A 258 -28.13 5.30 54.45
C THR A 258 -28.44 6.40 55.47
N GLU A 259 -27.43 7.08 56.04
CA GLU A 259 -27.60 8.07 57.12
C GLU A 259 -26.97 9.44 56.89
N ALA A 260 -26.11 9.59 55.88
CA ALA A 260 -25.39 10.84 55.63
C ALA A 260 -26.31 12.02 55.29
N THR A 261 -25.90 13.25 55.56
CA THR A 261 -26.50 14.45 54.96
C THR A 261 -25.79 14.77 53.65
N ILE A 262 -26.51 14.75 52.54
CA ILE A 262 -25.98 14.96 51.19
C ILE A 262 -26.64 16.18 50.57
N GLY A 263 -25.92 17.26 50.33
CA GLY A 263 -26.48 18.46 49.71
C GLY A 263 -27.67 19.08 50.45
N GLY A 264 -27.75 18.90 51.78
CA GLY A 264 -28.89 19.30 52.60
C GLY A 264 -30.02 18.27 52.71
N ILE A 265 -29.93 17.12 52.05
CA ILE A 265 -30.85 15.99 52.19
C ILE A 265 -30.38 15.12 53.35
N ASN A 266 -31.15 14.98 54.42
CA ASN A 266 -30.84 14.04 55.50
C ASN A 266 -31.34 12.64 55.14
N LEU A 267 -30.50 11.76 54.60
CA LEU A 267 -30.98 10.52 53.98
C LEU A 267 -31.87 9.66 54.88
N ALA A 268 -31.49 9.44 56.14
CA ALA A 268 -32.22 8.53 57.02
C ALA A 268 -33.64 8.99 57.33
N GLU A 269 -33.83 10.24 57.75
CA GLU A 269 -35.15 10.76 58.10
C GLU A 269 -36.04 11.05 56.89
N LYS A 270 -35.45 11.20 55.69
CA LYS A 270 -36.19 11.26 54.43
C LYS A 270 -36.45 9.87 53.85
N ASP A 271 -35.98 8.79 54.46
CA ASP A 271 -36.03 7.42 53.92
C ASP A 271 -35.45 7.29 52.50
N MET A 272 -34.44 8.10 52.20
CA MET A 272 -33.63 8.01 50.99
C MET A 272 -32.37 7.20 51.24
N VAL A 273 -31.72 6.76 50.17
CA VAL A 273 -30.39 6.14 50.15
C VAL A 273 -29.59 6.72 49.01
N ALA A 274 -28.27 6.54 49.01
CA ALA A 274 -27.42 7.02 47.92
C ALA A 274 -26.27 6.07 47.67
N LEU A 275 -25.76 5.99 46.45
CA LEU A 275 -24.48 5.35 46.16
C LEU A 275 -23.44 6.44 46.00
N ARG A 276 -22.34 6.34 46.76
CA ARG A 276 -21.13 7.13 46.60
C ARG A 276 -20.13 6.32 45.82
N PHE A 277 -19.74 6.82 44.65
CA PHE A 277 -18.73 6.22 43.78
C PHE A 277 -17.44 7.03 43.87
N LYS A 278 -16.30 6.38 44.10
CA LYS A 278 -14.97 7.00 44.12
C LYS A 278 -14.01 6.22 43.26
N PHE A 279 -13.06 6.88 42.64
CA PHE A 279 -11.98 6.27 41.86
C PHE A 279 -10.72 7.13 41.98
N ARG A 280 -9.58 6.58 42.39
CA ARG A 280 -8.31 7.33 42.47
C ARG A 280 -7.32 6.83 41.44
N VAL A 281 -6.83 7.75 40.63
CA VAL A 281 -6.06 7.48 39.41
C VAL A 281 -5.00 8.55 39.16
N ALA A 282 -3.91 8.20 38.48
CA ALA A 282 -2.83 9.09 38.13
C ALA A 282 -2.45 8.95 36.65
N TYR A 283 -1.92 10.00 36.04
CA TYR A 283 -1.41 10.01 34.67
C TYR A 283 -0.04 10.67 34.62
N SER A 284 0.89 10.07 33.88
CA SER A 284 2.12 10.72 33.47
C SER A 284 2.63 10.18 32.14
N THR A 285 3.35 11.00 31.39
CA THR A 285 4.18 10.53 30.28
C THR A 285 5.49 9.96 30.80
N ALA A 286 5.83 8.76 30.35
CA ALA A 286 6.95 7.96 30.84
C ALA A 286 7.95 7.65 29.72
N PHE A 287 8.77 8.63 29.34
CA PHE A 287 9.78 8.48 28.29
C PHE A 287 11.09 9.23 28.60
N SER A 288 12.18 8.74 28.01
CA SER A 288 13.52 9.35 28.07
C SER A 288 13.90 9.92 26.72
N THR A 289 14.47 11.11 26.70
CA THR A 289 15.06 11.73 25.50
C THR A 289 16.59 11.61 25.48
N ALA A 290 17.18 10.65 26.20
CA ALA A 290 18.64 10.54 26.31
C ALA A 290 19.28 10.34 24.93
N GLY A 291 20.24 11.19 24.57
CA GLY A 291 20.87 11.25 23.25
C GLY A 291 20.03 11.91 22.15
N GLY A 292 18.73 12.10 22.38
CA GLY A 292 17.81 12.82 21.52
C GLY A 292 17.83 14.32 21.79
N GLU A 293 16.67 14.96 21.66
CA GLU A 293 16.45 16.37 21.97
C GLU A 293 15.33 16.48 23.00
N VAL A 294 15.38 17.46 23.89
CA VAL A 294 14.37 17.64 24.95
C VAL A 294 12.95 17.83 24.43
N THR A 295 12.79 18.28 23.19
CA THR A 295 11.49 18.42 22.51
C THR A 295 10.97 17.13 21.89
N ASP A 296 11.70 16.02 21.88
CA ASP A 296 11.19 14.75 21.37
C ASP A 296 9.95 14.31 22.16
N TYR A 297 8.92 13.82 21.47
CA TYR A 297 7.66 13.48 22.11
C TYR A 297 7.06 12.20 21.51
N PRO A 298 6.51 11.26 22.29
CA PRO A 298 6.05 9.97 21.77
C PRO A 298 4.75 9.99 20.96
N PHE A 299 4.12 11.15 20.78
CA PHE A 299 2.85 11.31 20.09
C PHE A 299 2.89 12.44 19.08
N ALA A 300 2.03 12.34 18.07
CA ALA A 300 1.72 13.37 17.10
C ALA A 300 0.22 13.52 16.94
N VAL A 301 -0.23 14.71 16.56
CA VAL A 301 -1.65 15.01 16.40
C VAL A 301 -1.94 15.77 15.13
N ILE A 302 -2.98 15.34 14.43
CA ILE A 302 -3.56 16.06 13.31
C ILE A 302 -4.61 17.02 13.88
N THR A 303 -4.43 18.33 13.74
CA THR A 303 -5.45 19.31 14.13
C THR A 303 -6.45 19.53 13.00
N PRO A 304 -7.70 19.92 13.27
CA PRO A 304 -8.69 20.11 12.21
C PRO A 304 -8.33 21.26 11.26
N ASP A 305 -8.88 21.23 10.05
CA ASP A 305 -8.58 22.17 8.96
C ASP A 305 -9.01 23.60 9.27
N ALA B 2 -70.72 -4.39 -56.58
CA ALA B 2 -71.13 -4.83 -55.23
C ALA B 2 -70.37 -6.08 -54.83
N ASP B 3 -69.95 -6.16 -53.58
CA ASP B 3 -69.17 -7.25 -52.98
C ASP B 3 -69.62 -7.43 -51.54
N ILE B 4 -69.37 -8.59 -50.95
CA ILE B 4 -69.47 -8.75 -49.50
C ILE B 4 -68.26 -8.09 -48.86
N SER B 5 -68.38 -6.83 -48.43
CA SER B 5 -67.32 -6.16 -47.69
C SER B 5 -67.12 -6.81 -46.33
N ARG B 6 -65.99 -6.57 -45.66
CA ARG B 6 -65.81 -7.09 -44.29
C ARG B 6 -66.88 -6.54 -43.35
N ALA B 7 -67.29 -5.29 -43.55
CA ALA B 7 -68.37 -4.64 -42.83
C ALA B 7 -69.74 -5.32 -43.01
N ASP B 8 -70.05 -5.86 -44.19
CA ASP B 8 -71.28 -6.66 -44.43
C ASP B 8 -71.25 -8.01 -43.71
N ALA B 9 -70.08 -8.63 -43.61
CA ALA B 9 -69.88 -9.89 -42.92
C ALA B 9 -69.71 -9.77 -41.39
N LEU B 10 -69.64 -8.55 -40.83
CA LEU B 10 -69.20 -8.29 -39.46
C LEU B 10 -69.91 -9.11 -38.38
N ALA B 11 -71.22 -9.26 -38.45
CA ALA B 11 -71.99 -10.05 -37.50
C ALA B 11 -71.63 -11.55 -37.49
N LEU B 12 -70.95 -12.07 -38.50
CA LEU B 12 -70.56 -13.47 -38.62
C LEU B 12 -69.14 -13.76 -38.14
N LEU B 13 -68.29 -12.73 -37.96
CA LEU B 13 -66.88 -12.92 -37.62
C LEU B 13 -66.70 -13.53 -36.24
N ALA B 14 -65.78 -14.48 -36.12
CA ALA B 14 -65.39 -15.07 -34.86
C ALA B 14 -64.75 -14.06 -33.90
N THR B 15 -64.67 -14.42 -32.62
CA THR B 15 -64.06 -13.63 -31.55
C THR B 15 -63.13 -14.52 -30.73
N GLN B 16 -62.15 -13.92 -30.06
CA GLN B 16 -61.21 -14.62 -29.21
C GLN B 16 -60.82 -13.73 -28.04
N GLU B 17 -60.54 -14.34 -26.91
CA GLU B 17 -60.30 -13.70 -25.63
C GLU B 17 -59.04 -14.27 -25.01
N LEU B 18 -58.25 -13.44 -24.34
CA LEU B 18 -57.20 -13.96 -23.48
C LEU B 18 -57.78 -14.63 -22.24
N ASP B 19 -57.11 -15.68 -21.82
CA ASP B 19 -57.41 -16.51 -20.65
C ASP B 19 -56.96 -15.92 -19.31
N SER B 20 -56.44 -14.70 -19.31
CA SER B 20 -55.70 -14.08 -18.21
C SER B 20 -55.74 -12.56 -18.32
N ILE B 21 -55.45 -11.87 -17.23
CA ILE B 21 -55.49 -10.41 -17.13
C ILE B 21 -54.07 -9.85 -17.12
N ILE B 22 -53.82 -8.79 -17.87
CA ILE B 22 -52.56 -8.05 -17.86
C ILE B 22 -52.53 -7.18 -16.60
N LYS B 23 -51.60 -7.47 -15.68
CA LYS B 23 -51.46 -6.89 -14.33
C LYS B 23 -50.01 -6.49 -14.04
N PRO B 24 -49.76 -5.42 -13.26
CA PRO B 24 -48.44 -5.13 -12.73
C PRO B 24 -48.04 -6.17 -11.66
N GLU B 25 -46.78 -6.18 -11.25
CA GLU B 25 -46.32 -7.07 -10.18
C GLU B 25 -46.78 -6.59 -8.80
N THR B 26 -47.17 -7.53 -7.93
CA THR B 26 -47.58 -7.22 -6.55
C THR B 26 -46.39 -7.13 -5.60
N SER B 27 -46.57 -6.45 -4.46
CA SER B 27 -45.53 -6.23 -3.46
C SER B 27 -46.10 -6.09 -2.05
N GLY B 28 -45.33 -6.48 -1.04
CA GLY B 28 -45.64 -6.25 0.38
C GLY B 28 -45.12 -4.90 0.88
N SER B 29 -45.41 -4.56 2.14
CA SER B 29 -44.81 -3.38 2.77
C SER B 29 -43.30 -3.55 2.92
N ALA B 30 -42.52 -2.54 2.55
CA ALA B 30 -41.14 -2.44 2.99
C ALA B 30 -41.02 -2.45 4.52
N ALA B 31 -41.97 -1.86 5.24
CA ALA B 31 -41.95 -1.72 6.69
C ALA B 31 -41.91 -3.08 7.42
N LEU B 32 -42.88 -3.97 7.20
CA LEU B 32 -42.91 -5.27 7.87
C LEU B 32 -41.76 -6.19 7.44
N ALA B 33 -41.19 -5.97 6.26
CA ALA B 33 -40.01 -6.69 5.79
C ALA B 33 -38.73 -6.23 6.52
N ALA B 34 -38.57 -4.93 6.72
CA ALA B 34 -37.34 -4.36 7.25
C ALA B 34 -37.22 -4.41 8.76
N PHE B 35 -38.28 -4.07 9.49
CA PHE B 35 -38.22 -3.78 10.92
C PHE B 35 -38.76 -4.94 11.77
N ARG B 36 -38.14 -5.21 12.93
CA ARG B 36 -38.64 -6.23 13.87
C ARG B 36 -40.03 -5.86 14.38
N SER B 37 -40.82 -6.87 14.72
CA SER B 37 -42.15 -6.64 15.29
C SER B 37 -42.48 -7.55 16.46
N ILE B 38 -43.32 -7.04 17.36
CA ILE B 38 -43.81 -7.76 18.53
C ILE B 38 -45.30 -7.99 18.45
N ARG B 39 -45.75 -9.14 18.97
CA ARG B 39 -47.18 -9.41 19.17
C ARG B 39 -47.70 -8.54 20.30
N MET B 40 -48.60 -7.62 19.98
CA MET B 40 -49.30 -6.85 21.00
C MET B 40 -50.50 -7.67 21.48
N SER B 41 -50.68 -7.79 22.79
CA SER B 41 -51.87 -8.42 23.38
C SER B 41 -52.88 -7.42 23.93
N ALA B 42 -52.55 -6.13 24.04
CA ALA B 42 -53.34 -5.21 24.86
C ALA B 42 -53.98 -4.01 24.16
N GLY B 43 -53.49 -3.59 22.99
CA GLY B 43 -53.90 -2.33 22.35
C GLY B 43 -52.95 -1.15 22.57
N THR B 44 -52.09 -1.22 23.57
CA THR B 44 -50.91 -0.37 23.78
C THR B 44 -49.82 -1.17 24.49
N VAL B 45 -48.54 -0.93 24.17
CA VAL B 45 -47.40 -1.36 24.97
C VAL B 45 -46.71 -0.11 25.49
N SER B 46 -46.45 0.00 26.78
CA SER B 46 -45.60 1.07 27.32
C SER B 46 -44.12 0.66 27.31
N MET B 47 -43.26 1.62 27.04
CA MET B 47 -41.84 1.41 26.75
C MET B 47 -41.00 2.39 27.58
N PRO B 48 -40.11 1.92 28.47
CA PRO B 48 -39.24 2.79 29.24
C PRO B 48 -37.93 3.07 28.49
N VAL B 49 -37.52 4.32 28.50
CA VAL B 49 -36.40 4.86 27.73
C VAL B 49 -35.46 5.60 28.67
N LEU B 50 -34.16 5.35 28.62
CA LEU B 50 -33.18 6.13 29.39
C LEU B 50 -33.13 7.56 28.87
N ALA B 51 -33.23 8.56 29.74
CA ALA B 51 -33.41 9.95 29.33
C ALA B 51 -32.26 10.89 29.73
N ALA B 52 -31.47 10.57 30.75
CA ALA B 52 -30.31 11.35 31.15
C ALA B 52 -29.19 10.47 31.71
N LEU B 53 -27.94 10.90 31.56
CA LEU B 53 -26.75 10.26 32.12
C LEU B 53 -26.29 10.97 33.40
N PRO B 54 -25.74 10.25 34.38
CA PRO B 54 -25.12 10.87 35.55
C PRO B 54 -23.89 11.66 35.12
N THR B 55 -23.43 12.62 35.92
CA THR B 55 -22.15 13.28 35.66
C THR B 55 -21.27 13.40 36.88
N ALA B 56 -19.99 13.08 36.72
CA ALA B 56 -18.99 13.04 37.77
C ALA B 56 -18.03 14.22 37.69
N GLY B 57 -17.16 14.38 38.69
CA GLY B 57 -16.17 15.45 38.68
C GLY B 57 -14.90 15.10 39.45
N TRP B 58 -13.81 15.80 39.16
CA TRP B 58 -12.59 15.73 39.95
C TRP B 58 -12.79 16.38 41.31
N VAL B 59 -12.35 15.72 42.37
CA VAL B 59 -12.44 16.24 43.75
C VAL B 59 -11.07 16.25 44.45
N THR B 60 -10.84 17.26 45.27
CA THR B 60 -9.63 17.44 46.05
C THR B 60 -9.74 16.77 47.43
N ASP B 61 -8.63 16.61 48.13
CA ASP B 61 -8.55 15.97 49.45
C ASP B 61 -7.70 16.74 50.46
N ASP B 62 -7.41 18.02 50.19
CA ASP B 62 -6.42 18.81 50.93
C ASP B 62 -6.93 19.36 52.26
N THR B 63 -8.18 19.82 52.31
CA THR B 63 -8.80 20.49 53.44
C THR B 63 -10.32 20.29 53.49
N SER B 64 -10.92 20.34 54.67
CA SER B 64 -12.36 20.62 54.80
C SER B 64 -12.64 22.09 54.42
N GLY B 65 -13.89 22.43 54.17
CA GLY B 65 -14.32 23.82 53.97
C GLY B 65 -14.02 24.44 52.60
N ALA B 66 -13.22 23.79 51.76
CA ALA B 66 -13.09 24.12 50.35
C ALA B 66 -14.33 23.71 49.54
N ALA B 67 -14.66 24.48 48.51
CA ALA B 67 -15.81 24.17 47.63
C ALA B 67 -15.57 22.87 46.85
N THR B 68 -14.37 22.68 46.30
CA THR B 68 -13.87 21.39 45.83
C THR B 68 -13.66 20.43 47.00
N GLY B 69 -13.72 19.13 46.75
CA GLY B 69 -13.67 18.12 47.80
C GLY B 69 -15.03 17.72 48.34
N THR B 70 -16.05 18.55 48.14
CA THR B 70 -17.44 18.11 48.19
C THR B 70 -17.73 17.28 46.95
N LYS B 71 -18.05 16.00 47.11
CA LYS B 71 -18.36 15.10 46.00
C LYS B 71 -19.68 15.52 45.33
N PRO B 72 -19.74 15.62 43.99
CA PRO B 72 -20.93 16.12 43.31
C PRO B 72 -22.08 15.12 43.34
N THR B 73 -23.31 15.59 43.43
CA THR B 73 -24.50 14.77 43.20
C THR B 73 -24.90 14.79 41.73
N SER B 74 -25.45 13.68 41.24
CA SER B 74 -26.16 13.66 39.96
C SER B 74 -27.24 12.57 39.95
N LYS B 75 -28.15 12.64 39.00
CA LYS B 75 -29.28 11.72 38.84
C LYS B 75 -29.27 11.01 37.49
N VAL B 76 -29.76 9.78 37.47
CA VAL B 76 -30.23 9.12 36.24
C VAL B 76 -31.72 9.46 36.08
N SER B 77 -32.24 9.42 34.86
CA SER B 77 -33.65 9.73 34.60
C SER B 77 -34.19 8.89 33.44
N TRP B 78 -35.50 8.67 33.43
CA TRP B 78 -36.18 7.84 32.44
C TRP B 78 -37.45 8.52 31.92
N THR B 79 -37.90 8.07 30.77
CA THR B 79 -39.09 8.55 30.07
C THR B 79 -39.90 7.35 29.59
N GLY B 80 -41.22 7.43 29.64
CA GLY B 80 -42.11 6.46 29.03
C GLY B 80 -42.58 6.94 27.66
N LYS B 81 -42.74 6.03 26.71
CA LYS B 81 -43.51 6.24 25.48
C LYS B 81 -44.34 5.03 25.14
N ASN B 82 -45.37 5.20 24.32
CA ASN B 82 -46.36 4.18 24.02
C ASN B 82 -46.28 3.72 22.56
N LEU B 83 -46.24 2.42 22.34
CA LEU B 83 -46.55 1.76 21.08
C LEU B 83 -48.06 1.54 21.01
N VAL B 84 -48.80 2.29 20.18
CA VAL B 84 -50.27 2.32 20.15
C VAL B 84 -50.82 1.63 18.91
N ALA B 85 -51.71 0.65 19.07
CA ALA B 85 -52.30 -0.07 17.94
C ALA B 85 -53.36 0.76 17.21
N GLU B 86 -53.31 0.75 15.89
CA GLU B 86 -54.18 1.49 14.98
C GLU B 86 -54.62 0.59 13.83
N GLU B 87 -55.71 0.94 13.17
CA GLU B 87 -56.41 0.02 12.28
C GLU B 87 -56.45 0.52 10.84
N ILE B 88 -56.01 -0.31 9.91
CA ILE B 88 -56.21 -0.10 8.47
C ILE B 88 -57.42 -0.91 8.06
N ALA B 89 -58.36 -0.32 7.35
CA ALA B 89 -59.53 -1.03 6.86
C ALA B 89 -59.96 -0.59 5.46
N VAL B 90 -60.67 -1.46 4.76
CA VAL B 90 -61.42 -1.11 3.55
C VAL B 90 -62.61 -2.03 3.34
N ILE B 91 -63.67 -1.53 2.72
CA ILE B 91 -64.80 -2.32 2.24
C ILE B 91 -64.85 -2.24 0.71
N VAL B 92 -64.93 -3.38 0.03
CA VAL B 92 -65.03 -3.44 -1.44
C VAL B 92 -66.40 -3.99 -1.82
N PRO B 93 -67.41 -3.14 -2.10
CA PRO B 93 -68.72 -3.58 -2.54
C PRO B 93 -68.80 -3.89 -4.04
N VAL B 94 -69.61 -4.86 -4.42
CA VAL B 94 -69.86 -5.26 -5.82
C VAL B 94 -71.25 -5.87 -6.00
N HIS B 95 -71.89 -5.68 -7.15
CA HIS B 95 -73.17 -6.32 -7.46
C HIS B 95 -73.00 -7.80 -7.78
N GLU B 96 -73.87 -8.66 -7.24
CA GLU B 96 -73.79 -10.10 -7.47
C GLU B 96 -73.93 -10.52 -8.93
N ASN B 97 -74.69 -9.82 -9.76
CA ASN B 97 -74.78 -10.12 -11.18
C ASN B 97 -73.43 -9.95 -11.88
N THR B 98 -72.57 -9.03 -11.42
CA THR B 98 -71.25 -8.89 -12.03
C THR B 98 -70.33 -10.04 -11.65
N ILE B 99 -70.42 -10.58 -10.43
CA ILE B 99 -69.74 -11.82 -10.05
C ILE B 99 -70.25 -12.98 -10.90
N ALA B 100 -71.56 -13.06 -11.12
CA ALA B 100 -72.15 -14.11 -11.93
C ALA B 100 -71.73 -14.02 -13.41
N ASP B 101 -71.68 -12.82 -13.97
CA ASP B 101 -71.42 -12.60 -15.39
C ASP B 101 -69.93 -12.62 -15.78
N SER B 102 -68.97 -12.39 -14.87
CA SER B 102 -67.55 -12.27 -15.24
C SER B 102 -66.91 -13.58 -15.66
N ARG B 103 -66.01 -13.52 -16.64
CA ARG B 103 -65.14 -14.65 -17.05
C ARG B 103 -64.14 -15.07 -15.96
N PHE B 104 -63.76 -14.15 -15.08
CA PHE B 104 -62.81 -14.35 -13.98
C PHE B 104 -63.46 -14.28 -12.60
N ASP B 105 -62.86 -14.90 -11.60
CA ASP B 105 -63.25 -14.75 -10.19
C ASP B 105 -62.88 -13.35 -9.67
N ILE B 106 -63.85 -12.45 -9.55
CA ILE B 106 -63.59 -11.05 -9.13
C ILE B 106 -62.90 -10.99 -7.76
N TRP B 107 -63.34 -11.78 -6.78
CA TRP B 107 -62.69 -11.79 -5.46
C TRP B 107 -61.28 -12.35 -5.49
N GLY B 108 -60.97 -13.24 -6.42
CA GLY B 108 -59.62 -13.73 -6.65
C GLY B 108 -58.67 -12.65 -7.18
N GLU B 109 -59.17 -11.68 -7.92
CA GLU B 109 -58.38 -10.53 -8.37
C GLU B 109 -58.33 -9.43 -7.31
N VAL B 110 -59.42 -9.19 -6.58
CA VAL B 110 -59.52 -8.16 -5.55
C VAL B 110 -58.65 -8.47 -4.32
N ARG B 111 -58.67 -9.71 -3.79
CA ARG B 111 -57.97 -10.05 -2.54
C ARG B 111 -56.48 -9.69 -2.55
N PRO B 112 -55.66 -10.08 -3.53
CA PRO B 112 -54.25 -9.71 -3.60
C PRO B 112 -54.02 -8.22 -3.70
N LEU B 113 -54.85 -7.49 -4.45
CA LEU B 113 -54.70 -6.04 -4.58
C LEU B 113 -54.97 -5.33 -3.26
N VAL B 114 -55.89 -5.83 -2.44
CA VAL B 114 -56.13 -5.28 -1.09
C VAL B 114 -54.97 -5.61 -0.15
N SER B 115 -54.39 -6.81 -0.16
CA SER B 115 -53.18 -7.09 0.64
C SER B 115 -52.02 -6.16 0.30
N GLN B 116 -51.80 -5.92 -0.99
CA GLN B 116 -50.80 -4.94 -1.44
C GLN B 116 -51.14 -3.55 -0.94
N GLU B 117 -52.38 -3.11 -1.03
CA GLU B 117 -52.79 -1.78 -0.60
C GLU B 117 -52.59 -1.56 0.90
N PHE B 118 -52.84 -2.57 1.75
CA PHE B 118 -52.59 -2.45 3.17
C PHE B 118 -51.10 -2.23 3.44
N GLY B 119 -50.24 -2.98 2.73
CA GLY B 119 -48.80 -2.77 2.80
C GLY B 119 -48.36 -1.40 2.34
N ARG B 120 -48.94 -0.86 1.27
CA ARG B 120 -48.68 0.50 0.81
C ARG B 120 -49.09 1.54 1.85
N VAL B 121 -50.27 1.41 2.46
CA VAL B 121 -50.77 2.34 3.47
C VAL B 121 -49.87 2.36 4.71
N LEU B 122 -49.40 1.19 5.17
CA LEU B 122 -48.43 1.10 6.25
C LEU B 122 -47.09 1.75 5.87
N ASP B 123 -46.50 1.45 4.71
CA ASP B 123 -45.25 2.09 4.28
C ASP B 123 -45.37 3.59 4.23
N GLU B 124 -46.44 4.10 3.63
CA GLU B 124 -46.66 5.52 3.47
C GLU B 124 -46.78 6.23 4.83
N ALA B 125 -47.32 5.57 5.85
CA ALA B 125 -47.38 6.09 7.21
C ALA B 125 -46.03 6.01 7.94
N VAL B 126 -45.31 4.89 7.85
CA VAL B 126 -44.04 4.67 8.55
C VAL B 126 -42.91 5.50 7.96
N PHE B 127 -42.73 5.51 6.64
CA PHE B 127 -41.63 6.24 6.01
C PHE B 127 -41.91 7.72 5.79
N PHE B 128 -43.05 8.10 5.22
CA PHE B 128 -43.29 9.46 4.75
C PHE B 128 -44.34 10.23 5.57
N GLY B 129 -45.15 9.55 6.36
CA GLY B 129 -46.08 10.16 7.32
C GLY B 129 -47.34 10.78 6.73
N VAL B 130 -47.75 10.40 5.53
CA VAL B 130 -48.79 11.10 4.76
C VAL B 130 -50.16 11.13 5.46
N ASN B 131 -50.69 9.97 5.86
CA ASN B 131 -51.95 9.85 6.62
C ASN B 131 -51.73 9.25 8.00
N LYS B 132 -50.56 9.48 8.62
CA LYS B 132 -50.15 8.83 9.85
C LYS B 132 -51.17 9.06 10.98
N PRO B 133 -51.60 8.02 11.73
CA PRO B 133 -52.51 8.19 12.86
C PRO B 133 -52.00 9.21 13.88
N ALA B 134 -52.85 10.11 14.38
CA ALA B 134 -52.42 11.16 15.31
C ALA B 134 -51.97 10.60 16.67
N THR B 135 -52.38 9.39 17.02
CA THR B 135 -51.95 8.67 18.21
C THR B 135 -50.50 8.15 18.11
N TRP B 136 -49.94 8.01 16.92
CA TRP B 136 -48.52 7.68 16.74
C TRP B 136 -47.70 8.97 16.89
N LEU B 137 -47.11 9.21 18.06
CA LEU B 137 -46.48 10.50 18.36
C LEU B 137 -45.12 10.69 17.70
N ASP B 138 -44.43 9.62 17.34
CA ASP B 138 -43.18 9.70 16.61
C ASP B 138 -43.40 10.19 15.17
N PRO B 139 -42.57 11.09 14.64
CA PRO B 139 -42.60 11.41 13.23
C PRO B 139 -42.28 10.17 12.39
N ALA B 140 -42.78 10.14 11.16
CA ALA B 140 -42.35 9.13 10.20
C ALA B 140 -40.85 9.25 9.89
N LEU B 141 -40.21 8.18 9.43
CA LEU B 141 -38.74 8.10 9.36
C LEU B 141 -38.08 9.15 8.47
N VAL B 142 -38.60 9.43 7.28
CA VAL B 142 -38.07 10.48 6.41
C VAL B 142 -38.26 11.87 7.00
N PRO B 143 -39.46 12.37 7.33
CA PRO B 143 -39.59 13.70 7.90
C PRO B 143 -38.90 13.83 9.26
N GLY B 144 -38.80 12.76 10.03
CA GLY B 144 -38.03 12.72 11.26
C GLY B 144 -36.54 12.98 11.03
N ALA B 145 -35.90 12.34 10.05
CA ALA B 145 -34.52 12.62 9.68
C ALA B 145 -34.30 14.05 9.16
N ILE B 146 -35.25 14.60 8.41
CA ILE B 146 -35.16 15.98 7.92
C ILE B 146 -35.25 16.96 9.09
N ALA B 147 -36.19 16.77 10.01
CA ALA B 147 -36.32 17.59 11.22
C ALA B 147 -35.10 17.48 12.15
N ALA B 148 -34.51 16.29 12.27
CA ALA B 148 -33.29 16.04 12.99
C ALA B 148 -32.06 16.73 12.37
N GLY B 149 -32.13 17.19 11.13
CA GLY B 149 -31.02 17.75 10.38
C GLY B 149 -30.07 16.71 9.79
N ASN B 150 -30.42 15.43 9.84
CA ASN B 150 -29.68 14.32 9.25
C ASN B 150 -29.97 14.20 7.77
N THR B 151 -29.74 15.28 7.04
CA THR B 151 -30.17 15.43 5.66
C THR B 151 -29.06 16.07 4.85
N ILE B 152 -28.89 15.59 3.62
CA ILE B 152 -28.01 16.18 2.61
C ILE B 152 -28.72 16.21 1.27
N ALA B 153 -28.57 17.31 0.54
CA ALA B 153 -29.08 17.38 -0.82
C ALA B 153 -28.17 16.62 -1.78
N ASP B 154 -28.79 15.75 -2.56
CA ASP B 154 -28.21 15.10 -3.73
C ASP B 154 -27.50 16.12 -4.63
N GLY B 155 -26.26 15.83 -5.03
CA GLY B 155 -25.46 16.68 -5.89
C GLY B 155 -24.73 17.82 -5.18
N THR B 156 -24.61 17.77 -3.87
CA THR B 156 -23.73 18.69 -3.10
C THR B 156 -22.33 18.12 -2.90
N GLY B 157 -22.13 16.81 -2.90
CA GLY B 157 -20.82 16.16 -2.99
C GLY B 157 -20.23 16.14 -4.40
N ILE B 158 -19.11 15.47 -4.60
CA ILE B 158 -18.49 15.28 -5.92
C ILE B 158 -19.24 14.23 -6.77
N ASP B 159 -19.90 13.26 -6.14
CA ASP B 159 -20.73 12.24 -6.79
C ASP B 159 -21.76 11.67 -5.78
N LEU B 160 -22.71 10.85 -6.21
CA LEU B 160 -23.68 10.25 -5.30
C LEU B 160 -23.00 9.40 -4.22
N ALA B 161 -21.89 8.72 -4.52
CA ALA B 161 -21.20 7.94 -3.51
C ALA B 161 -20.65 8.84 -2.38
N ASP B 162 -20.25 10.07 -2.67
CA ASP B 162 -19.92 11.08 -1.67
C ASP B 162 -21.13 11.48 -0.83
N ASP B 163 -22.29 11.70 -1.44
CA ASP B 163 -23.52 12.02 -0.71
C ASP B 163 -23.99 10.85 0.17
N ILE B 164 -23.83 9.60 -0.27
CA ILE B 164 -24.14 8.42 0.55
C ILE B 164 -23.15 8.28 1.70
N ASN B 165 -21.87 8.59 1.48
CA ASN B 165 -20.87 8.60 2.54
C ASN B 165 -21.16 9.65 3.62
N GLU B 166 -21.59 10.84 3.22
CA GLU B 166 -22.05 11.87 4.16
C GLU B 166 -23.35 11.45 4.85
N ALA B 167 -24.31 10.85 4.15
CA ALA B 167 -25.54 10.38 4.77
C ALA B 167 -25.27 9.35 5.87
N PHE B 168 -24.45 8.33 5.61
CA PHE B 168 -24.02 7.39 6.64
C PHE B 168 -23.25 8.10 7.75
N GLY B 169 -22.51 9.15 7.44
CA GLY B 169 -21.82 9.98 8.40
C GLY B 169 -22.73 10.60 9.45
N PHE B 170 -23.92 11.07 9.11
CA PHE B 170 -24.84 11.62 10.13
C PHE B 170 -25.27 10.56 11.13
N VAL B 171 -25.57 9.35 10.70
CA VAL B 171 -26.00 8.27 11.59
C VAL B 171 -24.86 7.89 12.52
N GLU B 172 -23.66 7.74 11.98
CA GLU B 172 -22.46 7.44 12.74
C GLU B 172 -22.14 8.53 13.78
N ASP B 173 -22.23 9.81 13.44
CA ASP B 173 -22.01 10.92 14.35
C ASP B 173 -23.09 11.10 15.41
N ASP B 174 -24.28 10.55 15.21
CA ASP B 174 -25.32 10.46 16.23
C ASP B 174 -25.18 9.21 17.10
N GLU B 175 -24.09 8.45 16.94
CA GLU B 175 -23.78 7.23 17.68
C GLU B 175 -24.72 6.05 17.42
N PHE B 176 -25.38 6.04 16.26
CA PHE B 176 -26.15 4.91 15.74
C PHE B 176 -25.36 4.15 14.65
N ASP B 177 -25.82 2.96 14.26
CA ASP B 177 -25.19 2.14 13.21
C ASP B 177 -26.05 2.05 11.96
N VAL B 178 -25.47 2.23 10.78
CA VAL B 178 -26.14 1.94 9.51
C VAL B 178 -26.31 0.42 9.37
N ASN B 179 -27.54 -0.05 9.49
CA ASN B 179 -27.96 -1.46 9.36
C ASN B 179 -28.85 -1.70 8.14
N VAL B 180 -29.47 -0.66 7.63
CA VAL B 180 -30.50 -0.75 6.58
C VAL B 180 -30.45 0.50 5.72
N ALA B 181 -30.81 0.35 4.45
CA ALA B 181 -30.93 1.45 3.50
C ALA B 181 -32.11 1.19 2.56
N PHE B 182 -32.88 2.22 2.24
CA PHE B 182 -34.08 2.18 1.41
C PHE B 182 -33.95 3.19 0.27
N THR B 183 -34.40 2.82 -0.91
CA THR B 183 -34.37 3.69 -2.08
C THR B 183 -35.35 3.20 -3.15
N GLY B 184 -35.66 4.01 -4.15
CA GLY B 184 -36.44 3.61 -5.31
C GLY B 184 -35.61 2.99 -6.42
N ARG B 185 -36.27 2.41 -7.43
CA ARG B 185 -35.62 1.71 -8.56
C ARG B 185 -34.66 2.60 -9.37
N PHE B 186 -34.87 3.91 -9.35
CA PHE B 186 -34.01 4.90 -10.00
C PHE B 186 -32.56 4.89 -9.53
N LEU B 187 -32.23 4.39 -8.34
CA LEU B 187 -30.86 4.41 -7.86
C LEU B 187 -29.95 3.45 -8.61
N ARG B 188 -30.47 2.36 -9.19
CA ARG B 188 -29.66 1.40 -9.95
C ARG B 188 -28.85 2.06 -11.07
N ARG B 189 -29.50 2.89 -11.88
CA ARG B 189 -28.86 3.75 -12.89
C ARG B 189 -27.71 4.55 -12.30
N ARG B 190 -27.95 5.19 -11.18
CA ARG B 190 -27.01 6.13 -10.57
C ARG B 190 -25.85 5.47 -9.87
N LEU B 191 -26.00 4.24 -9.39
CA LEU B 191 -24.88 3.43 -8.94
C LEU B 191 -24.03 2.94 -10.12
N ARG B 192 -24.62 2.36 -11.16
CA ARG B 192 -23.88 1.96 -12.38
C ARG B 192 -23.15 3.14 -13.03
N GLY B 193 -23.72 4.33 -12.95
CA GLY B 193 -23.17 5.55 -13.52
C GLY B 193 -21.96 6.14 -12.80
N LEU B 194 -21.49 5.59 -11.69
CA LEU B 194 -20.38 6.14 -10.92
C LEU B 194 -19.03 5.88 -11.60
N ARG B 195 -18.41 6.94 -12.09
CA ARG B 195 -17.13 6.95 -12.79
C ARG B 195 -16.16 7.90 -12.08
N ASP B 196 -14.88 7.62 -12.15
CA ASP B 196 -13.84 8.60 -11.82
C ASP B 196 -13.76 9.71 -12.89
N ALA B 197 -12.90 10.70 -12.65
CA ALA B 197 -12.66 11.80 -13.57
C ALA B 197 -11.96 11.39 -14.88
N ASP B 198 -11.46 10.16 -15.00
CA ASP B 198 -10.96 9.57 -16.24
C ASP B 198 -12.06 8.82 -17.00
N ASN B 199 -13.28 8.78 -16.47
CA ASN B 199 -14.42 8.05 -17.00
C ASN B 199 -14.31 6.53 -16.82
N ALA B 200 -13.43 6.01 -15.97
CA ALA B 200 -13.42 4.59 -15.61
C ALA B 200 -14.40 4.33 -14.44
N PRO B 201 -15.07 3.16 -14.34
CA PRO B 201 -16.04 2.89 -13.28
C PRO B 201 -15.40 2.78 -11.89
N ILE B 202 -16.06 3.32 -10.86
CA ILE B 202 -15.65 3.17 -9.45
C ILE B 202 -16.66 2.35 -8.62
N TYR B 203 -17.86 2.10 -9.12
CA TYR B 203 -18.85 1.21 -8.50
C TYR B 203 -18.82 -0.20 -9.09
N LEU B 204 -19.00 -0.33 -10.40
CA LEU B 204 -18.89 -1.59 -11.13
C LEU B 204 -17.44 -1.99 -11.37
N ASP B 205 -17.17 -3.27 -11.60
CA ASP B 205 -15.84 -3.76 -11.98
C ASP B 205 -15.45 -3.37 -13.42
N GLY B 206 -16.43 -3.23 -14.31
CA GLY B 206 -16.30 -2.81 -15.69
C GLY B 206 -17.66 -2.77 -16.39
N VAL B 207 -17.82 -1.99 -17.44
CA VAL B 207 -19.14 -1.74 -18.06
C VAL B 207 -19.68 -2.90 -18.90
N ARG B 208 -18.87 -3.85 -19.33
CA ARG B 208 -19.30 -4.95 -20.20
C ARG B 208 -20.19 -5.94 -19.46
N SER B 209 -19.66 -6.60 -18.44
CA SER B 209 -20.29 -7.79 -17.85
C SER B 209 -21.03 -7.55 -16.52
N ASP B 210 -20.86 -6.40 -15.87
CA ASP B 210 -21.27 -6.20 -14.48
C ASP B 210 -22.55 -5.37 -14.36
N ASN B 211 -23.52 -5.88 -13.62
CA ASN B 211 -24.81 -5.24 -13.39
C ASN B 211 -25.19 -5.10 -11.90
N ARG B 212 -24.48 -5.77 -10.98
CA ARG B 212 -24.92 -5.97 -9.58
C ARG B 212 -24.98 -4.64 -8.82
N THR B 213 -26.19 -4.22 -8.45
CA THR B 213 -26.49 -2.97 -7.73
C THR B 213 -27.09 -3.21 -6.33
N ALA B 214 -26.85 -4.37 -5.73
CA ALA B 214 -27.47 -4.79 -4.48
C ALA B 214 -27.01 -4.04 -3.22
N GLU B 215 -25.85 -3.37 -3.24
CA GLU B 215 -25.20 -2.77 -2.07
C GLU B 215 -24.43 -1.49 -2.38
N ILE B 216 -24.16 -0.68 -1.37
CA ILE B 216 -23.25 0.46 -1.44
C ILE B 216 -22.45 0.53 -0.13
N TYR B 217 -21.15 0.74 -0.19
CA TYR B 217 -20.24 0.58 0.94
C TYR B 217 -20.51 -0.70 1.75
N GLY B 218 -20.76 -1.82 1.08
CA GLY B 218 -21.04 -3.09 1.72
C GLY B 218 -22.40 -3.20 2.42
N GLN B 219 -23.21 -2.14 2.47
CA GLN B 219 -24.57 -2.14 3.00
C GLN B 219 -25.57 -2.55 1.92
N ASP B 220 -26.34 -3.63 2.14
CA ASP B 220 -27.45 -4.01 1.26
C ASP B 220 -28.52 -2.91 1.17
N LEU B 221 -29.04 -2.70 -0.03
CA LEU B 221 -30.13 -1.80 -0.32
C LEU B 221 -31.45 -2.56 -0.43
N MET B 222 -32.49 -2.05 0.23
CA MET B 222 -33.87 -2.45 -0.02
C MET B 222 -34.48 -1.52 -1.07
N TYR B 223 -34.68 -2.06 -2.27
CA TYR B 223 -35.40 -1.35 -3.32
C TYR B 223 -36.90 -1.42 -3.08
N VAL B 224 -37.53 -0.26 -3.04
CA VAL B 224 -38.96 -0.07 -2.79
C VAL B 224 -39.63 0.31 -4.11
N GLY B 225 -40.77 -0.31 -4.42
CA GLY B 225 -41.52 -0.02 -5.62
C GLY B 225 -42.01 1.43 -5.71
N ASN B 226 -42.27 1.91 -6.91
CA ASN B 226 -42.67 3.30 -7.16
C ASN B 226 -43.98 3.69 -6.46
N ARG B 227 -44.83 2.71 -6.12
CA ARG B 227 -46.09 2.92 -5.41
C ARG B 227 -45.88 3.24 -3.93
N SER B 228 -45.02 2.51 -3.21
CA SER B 228 -44.69 2.83 -1.82
C SER B 228 -43.68 3.97 -1.67
N TRP B 229 -42.61 4.02 -2.45
CA TRP B 229 -41.56 5.04 -2.32
C TRP B 229 -42.03 6.42 -2.79
N ASP B 230 -41.41 7.50 -2.32
CA ASP B 230 -41.63 8.85 -2.84
C ASP B 230 -40.31 9.49 -3.28
N ARG B 231 -40.07 9.45 -4.59
CA ARG B 231 -38.88 10.01 -5.28
C ARG B 231 -38.71 11.51 -5.04
N ASP B 232 -39.79 12.24 -4.78
CA ASP B 232 -39.77 13.69 -4.58
C ASP B 232 -39.41 14.10 -3.15
N GLU B 233 -39.48 13.17 -2.20
CA GLU B 233 -39.04 13.42 -0.82
C GLU B 233 -37.64 12.89 -0.55
N ALA B 234 -37.32 11.69 -1.03
CA ALA B 234 -36.06 11.03 -0.72
C ALA B 234 -35.46 10.28 -1.91
N VAL B 235 -34.16 10.49 -2.10
CA VAL B 235 -33.30 9.66 -2.95
C VAL B 235 -32.95 8.37 -2.22
N LEU B 236 -32.58 8.48 -0.95
CA LEU B 236 -32.21 7.35 -0.11
C LEU B 236 -32.47 7.66 1.36
N LEU B 237 -32.91 6.68 2.14
CA LEU B 237 -33.02 6.72 3.59
C LEU B 237 -32.14 5.62 4.17
N ALA B 238 -31.27 5.91 5.11
CA ALA B 238 -30.40 4.91 5.72
C ALA B 238 -30.28 5.10 7.23
N GLY B 239 -30.11 4.02 7.97
CA GLY B 239 -30.03 4.11 9.42
C GLY B 239 -30.04 2.80 10.16
N ASP B 240 -30.42 2.87 11.43
CA ASP B 240 -30.41 1.73 12.34
C ASP B 240 -31.78 1.03 12.44
N ARG B 241 -31.88 -0.10 11.75
CA ARG B 241 -33.01 -1.04 11.75
C ARG B 241 -33.54 -1.36 13.15
N SER B 242 -32.66 -1.49 14.13
CA SER B 242 -33.00 -1.91 15.50
C SER B 242 -33.74 -0.84 16.31
N LYS B 243 -33.77 0.41 15.82
CA LYS B 243 -34.38 1.55 16.50
C LYS B 243 -35.81 1.84 16.05
N VAL B 244 -36.42 0.97 15.28
CA VAL B 244 -37.84 1.00 14.90
C VAL B 244 -38.50 -0.23 15.48
N LEU B 245 -39.67 -0.05 16.08
CA LEU B 245 -40.50 -1.15 16.54
C LEU B 245 -41.87 -1.06 15.88
N LEU B 246 -42.29 -2.17 15.29
CA LEU B 246 -43.65 -2.35 14.82
C LEU B 246 -44.38 -3.31 15.76
N GLY B 247 -45.63 -3.05 16.09
CA GLY B 247 -46.47 -3.97 16.82
C GLY B 247 -47.53 -4.55 15.89
N ILE B 248 -47.74 -5.86 15.90
CA ILE B 248 -48.92 -6.43 15.23
C ILE B 248 -49.90 -6.78 16.33
N ARG B 249 -51.06 -6.14 16.33
CA ARG B 249 -52.10 -6.40 17.32
C ARG B 249 -53.07 -7.46 16.83
N GLU B 250 -53.39 -7.46 15.55
CA GLU B 250 -54.33 -8.40 14.94
C GLU B 250 -53.99 -8.56 13.47
N ASP B 251 -53.69 -9.77 13.05
CA ASP B 251 -53.44 -10.09 11.65
C ASP B 251 -54.66 -9.80 10.78
N VAL B 252 -54.46 -9.62 9.49
CA VAL B 252 -55.54 -9.20 8.58
C VAL B 252 -56.74 -10.16 8.64
N GLN B 253 -57.94 -9.60 8.78
CA GLN B 253 -59.21 -10.31 8.84
C GLN B 253 -60.07 -9.91 7.65
N VAL B 254 -60.75 -10.89 7.03
CA VAL B 254 -61.67 -10.66 5.91
C VAL B 254 -63.04 -11.24 6.23
N LYS B 255 -64.10 -10.47 6.01
CA LYS B 255 -65.50 -10.91 6.17
C LYS B 255 -66.31 -10.60 4.92
N LEU B 256 -67.10 -11.55 4.45
CA LEU B 256 -68.09 -11.37 3.40
C LEU B 256 -69.38 -10.77 3.99
N LEU B 257 -69.77 -9.59 3.52
CA LEU B 257 -70.98 -8.90 3.91
C LEU B 257 -72.04 -9.09 2.85
N THR B 258 -73.24 -9.50 3.25
CA THR B 258 -74.37 -9.70 2.33
C THR B 258 -75.63 -8.96 2.78
N GLU B 259 -75.71 -8.47 4.01
CA GLU B 259 -76.90 -7.80 4.56
C GLU B 259 -76.65 -6.39 5.10
N ALA B 260 -75.39 -5.98 5.29
CA ALA B 260 -75.04 -4.73 5.94
C ALA B 260 -75.39 -3.48 5.14
N THR B 261 -75.41 -2.32 5.79
CA THR B 261 -75.54 -1.02 5.15
C THR B 261 -74.20 -0.30 5.10
N ILE B 262 -73.74 0.02 3.89
CA ILE B 262 -72.41 0.57 3.61
C ILE B 262 -72.59 1.94 2.97
N GLY B 263 -72.15 3.02 3.60
CA GLY B 263 -72.54 4.37 3.17
C GLY B 263 -74.06 4.52 3.19
N GLY B 264 -74.66 4.80 2.05
CA GLY B 264 -76.11 4.80 1.86
C GLY B 264 -76.70 3.48 1.36
N ILE B 265 -75.87 2.49 1.02
CA ILE B 265 -76.28 1.27 0.31
C ILE B 265 -76.63 0.16 1.28
N ASN B 266 -77.88 -0.31 1.27
CA ASN B 266 -78.27 -1.57 1.91
C ASN B 266 -77.90 -2.73 0.98
N LEU B 267 -76.94 -3.58 1.35
CA LEU B 267 -76.42 -4.60 0.44
C LEU B 267 -77.49 -5.59 -0.04
N ALA B 268 -78.31 -6.12 0.87
CA ALA B 268 -79.34 -7.11 0.55
C ALA B 268 -80.43 -6.54 -0.36
N GLU B 269 -80.85 -5.30 -0.12
CA GLU B 269 -81.87 -4.60 -0.91
C GLU B 269 -81.39 -4.28 -2.33
N LYS B 270 -80.10 -4.07 -2.52
CA LYS B 270 -79.45 -3.80 -3.81
C LYS B 270 -78.92 -5.05 -4.52
N ASP B 271 -79.03 -6.23 -3.94
CA ASP B 271 -78.44 -7.47 -4.45
C ASP B 271 -76.91 -7.37 -4.64
N MET B 272 -76.25 -6.76 -3.67
CA MET B 272 -74.81 -6.57 -3.62
C MET B 272 -74.19 -7.39 -2.51
N VAL B 273 -72.89 -7.58 -2.61
CA VAL B 273 -72.03 -8.16 -1.58
C VAL B 273 -70.78 -7.32 -1.42
N ALA B 274 -70.07 -7.45 -0.31
CA ALA B 274 -68.84 -6.73 -0.10
C ALA B 274 -67.83 -7.57 0.70
N LEU B 275 -66.54 -7.44 0.42
CA LEU B 275 -65.51 -7.92 1.35
C LEU B 275 -65.09 -6.77 2.25
N ARG B 276 -65.13 -6.97 3.57
CA ARG B 276 -64.55 -6.08 4.56
C ARG B 276 -63.21 -6.62 5.00
N PHE B 277 -62.17 -5.81 4.89
CA PHE B 277 -60.82 -6.11 5.29
C PHE B 277 -60.41 -5.20 6.45
N LYS B 278 -59.74 -5.73 7.46
CA LYS B 278 -59.16 -4.93 8.56
C LYS B 278 -57.88 -5.53 9.10
N PHE B 279 -56.98 -4.70 9.59
CA PHE B 279 -55.66 -5.10 10.11
C PHE B 279 -55.23 -4.12 11.21
N ARG B 280 -54.70 -4.61 12.34
CA ARG B 280 -54.29 -3.74 13.45
C ARG B 280 -52.78 -3.77 13.68
N VAL B 281 -52.15 -2.62 13.64
CA VAL B 281 -50.70 -2.43 13.58
C VAL B 281 -50.27 -1.20 14.37
N ALA B 282 -49.05 -1.17 14.89
CA ALA B 282 -48.48 -0.05 15.62
C ALA B 282 -47.08 0.27 15.14
N TYR B 283 -46.66 1.52 15.22
CA TYR B 283 -45.31 1.98 14.90
C TYR B 283 -44.76 2.87 16.02
N SER B 284 -43.49 2.70 16.36
CA SER B 284 -42.75 3.69 17.13
C SER B 284 -41.25 3.63 16.84
N THR B 285 -40.57 4.76 17.02
CA THR B 285 -39.12 4.80 17.15
C THR B 285 -38.69 4.45 18.58
N ALA B 286 -37.87 3.42 18.72
CA ALA B 286 -37.38 2.87 19.98
C ALA B 286 -35.90 3.18 20.17
N PHE B 287 -35.55 4.43 20.48
CA PHE B 287 -34.17 4.84 20.77
C PHE B 287 -34.07 5.86 21.90
N SER B 288 -32.93 5.83 22.60
CA SER B 288 -32.54 6.76 23.65
C SER B 288 -31.45 7.69 23.14
N THR B 289 -31.57 8.98 23.42
CA THR B 289 -30.54 9.97 23.12
C THR B 289 -29.81 10.49 24.37
N ALA B 290 -29.81 9.70 25.46
CA ALA B 290 -29.19 10.08 26.72
C ALA B 290 -27.68 10.33 26.54
N GLY B 291 -27.19 11.49 26.98
CA GLY B 291 -25.81 11.94 26.77
C GLY B 291 -25.55 12.58 25.42
N GLY B 292 -26.34 12.24 24.41
CA GLY B 292 -26.39 12.95 23.13
C GLY B 292 -27.23 14.22 23.21
N GLU B 293 -27.53 14.81 22.06
CA GLU B 293 -28.47 15.91 21.94
C GLU B 293 -29.87 15.42 21.61
N VAL B 294 -30.88 16.22 21.92
CA VAL B 294 -32.29 15.86 21.71
C VAL B 294 -32.64 15.64 20.23
N THR B 295 -31.87 16.23 19.32
CA THR B 295 -31.98 16.10 17.87
C THR B 295 -31.25 14.90 17.29
N ASP B 296 -30.44 14.17 18.05
CA ASP B 296 -29.74 13.00 17.49
C ASP B 296 -30.74 11.93 17.06
N TYR B 297 -30.54 11.33 15.90
CA TYR B 297 -31.55 10.51 15.25
C TYR B 297 -30.94 9.31 14.52
N PRO B 298 -31.53 8.11 14.59
CA PRO B 298 -30.93 6.90 14.03
C PRO B 298 -31.02 6.76 12.50
N PHE B 299 -31.56 7.73 11.77
CA PHE B 299 -31.65 7.73 10.31
C PHE B 299 -31.16 9.01 9.67
N ALA B 300 -30.74 8.93 8.43
CA ALA B 300 -30.37 10.04 7.57
C ALA B 300 -30.97 9.87 6.18
N VAL B 301 -31.23 10.98 5.49
CA VAL B 301 -31.85 11.00 4.18
C VAL B 301 -31.06 11.83 3.19
N ILE B 302 -31.00 11.38 1.94
CA ILE B 302 -30.53 12.17 0.81
C ILE B 302 -31.78 12.73 0.15
N THR B 303 -31.98 14.04 0.17
CA THR B 303 -33.10 14.68 -0.50
C THR B 303 -32.73 15.04 -1.94
N PRO B 304 -33.65 15.03 -2.92
CA PRO B 304 -33.35 15.44 -4.29
C PRO B 304 -32.99 16.95 -4.39
N ASP B 305 -32.45 17.38 -5.53
CA ASP B 305 -32.03 18.76 -5.83
C ASP B 305 -33.12 19.80 -5.59
N ALA C 2 63.23 3.52 32.13
CA ALA C 2 61.86 3.91 32.48
C ALA C 2 60.86 2.79 32.19
N ASP C 3 60.53 2.47 30.93
CA ASP C 3 59.57 1.41 30.59
C ASP C 3 59.83 0.76 29.23
N ILE C 4 59.30 -0.45 29.04
CA ILE C 4 59.31 -1.15 27.76
C ILE C 4 58.26 -0.53 26.84
N SER C 5 58.70 0.27 25.86
CA SER C 5 57.82 0.82 24.83
C SER C 5 57.47 -0.24 23.80
N ARG C 6 56.46 0.03 22.97
CA ARG C 6 56.16 -0.81 21.82
C ARG C 6 57.30 -0.89 20.81
N ALA C 7 58.09 0.17 20.65
CA ALA C 7 59.30 0.15 19.86
C ALA C 7 60.39 -0.77 20.44
N ASP C 8 60.55 -0.82 21.77
CA ASP C 8 61.46 -1.78 22.42
C ASP C 8 61.02 -3.23 22.27
N ALA C 9 59.71 -3.49 22.23
CA ALA C 9 59.17 -4.82 22.06
C ALA C 9 59.00 -5.24 20.59
N LEU C 10 59.24 -4.37 19.61
CA LEU C 10 58.84 -4.54 18.21
C LEU C 10 59.28 -5.87 17.59
N ALA C 11 60.53 -6.26 17.80
CA ALA C 11 61.08 -7.51 17.30
C ALA C 11 60.37 -8.78 17.82
N LEU C 12 59.64 -8.70 18.93
CA LEU C 12 58.91 -9.80 19.54
C LEU C 12 57.45 -9.91 19.06
N LEU C 13 56.91 -8.90 18.39
CA LEU C 13 55.51 -8.86 18.01
C LEU C 13 55.17 -9.92 16.97
N ALA C 14 54.01 -10.55 17.13
CA ALA C 14 53.47 -11.50 16.16
C ALA C 14 53.07 -10.82 14.85
N THR C 15 52.80 -11.62 13.82
CA THR C 15 52.39 -11.19 12.49
C THR C 15 51.28 -12.07 11.95
N GLN C 16 50.48 -11.56 11.01
CA GLN C 16 49.37 -12.32 10.43
C GLN C 16 49.17 -11.91 8.97
N GLU C 17 48.71 -12.85 8.17
CA GLU C 17 48.54 -12.71 6.74
C GLU C 17 47.16 -13.21 6.35
N LEU C 18 46.48 -12.56 5.41
CA LEU C 18 45.30 -13.19 4.81
C LEU C 18 45.67 -14.46 4.05
N ASP C 19 44.79 -15.45 4.10
CA ASP C 19 44.93 -16.72 3.39
C ASP C 19 44.79 -16.61 1.86
N SER C 20 44.41 -15.45 1.31
CA SER C 20 43.96 -15.30 -0.08
C SER C 20 44.18 -13.89 -0.62
N ILE C 21 44.20 -13.75 -1.94
CA ILE C 21 44.47 -12.48 -2.64
C ILE C 21 43.16 -11.78 -2.95
N ILE C 22 43.08 -10.49 -2.70
CA ILE C 22 41.94 -9.65 -3.07
C ILE C 22 42.05 -9.27 -4.55
N LYS C 23 41.07 -9.68 -5.36
CA LYS C 23 41.03 -9.48 -6.82
C LYS C 23 39.61 -9.38 -7.37
N PRO C 24 39.36 -8.70 -8.50
CA PRO C 24 38.07 -8.73 -9.17
C PRO C 24 37.67 -10.13 -9.64
N GLU C 25 36.39 -10.34 -9.87
CA GLU C 25 35.89 -11.55 -10.53
C GLU C 25 36.33 -11.59 -12.00
N THR C 26 36.71 -12.76 -12.50
CA THR C 26 37.02 -12.97 -13.92
C THR C 26 35.78 -13.30 -14.75
N SER C 27 35.85 -13.05 -16.06
CA SER C 27 34.86 -13.49 -17.05
C SER C 27 35.47 -13.68 -18.45
N GLY C 28 34.78 -14.42 -19.31
CA GLY C 28 35.18 -14.68 -20.70
C GLY C 28 34.66 -13.67 -21.71
N SER C 29 35.06 -13.83 -22.97
CA SER C 29 34.56 -13.02 -24.09
C SER C 29 33.05 -13.16 -24.28
N ALA C 30 32.33 -12.06 -24.49
CA ALA C 30 30.99 -12.14 -25.03
C ALA C 30 30.98 -12.82 -26.40
N ALA C 31 32.01 -12.63 -27.24
CA ALA C 31 32.09 -13.17 -28.58
C ALA C 31 31.97 -14.70 -28.64
N LEU C 32 32.87 -15.43 -27.96
CA LEU C 32 32.82 -16.89 -27.96
C LEU C 32 31.62 -17.45 -27.20
N ALA C 33 30.96 -16.66 -26.35
CA ALA C 33 29.76 -17.10 -25.64
C ALA C 33 28.53 -17.07 -26.55
N ALA C 34 28.31 -15.98 -27.28
CA ALA C 34 27.12 -15.76 -28.08
C ALA C 34 27.18 -16.47 -29.44
N PHE C 35 28.26 -16.31 -30.18
CA PHE C 35 28.31 -16.67 -31.59
C PHE C 35 28.75 -18.11 -31.82
N ARG C 36 28.20 -18.77 -32.84
CA ARG C 36 28.64 -20.10 -33.27
C ARG C 36 30.06 -20.06 -33.81
N SER C 37 30.78 -21.16 -33.67
CA SER C 37 32.15 -21.28 -34.19
C SER C 37 32.38 -22.60 -34.92
N ILE C 38 33.34 -22.59 -35.84
CA ILE C 38 33.78 -23.76 -36.60
C ILE C 38 35.26 -24.01 -36.40
N ARG C 39 35.69 -25.27 -36.47
CA ARG C 39 37.11 -25.60 -36.58
C ARG C 39 37.61 -25.24 -37.98
N MET C 40 38.67 -24.48 -38.06
CA MET C 40 39.38 -24.23 -39.31
C MET C 40 40.58 -25.19 -39.39
N SER C 41 40.77 -25.89 -40.49
CA SER C 41 41.97 -26.70 -40.73
C SER C 41 43.01 -26.03 -41.63
N ALA C 42 42.69 -24.89 -42.23
CA ALA C 42 43.50 -24.28 -43.31
C ALA C 42 44.04 -22.87 -43.04
N GLY C 43 43.55 -22.15 -42.05
CA GLY C 43 43.98 -20.75 -41.80
C GLY C 43 43.23 -19.69 -42.62
N THR C 44 42.56 -20.09 -43.69
CA THR C 44 41.49 -19.33 -44.37
C THR C 44 40.39 -20.29 -44.81
N VAL C 45 39.13 -19.93 -44.60
CA VAL C 45 37.96 -20.67 -45.08
C VAL C 45 37.20 -19.78 -46.04
N SER C 46 36.79 -20.31 -47.19
CA SER C 46 36.00 -19.55 -48.17
C SER C 46 34.53 -19.98 -48.16
N MET C 47 33.64 -19.01 -48.36
CA MET C 47 32.22 -19.10 -48.06
C MET C 47 31.38 -18.54 -49.23
N PRO C 48 30.52 -19.33 -49.90
CA PRO C 48 29.64 -18.83 -50.94
C PRO C 48 28.38 -18.20 -50.35
N VAL C 49 27.93 -17.10 -50.95
CA VAL C 49 26.81 -16.28 -50.48
C VAL C 49 25.89 -15.96 -51.65
N LEU C 50 24.57 -16.13 -51.53
CA LEU C 50 23.60 -15.71 -52.53
C LEU C 50 23.56 -14.18 -52.60
N ALA C 51 23.62 -13.61 -53.80
CA ALA C 51 23.75 -12.16 -53.99
C ALA C 51 22.60 -11.50 -54.75
N ALA C 52 21.80 -12.22 -55.54
CA ALA C 52 20.63 -11.67 -56.23
C ALA C 52 19.53 -12.71 -56.48
N LEU C 53 18.31 -12.24 -56.73
CA LEU C 53 17.12 -13.07 -56.95
C LEU C 53 16.58 -12.95 -58.39
N PRO C 54 15.85 -13.95 -58.92
CA PRO C 54 15.14 -13.86 -60.19
C PRO C 54 14.07 -12.78 -60.22
N THR C 55 13.69 -12.34 -61.42
CA THR C 55 12.54 -11.46 -61.66
C THR C 55 11.66 -12.07 -62.73
N ALA C 56 10.47 -12.56 -62.38
CA ALA C 56 9.49 -13.08 -63.33
C ALA C 56 8.57 -11.97 -63.84
N GLY C 57 7.70 -12.30 -64.80
CA GLY C 57 6.74 -11.34 -65.32
C GLY C 57 5.49 -11.98 -65.89
N TRP C 58 4.47 -11.17 -66.13
CA TRP C 58 3.25 -11.59 -66.80
C TRP C 58 3.46 -11.68 -68.30
N VAL C 59 2.91 -12.71 -68.95
CA VAL C 59 2.92 -12.86 -70.40
C VAL C 59 1.52 -13.07 -70.99
N THR C 60 1.27 -12.44 -72.13
CA THR C 60 0.02 -12.61 -72.90
C THR C 60 0.11 -13.80 -73.85
N ASP C 61 -1.01 -14.19 -74.47
CA ASP C 61 -1.08 -15.38 -75.31
C ASP C 61 -1.97 -15.19 -76.57
N ASP C 62 -2.22 -13.95 -76.97
CA ASP C 62 -3.10 -13.58 -78.07
C ASP C 62 -2.49 -13.76 -79.47
N THR C 63 -1.28 -13.25 -79.69
CA THR C 63 -0.60 -13.24 -80.99
C THR C 63 0.90 -13.48 -80.89
N SER C 64 1.52 -13.91 -81.98
CA SER C 64 2.97 -14.07 -82.09
C SER C 64 3.74 -12.75 -82.22
N GLY C 65 3.09 -11.63 -82.53
CA GLY C 65 3.72 -10.34 -82.76
C GLY C 65 3.79 -9.42 -81.54
N ALA C 66 3.02 -9.67 -80.49
CA ALA C 66 3.02 -8.84 -79.29
C ALA C 66 4.32 -9.02 -78.50
N ALA C 67 5.00 -7.93 -78.16
CA ALA C 67 6.15 -7.97 -77.25
C ALA C 67 5.80 -8.60 -75.89
N THR C 68 4.60 -8.33 -75.37
CA THR C 68 4.11 -8.89 -74.09
C THR C 68 3.86 -10.39 -74.12
N GLY C 69 3.92 -11.05 -75.27
CA GLY C 69 3.88 -12.50 -75.37
C GLY C 69 5.24 -13.17 -75.08
N THR C 70 6.33 -12.41 -75.04
CA THR C 70 7.68 -12.95 -74.92
C THR C 70 8.04 -13.19 -73.46
N LYS C 71 8.46 -14.40 -73.12
CA LYS C 71 8.85 -14.76 -71.76
C LYS C 71 10.16 -14.07 -71.35
N PRO C 72 10.19 -13.35 -70.22
CA PRO C 72 11.36 -12.57 -69.80
C PRO C 72 12.50 -13.44 -69.30
N THR C 73 13.73 -12.96 -69.45
CA THR C 73 14.91 -13.59 -68.86
C THR C 73 15.31 -12.90 -67.55
N SER C 74 15.85 -13.68 -66.62
CA SER C 74 16.58 -13.12 -65.47
C SER C 74 17.66 -14.09 -64.96
N LYS C 75 18.55 -13.59 -64.11
CA LYS C 75 19.66 -14.35 -63.53
C LYS C 75 19.65 -14.39 -62.00
N VAL C 76 20.24 -15.43 -61.47
CA VAL C 76 20.71 -15.53 -60.08
C VAL C 76 22.20 -15.21 -60.04
N SER C 77 22.72 -14.68 -58.94
CA SER C 77 24.16 -14.50 -58.77
C SER C 77 24.61 -14.74 -57.33
N TRP C 78 25.91 -15.00 -57.15
CA TRP C 78 26.55 -15.32 -55.88
C TRP C 78 27.84 -14.54 -55.72
N THR C 79 28.33 -14.42 -54.49
CA THR C 79 29.62 -13.83 -54.14
C THR C 79 30.32 -14.67 -53.08
N GLY C 80 31.61 -14.43 -52.88
CA GLY C 80 32.43 -15.11 -51.88
C GLY C 80 32.78 -14.22 -50.69
N LYS C 81 32.95 -14.84 -49.51
CA LYS C 81 33.59 -14.26 -48.32
C LYS C 81 34.70 -15.17 -47.81
N ASN C 82 35.71 -14.59 -47.17
CA ASN C 82 36.79 -15.29 -46.50
C ASN C 82 36.72 -15.11 -44.97
N LEU C 83 36.87 -16.20 -44.24
CA LEU C 83 37.08 -16.23 -42.79
C LEU C 83 38.58 -16.46 -42.54
N VAL C 84 39.30 -15.46 -42.03
CA VAL C 84 40.77 -15.45 -41.98
C VAL C 84 41.27 -15.57 -40.54
N ALA C 85 42.09 -16.56 -40.23
CA ALA C 85 42.62 -16.75 -38.89
C ALA C 85 43.77 -15.79 -38.56
N GLU C 86 43.70 -15.21 -37.37
CA GLU C 86 44.66 -14.26 -36.82
C GLU C 86 45.01 -14.67 -35.39
N GLU C 87 46.14 -14.20 -34.86
CA GLU C 87 46.72 -14.73 -33.63
C GLU C 87 46.78 -13.70 -32.50
N ILE C 88 46.22 -14.01 -31.35
CA ILE C 88 46.43 -13.24 -30.11
C ILE C 88 47.57 -13.90 -29.35
N ALA C 89 48.49 -13.14 -28.76
CA ALA C 89 49.57 -13.68 -27.96
C ALA C 89 50.07 -12.75 -26.85
N VAL C 90 50.69 -13.34 -25.82
CA VAL C 90 51.45 -12.62 -24.78
C VAL C 90 52.55 -13.50 -24.20
N ILE C 91 53.64 -12.91 -23.72
CA ILE C 91 54.69 -13.57 -22.94
C ILE C 91 54.77 -12.94 -21.55
N VAL C 92 54.79 -13.75 -20.49
CA VAL C 92 54.90 -13.28 -19.10
C VAL C 92 56.20 -13.79 -18.48
N PRO C 93 57.28 -12.99 -18.36
CA PRO C 93 58.51 -13.41 -17.71
C PRO C 93 58.54 -13.11 -16.21
N VAL C 94 59.19 -13.98 -15.44
CA VAL C 94 59.38 -13.86 -13.98
C VAL C 94 60.67 -14.56 -13.52
N HIS C 95 61.25 -14.14 -12.40
CA HIS C 95 62.39 -14.83 -11.79
C HIS C 95 62.02 -16.15 -11.10
N GLU C 96 62.86 -17.17 -11.21
CA GLU C 96 62.63 -18.43 -10.50
C GLU C 96 62.63 -18.29 -8.97
N ASN C 97 63.34 -17.32 -8.41
CA ASN C 97 63.30 -17.02 -6.97
C ASN C 97 61.96 -16.42 -6.57
N THR C 98 61.36 -15.57 -7.39
CA THR C 98 60.02 -15.01 -7.11
C THR C 98 58.97 -16.11 -7.05
N ILE C 99 59.04 -17.11 -7.92
CA ILE C 99 58.18 -18.29 -7.85
C ILE C 99 58.45 -19.09 -6.57
N ALA C 100 59.71 -19.33 -6.23
CA ALA C 100 60.05 -20.11 -5.04
C ALA C 100 59.67 -19.40 -3.74
N ASP C 101 59.78 -18.09 -3.67
CA ASP C 101 59.58 -17.30 -2.45
C ASP C 101 58.13 -16.89 -2.17
N SER C 102 57.25 -16.84 -3.17
CA SER C 102 55.84 -16.49 -2.92
C SER C 102 55.09 -17.60 -2.21
N ARG C 103 54.25 -17.22 -1.25
CA ARG C 103 53.33 -18.13 -0.54
C ARG C 103 52.09 -18.53 -1.35
N PHE C 104 51.85 -17.86 -2.47
CA PHE C 104 50.88 -18.23 -3.51
C PHE C 104 51.58 -18.78 -4.75
N ASP C 105 50.92 -19.64 -5.50
CA ASP C 105 51.37 -20.11 -6.81
C ASP C 105 51.23 -19.00 -7.87
N ILE C 106 52.34 -18.40 -8.29
CA ILE C 106 52.37 -17.31 -9.28
C ILE C 106 51.69 -17.71 -10.58
N TRP C 107 52.04 -18.82 -11.21
CA TRP C 107 51.38 -19.23 -12.43
C TRP C 107 49.90 -19.55 -12.25
N GLY C 108 49.51 -20.06 -11.08
CA GLY C 108 48.11 -20.26 -10.73
C GLY C 108 47.32 -18.96 -10.63
N GLU C 109 47.95 -17.83 -10.36
CA GLU C 109 47.33 -16.51 -10.46
C GLU C 109 47.43 -15.91 -11.87
N VAL C 110 48.53 -16.10 -12.59
CA VAL C 110 48.75 -15.55 -13.93
C VAL C 110 47.86 -16.18 -14.99
N ARG C 111 47.66 -17.50 -14.98
CA ARG C 111 46.91 -18.21 -16.04
C ARG C 111 45.44 -17.74 -16.18
N PRO C 112 44.63 -17.63 -15.12
CA PRO C 112 43.26 -17.11 -15.23
C PRO C 112 43.18 -15.68 -15.77
N LEU C 113 44.15 -14.83 -15.44
CA LEU C 113 44.19 -13.45 -15.91
C LEU C 113 44.53 -13.34 -17.39
N VAL C 114 45.37 -14.23 -17.91
CA VAL C 114 45.70 -14.25 -19.35
C VAL C 114 44.52 -14.74 -20.17
N SER C 115 43.81 -15.79 -19.76
CA SER C 115 42.65 -16.24 -20.52
C SER C 115 41.51 -15.22 -20.51
N GLN C 116 41.35 -14.44 -19.45
CA GLN C 116 40.48 -13.26 -19.45
C GLN C 116 40.96 -12.19 -20.44
N GLU C 117 42.26 -11.85 -20.43
CA GLU C 117 42.79 -10.84 -21.35
C GLU C 117 42.60 -11.24 -22.82
N PHE C 118 42.80 -12.51 -23.17
CA PHE C 118 42.54 -12.99 -24.52
C PHE C 118 41.08 -12.79 -24.93
N GLY C 119 40.14 -13.09 -24.03
CA GLY C 119 38.73 -12.81 -24.26
C GLY C 119 38.41 -11.32 -24.44
N ARG C 120 39.05 -10.44 -23.67
CA ARG C 120 38.93 -8.99 -23.80
C ARG C 120 39.46 -8.48 -25.15
N VAL C 121 40.64 -8.95 -25.57
CA VAL C 121 41.23 -8.56 -26.86
C VAL C 121 40.36 -9.00 -28.03
N LEU C 122 39.83 -10.22 -28.00
CA LEU C 122 38.89 -10.70 -29.01
C LEU C 122 37.57 -9.89 -29.01
N ASP C 123 36.96 -9.65 -27.84
CA ASP C 123 35.72 -8.87 -27.78
C ASP C 123 35.88 -7.47 -28.35
N GLU C 124 36.88 -6.71 -27.93
CA GLU C 124 37.00 -5.34 -28.41
C GLU C 124 37.37 -5.27 -29.90
N ALA C 125 37.88 -6.35 -30.48
CA ALA C 125 38.06 -6.49 -31.92
C ALA C 125 36.73 -6.80 -32.63
N VAL C 126 35.95 -7.75 -32.13
CA VAL C 126 34.68 -8.19 -32.72
C VAL C 126 33.56 -7.16 -32.57
N PHE C 127 33.36 -6.59 -31.39
CA PHE C 127 32.25 -5.65 -31.14
C PHE C 127 32.61 -4.22 -31.57
N PHE C 128 33.76 -3.70 -31.17
CA PHE C 128 34.09 -2.28 -31.30
C PHE C 128 35.19 -1.96 -32.33
N GLY C 129 35.94 -2.94 -32.81
CA GLY C 129 36.93 -2.77 -33.87
C GLY C 129 38.29 -2.19 -33.45
N VAL C 130 38.60 -2.14 -32.15
CA VAL C 130 39.66 -1.27 -31.59
C VAL C 130 41.06 -1.54 -32.16
N ASN C 131 41.48 -2.80 -32.19
CA ASN C 131 42.71 -3.26 -32.85
C ASN C 131 42.41 -4.35 -33.87
N LYS C 132 41.25 -4.30 -34.53
CA LYS C 132 40.82 -5.34 -35.47
C LYS C 132 41.92 -5.59 -36.52
N PRO C 133 42.35 -6.84 -36.76
CA PRO C 133 43.28 -7.17 -37.83
C PRO C 133 42.81 -6.64 -39.19
N ALA C 134 43.72 -6.11 -40.00
CA ALA C 134 43.41 -5.60 -41.33
C ALA C 134 42.87 -6.68 -42.29
N THR C 135 43.18 -7.95 -42.05
CA THR C 135 42.73 -9.12 -42.82
C THR C 135 41.30 -9.54 -42.50
N TRP C 136 40.71 -9.11 -41.40
CA TRP C 136 39.27 -9.27 -41.16
C TRP C 136 38.51 -8.17 -41.89
N LEU C 137 38.07 -8.43 -43.11
CA LEU C 137 37.53 -7.38 -44.00
C LEU C 137 36.15 -6.88 -43.59
N ASP C 138 35.35 -7.67 -42.88
CA ASP C 138 34.09 -7.19 -42.29
C ASP C 138 34.35 -6.14 -41.20
N PRO C 139 33.53 -5.09 -41.08
CA PRO C 139 33.57 -4.22 -39.91
C PRO C 139 33.23 -5.00 -38.63
N ALA C 140 33.65 -4.47 -37.49
CA ALA C 140 33.17 -4.93 -36.19
C ALA C 140 31.67 -4.62 -36.03
N LEU C 141 30.96 -5.32 -35.15
CA LEU C 141 29.50 -5.24 -35.08
C LEU C 141 28.93 -3.85 -34.81
N VAL C 142 29.47 -3.09 -33.86
CA VAL C 142 29.01 -1.73 -33.55
C VAL C 142 29.28 -0.74 -34.67
N PRO C 143 30.53 -0.57 -35.17
CA PRO C 143 30.78 0.36 -36.27
C PRO C 143 30.11 -0.08 -37.56
N GLY C 144 29.93 -1.39 -37.78
CA GLY C 144 29.15 -1.92 -38.89
C GLY C 144 27.67 -1.54 -38.83
N ALA C 145 27.02 -1.64 -37.67
CA ALA C 145 25.63 -1.18 -37.51
C ALA C 145 25.48 0.33 -37.70
N ILE C 146 26.42 1.14 -37.22
CA ILE C 146 26.43 2.59 -37.41
C ILE C 146 26.57 2.96 -38.90
N ALA C 147 27.49 2.31 -39.60
CA ALA C 147 27.70 2.49 -41.03
C ALA C 147 26.50 2.04 -41.88
N ALA C 148 25.84 0.95 -41.49
CA ALA C 148 24.62 0.48 -42.12
C ALA C 148 23.40 1.40 -41.89
N GLY C 149 23.46 2.35 -40.94
CA GLY C 149 22.33 3.20 -40.58
C GLY C 149 21.31 2.53 -39.65
N ASN C 150 21.60 1.35 -39.11
CA ASN C 150 20.81 0.71 -38.06
C ASN C 150 21.17 1.28 -36.69
N THR C 151 20.94 2.57 -36.50
CA THR C 151 21.40 3.28 -35.31
C THR C 151 20.42 4.37 -34.89
N ILE C 152 20.30 4.58 -33.58
CA ILE C 152 19.49 5.63 -32.96
C ILE C 152 20.25 6.15 -31.74
N ALA C 153 20.23 7.46 -31.49
CA ALA C 153 20.78 8.00 -30.26
C ALA C 153 19.83 7.76 -29.08
N ASP C 154 20.37 7.32 -27.96
CA ASP C 154 19.69 7.32 -26.67
C ASP C 154 19.06 8.68 -26.40
N GLY C 155 17.80 8.71 -25.98
CA GLY C 155 17.06 9.93 -25.75
C GLY C 155 16.45 10.55 -27.00
N THR C 156 16.42 9.85 -28.13
CA THR C 156 15.62 10.23 -29.31
C THR C 156 14.12 10.08 -29.06
N GLY C 157 13.69 8.92 -28.54
CA GLY C 157 12.30 8.62 -28.27
C GLY C 157 11.78 9.15 -26.94
N ILE C 158 10.68 8.57 -26.47
CA ILE C 158 10.06 8.86 -25.17
C ILE C 158 11.00 8.48 -24.01
N ASP C 159 11.56 7.28 -24.07
CA ASP C 159 12.41 6.68 -23.05
C ASP C 159 13.28 5.59 -23.70
N LEU C 160 14.23 5.02 -22.96
CA LEU C 160 15.09 3.96 -23.49
C LEU C 160 14.29 2.77 -24.04
N ALA C 161 13.13 2.41 -23.49
CA ALA C 161 12.34 1.31 -24.05
C ALA C 161 11.73 1.65 -25.41
N ASP C 162 11.45 2.93 -25.69
CA ASP C 162 11.11 3.41 -27.02
C ASP C 162 12.31 3.27 -27.99
N ASP C 163 13.49 3.70 -27.56
CA ASP C 163 14.71 3.58 -28.35
C ASP C 163 15.09 2.12 -28.64
N ILE C 164 14.93 1.19 -27.68
CA ILE C 164 15.14 -0.24 -27.91
C ILE C 164 14.11 -0.82 -28.88
N ASN C 165 12.85 -0.37 -28.82
CA ASN C 165 11.83 -0.79 -29.75
C ASN C 165 12.20 -0.40 -31.19
N GLU C 166 12.70 0.81 -31.40
CA GLU C 166 13.21 1.22 -32.71
C GLU C 166 14.46 0.44 -33.11
N ALA C 167 15.40 0.19 -32.19
CA ALA C 167 16.58 -0.62 -32.48
C ALA C 167 16.22 -2.03 -32.95
N PHE C 168 15.30 -2.72 -32.29
CA PHE C 168 14.82 -4.03 -32.74
C PHE C 168 14.11 -3.91 -34.10
N GLY C 169 13.45 -2.79 -34.34
CA GLY C 169 12.79 -2.48 -35.60
C GLY C 169 13.72 -2.38 -36.80
N PHE C 170 14.93 -1.85 -36.65
CA PHE C 170 15.89 -1.82 -37.75
C PHE C 170 16.30 -3.23 -38.20
N VAL C 171 16.51 -4.14 -37.24
CA VAL C 171 16.85 -5.53 -37.53
C VAL C 171 15.67 -6.22 -38.22
N GLU C 172 14.46 -6.03 -37.70
CA GLU C 172 13.24 -6.61 -38.26
C GLU C 172 12.98 -6.16 -39.71
N ASP C 173 13.15 -4.86 -39.99
CA ASP C 173 13.01 -4.27 -41.33
C ASP C 173 14.13 -4.65 -42.30
N ASP C 174 15.23 -5.18 -41.82
CA ASP C 174 16.28 -5.77 -42.64
C ASP C 174 16.05 -7.28 -42.85
N GLU C 175 14.90 -7.83 -42.44
CA GLU C 175 14.53 -9.24 -42.55
C GLU C 175 15.39 -10.20 -41.71
N PHE C 176 15.99 -9.67 -40.65
CA PHE C 176 16.70 -10.45 -39.65
C PHE C 176 15.89 -10.59 -38.35
N ASP C 177 16.30 -11.49 -37.46
CA ASP C 177 15.61 -11.75 -36.20
C ASP C 177 16.47 -11.35 -35.00
N VAL C 178 15.93 -10.57 -34.07
CA VAL C 178 16.62 -10.29 -32.80
C VAL C 178 16.63 -11.55 -31.96
N ASN C 179 17.83 -12.07 -31.72
CA ASN C 179 18.11 -13.29 -30.98
C ASN C 179 19.07 -13.04 -29.82
N VAL C 180 19.78 -11.92 -29.82
CA VAL C 180 20.80 -11.56 -28.84
C VAL C 180 20.82 -10.05 -28.65
N ALA C 181 21.16 -9.62 -27.45
CA ALA C 181 21.40 -8.22 -27.12
C ALA C 181 22.56 -8.12 -26.12
N PHE C 182 23.44 -7.15 -26.30
CA PHE C 182 24.62 -6.93 -25.50
C PHE C 182 24.61 -5.53 -24.92
N THR C 183 25.09 -5.37 -23.69
CA THR C 183 25.19 -4.09 -23.02
C THR C 183 26.18 -4.14 -21.85
N GLY C 184 26.55 -3.00 -21.28
CA GLY C 184 27.30 -2.95 -20.02
C GLY C 184 26.39 -2.86 -18.81
N ARG C 185 26.96 -3.03 -17.61
CA ARG C 185 26.23 -3.05 -16.33
C ARG C 185 25.41 -1.80 -16.04
N PHE C 186 25.77 -0.66 -16.62
CA PHE C 186 25.08 0.62 -16.48
C PHE C 186 23.62 0.60 -16.96
N LEU C 187 23.19 -0.36 -17.80
CA LEU C 187 21.81 -0.39 -18.28
C LEU C 187 20.82 -0.80 -17.19
N ARG C 188 21.25 -1.50 -16.14
CA ARG C 188 20.37 -1.96 -15.05
C ARG C 188 19.62 -0.80 -14.40
N ARG C 189 20.29 0.30 -14.06
CA ARG C 189 19.62 1.48 -13.52
C ARG C 189 18.73 2.19 -14.52
N ARG C 190 19.04 2.14 -15.82
CA ARG C 190 18.19 2.71 -16.88
C ARG C 190 16.87 1.97 -17.02
N LEU C 191 16.89 0.64 -16.95
CA LEU C 191 15.70 -0.19 -16.99
C LEU C 191 14.84 -0.05 -15.73
N ARG C 192 15.42 -0.13 -14.52
CA ARG C 192 14.70 0.18 -13.28
C ARG C 192 14.09 1.59 -13.29
N GLY C 193 14.77 2.54 -13.89
CA GLY C 193 14.32 3.92 -14.04
C GLY C 193 13.26 4.20 -15.11
N LEU C 194 12.68 3.21 -15.78
CA LEU C 194 11.62 3.41 -16.77
C LEU C 194 10.27 3.63 -16.07
N ARG C 195 9.79 4.88 -16.07
CA ARG C 195 8.50 5.29 -15.54
C ARG C 195 7.59 5.76 -16.67
N ASP C 196 6.28 5.61 -16.49
CA ASP C 196 5.28 6.36 -17.25
C ASP C 196 5.29 7.85 -16.85
N ALA C 197 4.49 8.66 -17.53
CA ALA C 197 4.41 10.09 -17.30
C ALA C 197 3.71 10.49 -16.00
N ASP C 198 3.02 9.57 -15.30
CA ASP C 198 2.60 9.76 -13.91
C ASP C 198 3.68 9.34 -12.89
N ASN C 199 4.87 9.02 -13.37
CA ASN C 199 5.99 8.51 -12.61
C ASN C 199 5.77 7.10 -12.03
N ALA C 200 4.78 6.32 -12.47
CA ALA C 200 4.66 4.93 -12.08
C ALA C 200 5.57 4.01 -12.93
N PRO C 201 6.16 2.95 -12.40
CA PRO C 201 7.06 2.06 -13.15
C PRO C 201 6.38 1.31 -14.32
N ILE C 202 7.05 1.24 -15.47
CA ILE C 202 6.60 0.42 -16.62
C ILE C 202 7.44 -0.83 -16.86
N TYR C 203 8.66 -0.88 -16.32
CA TYR C 203 9.56 -2.03 -16.45
C TYR C 203 9.44 -2.98 -15.24
N LEU C 204 9.60 -2.47 -14.02
CA LEU C 204 9.48 -3.25 -12.79
C LEU C 204 8.02 -3.48 -12.36
N ASP C 205 7.80 -4.50 -11.55
CA ASP C 205 6.58 -4.69 -10.74
C ASP C 205 6.63 -3.80 -9.47
N GLY C 206 6.67 -2.49 -9.64
CA GLY C 206 6.81 -1.54 -8.53
C GLY C 206 8.23 -1.44 -7.95
N VAL C 207 8.51 -0.36 -7.22
CA VAL C 207 9.87 -0.04 -6.75
C VAL C 207 10.27 -0.73 -5.45
N ARG C 208 9.36 -1.32 -4.66
CA ARG C 208 9.72 -1.90 -3.35
C ARG C 208 10.51 -3.20 -3.47
N SER C 209 9.93 -4.23 -4.07
CA SER C 209 10.46 -5.60 -3.96
C SER C 209 11.16 -6.16 -5.20
N ASP C 210 11.12 -5.45 -6.32
CA ASP C 210 11.61 -5.95 -7.62
C ASP C 210 12.91 -5.27 -8.04
N ASN C 211 13.86 -6.05 -8.56
CA ASN C 211 15.04 -5.56 -9.27
C ASN C 211 15.44 -6.42 -10.47
N ARG C 212 14.59 -7.36 -10.91
CA ARG C 212 14.94 -8.27 -12.00
C ARG C 212 15.16 -7.49 -13.30
N THR C 213 16.38 -7.49 -13.81
CA THR C 213 16.85 -6.65 -14.94
C THR C 213 17.49 -7.47 -16.06
N ALA C 214 17.20 -8.76 -16.12
CA ALA C 214 17.82 -9.72 -17.04
C ALA C 214 17.39 -9.60 -18.51
N GLU C 215 16.35 -8.83 -18.82
CA GLU C 215 15.52 -9.05 -20.01
C GLU C 215 14.83 -7.77 -20.46
N ILE C 216 14.63 -7.53 -21.75
CA ILE C 216 13.80 -6.44 -22.27
C ILE C 216 13.00 -6.93 -23.47
N TYR C 217 11.71 -6.60 -23.57
CA TYR C 217 10.77 -7.19 -24.54
C TYR C 217 10.88 -8.72 -24.62
N GLY C 218 11.06 -9.40 -23.50
CA GLY C 218 11.23 -10.84 -23.48
C GLY C 218 12.56 -11.36 -24.06
N GLN C 219 13.51 -10.49 -24.40
CA GLN C 219 14.83 -10.84 -24.89
C GLN C 219 15.85 -10.73 -23.76
N ASP C 220 16.52 -11.84 -23.44
CA ASP C 220 17.61 -11.88 -22.47
C ASP C 220 18.75 -10.92 -22.88
N LEU C 221 19.28 -10.17 -21.92
CA LEU C 221 20.39 -9.25 -22.10
C LEU C 221 21.67 -9.96 -21.68
N MET C 222 22.72 -9.89 -22.50
CA MET C 222 24.05 -10.32 -22.13
C MET C 222 24.82 -9.11 -21.61
N TYR C 223 25.09 -9.09 -20.31
CA TYR C 223 25.87 -8.05 -19.67
C TYR C 223 27.36 -8.37 -19.81
N VAL C 224 28.07 -7.54 -20.55
CA VAL C 224 29.48 -7.71 -20.88
C VAL C 224 30.36 -7.22 -19.73
N GLY C 225 30.66 -8.12 -18.78
CA GLY C 225 31.46 -7.85 -17.58
C GLY C 225 32.98 -8.03 -17.77
N ASN C 226 33.42 -8.38 -18.97
CA ASN C 226 34.82 -8.59 -19.37
C ASN C 226 35.65 -7.27 -19.45
N ARG C 227 35.03 -6.12 -19.13
CA ARG C 227 35.54 -4.74 -19.33
C ARG C 227 35.92 -4.43 -20.78
N SER C 228 35.46 -5.24 -21.71
CA SER C 228 35.60 -5.04 -23.15
C SER C 228 34.56 -4.10 -23.74
N TRP C 229 33.46 -3.78 -23.04
CA TRP C 229 32.40 -2.92 -23.54
C TRP C 229 32.78 -1.44 -23.51
N ASP C 230 32.49 -0.69 -24.57
CA ASP C 230 32.73 0.76 -24.59
C ASP C 230 31.43 1.57 -24.60
N ARG C 231 31.03 2.06 -23.42
CA ARG C 231 29.79 2.84 -23.25
C ARG C 231 29.81 4.23 -23.88
N ASP C 232 30.95 4.72 -24.35
CA ASP C 232 31.01 5.92 -25.18
C ASP C 232 30.67 5.62 -26.64
N GLU C 233 30.72 4.37 -27.05
CA GLU C 233 30.38 3.93 -28.40
C GLU C 233 28.98 3.33 -28.45
N ALA C 234 28.57 2.50 -27.48
CA ALA C 234 27.26 1.87 -27.49
C ALA C 234 26.62 1.78 -26.11
N VAL C 235 25.33 2.07 -26.06
CA VAL C 235 24.46 1.78 -24.93
C VAL C 235 24.02 0.32 -25.00
N LEU C 236 23.57 -0.10 -26.18
CA LEU C 236 23.13 -1.46 -26.45
C LEU C 236 23.40 -1.83 -27.92
N LEU C 237 23.73 -3.09 -28.18
CA LEU C 237 23.80 -3.71 -29.50
C LEU C 237 22.84 -4.90 -29.53
N ALA C 238 21.94 -4.99 -30.50
CA ALA C 238 21.04 -6.14 -30.66
C ALA C 238 21.01 -6.62 -32.10
N GLY C 239 20.70 -7.89 -32.33
CA GLY C 239 20.67 -8.46 -33.66
C GLY C 239 20.55 -9.97 -33.70
N ASP C 240 20.88 -10.54 -34.84
CA ASP C 240 20.83 -11.98 -35.07
C ASP C 240 22.17 -12.66 -34.83
N ARG C 241 22.29 -13.44 -33.75
CA ARG C 241 23.52 -14.19 -33.42
C ARG C 241 23.94 -15.19 -34.51
N SER C 242 22.99 -15.72 -35.27
CA SER C 242 23.25 -16.71 -36.31
C SER C 242 24.06 -16.14 -37.47
N LYS C 243 24.03 -14.82 -37.67
CA LYS C 243 24.69 -14.11 -38.76
C LYS C 243 26.13 -13.70 -38.46
N VAL C 244 26.70 -14.17 -37.36
CA VAL C 244 28.11 -14.03 -37.02
C VAL C 244 28.73 -15.41 -36.96
N LEU C 245 29.92 -15.55 -37.54
CA LEU C 245 30.68 -16.77 -37.55
C LEU C 245 32.07 -16.51 -37.01
N LEU C 246 32.47 -17.33 -36.03
CA LEU C 246 33.85 -17.38 -35.58
C LEU C 246 34.50 -18.65 -36.11
N GLY C 247 35.78 -18.61 -36.39
CA GLY C 247 36.59 -19.80 -36.63
C GLY C 247 37.57 -19.97 -35.50
N ILE C 248 37.70 -21.17 -34.95
CA ILE C 248 38.82 -21.53 -34.08
C ILE C 248 39.82 -22.28 -34.95
N ARG C 249 40.98 -21.68 -35.17
CA ARG C 249 42.07 -22.32 -35.93
C ARG C 249 42.98 -23.12 -35.03
N GLU C 250 43.27 -22.62 -33.84
CA GLU C 250 44.08 -23.31 -32.86
C GLU C 250 43.74 -22.81 -31.46
N ASP C 251 43.34 -23.73 -30.58
CA ASP C 251 43.03 -23.45 -29.18
C ASP C 251 44.25 -22.88 -28.44
N VAL C 252 44.01 -22.27 -27.28
CA VAL C 252 45.06 -21.65 -26.48
C VAL C 252 46.19 -22.64 -26.21
N GLN C 253 47.39 -22.33 -26.68
CA GLN C 253 48.61 -23.07 -26.39
C GLN C 253 49.45 -22.26 -25.42
N VAL C 254 50.03 -22.93 -24.42
CA VAL C 254 50.93 -22.30 -23.47
C VAL C 254 52.21 -23.11 -23.30
N LYS C 255 53.35 -22.46 -23.44
CA LYS C 255 54.69 -23.06 -23.36
C LYS C 255 55.51 -22.39 -22.28
N LEU C 256 56.13 -23.17 -21.40
CA LEU C 256 57.14 -22.67 -20.49
C LEU C 256 58.46 -22.45 -21.22
N LEU C 257 58.93 -21.23 -21.27
CA LEU C 257 60.24 -20.85 -21.81
C LEU C 257 61.24 -20.74 -20.65
N THR C 258 62.43 -21.30 -20.82
CA THR C 258 63.50 -21.23 -19.82
C THR C 258 64.85 -20.83 -20.41
N GLU C 259 65.04 -20.85 -21.73
CA GLU C 259 66.31 -20.51 -22.41
C GLU C 259 66.23 -19.39 -23.46
N ALA C 260 65.03 -19.00 -23.90
CA ALA C 260 64.84 -17.97 -24.91
C ALA C 260 65.38 -16.60 -24.47
N THR C 261 65.56 -15.68 -25.41
CA THR C 261 65.78 -14.26 -25.11
C THR C 261 64.51 -13.50 -25.43
N ILE C 262 63.90 -12.83 -24.45
CA ILE C 262 62.61 -12.16 -24.56
C ILE C 262 62.81 -10.66 -24.34
N GLY C 263 62.57 -9.81 -25.32
CA GLY C 263 62.72 -8.36 -25.16
C GLY C 263 64.13 -7.89 -24.78
N GLY C 264 65.15 -8.69 -25.07
CA GLY C 264 66.53 -8.50 -24.62
C GLY C 264 66.88 -9.13 -23.26
N ILE C 265 65.92 -9.66 -22.51
CA ILE C 265 66.15 -10.47 -21.31
C ILE C 265 66.62 -11.86 -21.74
N ASN C 266 67.83 -12.28 -21.41
CA ASN C 266 68.28 -13.66 -21.61
C ASN C 266 67.80 -14.54 -20.45
N LEU C 267 66.78 -15.39 -20.63
CA LEU C 267 66.14 -16.05 -19.49
C LEU C 267 67.09 -16.94 -18.70
N ALA C 268 67.83 -17.85 -19.34
CA ALA C 268 68.69 -18.79 -18.64
C ALA C 268 69.84 -18.11 -17.90
N GLU C 269 70.50 -17.15 -18.54
CA GLU C 269 71.57 -16.34 -17.96
C GLU C 269 71.10 -15.48 -16.78
N LYS C 270 69.82 -15.13 -16.70
CA LYS C 270 69.23 -14.35 -15.60
C LYS C 270 68.40 -15.17 -14.62
N ASP C 271 68.39 -16.50 -14.72
CA ASP C 271 67.62 -17.40 -13.86
C ASP C 271 66.12 -17.07 -13.85
N MET C 272 65.60 -16.57 -14.97
CA MET C 272 64.19 -16.31 -15.17
C MET C 272 63.54 -17.42 -15.98
N VAL C 273 62.22 -17.42 -16.00
CA VAL C 273 61.36 -18.27 -16.83
C VAL C 273 60.23 -17.42 -17.38
N ALA C 274 59.50 -17.91 -18.38
CA ALA C 274 58.35 -17.21 -18.91
C ALA C 274 57.28 -18.18 -19.38
N LEU C 275 56.02 -17.75 -19.37
CA LEU C 275 54.95 -18.45 -20.07
C LEU C 275 54.63 -17.69 -21.35
N ARG C 276 54.60 -18.39 -22.48
CA ARG C 276 54.15 -17.87 -23.75
C ARG C 276 52.77 -18.42 -24.04
N PHE C 277 51.77 -17.57 -24.18
CA PHE C 277 50.40 -17.96 -24.55
C PHE C 277 50.07 -17.47 -25.95
N LYS C 278 49.44 -18.31 -26.77
CA LYS C 278 49.04 -17.99 -28.15
C LYS C 278 47.69 -18.61 -28.49
N PHE C 279 46.89 -17.95 -29.32
CA PHE C 279 45.54 -18.42 -29.70
C PHE C 279 45.20 -17.96 -31.11
N ARG C 280 44.70 -18.84 -31.99
CA ARG C 280 44.35 -18.47 -33.37
C ARG C 280 42.85 -18.53 -33.63
N VAL C 281 42.30 -17.42 -34.09
CA VAL C 281 40.85 -17.20 -34.19
C VAL C 281 40.52 -16.35 -35.41
N ALA C 282 39.34 -16.53 -35.99
CA ALA C 282 38.83 -15.78 -37.12
C ALA C 282 37.44 -15.23 -36.82
N TYR C 283 37.09 -14.08 -37.38
CA TYR C 283 35.76 -13.49 -37.30
C TYR C 283 35.24 -13.09 -38.68
N SER C 284 34.00 -13.43 -38.98
CA SER C 284 33.28 -12.86 -40.10
C SER C 284 31.78 -12.78 -39.83
N THR C 285 31.14 -11.79 -40.45
CA THR C 285 29.69 -11.71 -40.59
C THR C 285 29.25 -12.58 -41.77
N ALA C 286 28.38 -13.54 -41.51
CA ALA C 286 27.90 -14.52 -42.46
C ALA C 286 26.40 -14.33 -42.73
N PHE C 287 26.04 -13.37 -43.58
CA PHE C 287 24.67 -13.09 -44.01
C PHE C 287 24.60 -12.72 -45.49
N SER C 288 23.43 -12.95 -46.08
CA SER C 288 23.08 -12.58 -47.45
C SER C 288 22.07 -11.45 -47.44
N THR C 289 22.21 -10.51 -48.37
CA THR C 289 21.21 -9.46 -48.61
C THR C 289 20.52 -9.57 -49.97
N ALA C 290 20.38 -10.79 -50.49
CA ALA C 290 19.68 -11.01 -51.76
C ALA C 290 18.20 -10.59 -51.65
N GLY C 291 17.71 -9.79 -52.59
CA GLY C 291 16.39 -9.16 -52.56
C GLY C 291 16.28 -7.93 -51.68
N GLY C 292 17.08 -7.84 -50.61
CA GLY C 292 17.23 -6.65 -49.79
C GLY C 292 18.05 -5.54 -50.45
N GLU C 293 18.34 -4.50 -49.69
CA GLU C 293 19.29 -3.46 -50.09
C GLU C 293 20.71 -3.82 -49.64
N VAL C 294 21.73 -3.29 -50.31
CA VAL C 294 23.12 -3.61 -50.00
C VAL C 294 23.53 -3.15 -48.60
N THR C 295 22.82 -2.18 -48.02
CA THR C 295 23.03 -1.66 -46.66
C THR C 295 22.27 -2.40 -45.57
N ASP C 296 21.45 -3.40 -45.89
CA ASP C 296 20.75 -4.18 -44.86
C ASP C 296 21.74 -4.92 -43.96
N TYR C 297 21.49 -4.95 -42.65
CA TYR C 297 22.45 -5.41 -41.67
C TYR C 297 21.80 -6.14 -40.49
N PRO C 298 22.35 -7.26 -40.00
CA PRO C 298 21.71 -8.08 -38.99
C PRO C 298 21.84 -7.58 -37.55
N PHE C 299 22.33 -6.36 -37.33
CA PHE C 299 22.48 -5.75 -36.01
C PHE C 299 22.06 -4.29 -36.03
N ALA C 300 21.74 -3.76 -34.86
CA ALA C 300 21.41 -2.37 -34.62
C ALA C 300 22.04 -1.91 -33.31
N VAL C 301 22.37 -0.62 -33.20
CA VAL C 301 22.92 -0.05 -31.96
C VAL C 301 22.17 1.17 -31.48
N ILE C 302 22.10 1.31 -30.17
CA ILE C 302 21.78 2.57 -29.51
C ILE C 302 23.10 3.22 -29.16
N THR C 303 23.40 4.39 -29.73
CA THR C 303 24.54 5.21 -29.34
C THR C 303 24.18 6.11 -28.15
N PRO C 304 25.14 6.56 -27.33
CA PRO C 304 24.86 7.42 -26.20
C PRO C 304 24.28 8.79 -26.58
N ASP C 305 23.61 9.41 -25.63
CA ASP C 305 22.86 10.65 -25.80
C ASP C 305 23.75 11.86 -26.11
N ALA D 2 89.85 -12.30 88.82
CA ALA D 2 89.27 -12.59 87.48
C ALA D 2 87.98 -13.37 87.63
N ASP D 3 86.89 -12.82 87.09
CA ASP D 3 85.60 -13.49 87.08
C ASP D 3 84.79 -12.98 85.90
N ILE D 4 83.74 -13.74 85.56
CA ILE D 4 82.83 -13.36 84.49
C ILE D 4 81.91 -12.27 85.04
N SER D 5 82.19 -11.02 84.71
CA SER D 5 81.30 -9.94 85.10
C SER D 5 80.06 -9.96 84.22
N ARG D 6 79.07 -9.14 84.60
CA ARG D 6 77.86 -9.07 83.79
C ARG D 6 78.14 -8.45 82.43
N ALA D 7 79.08 -7.51 82.36
CA ALA D 7 79.44 -6.92 81.07
C ALA D 7 80.12 -7.94 80.17
N ASP D 8 80.92 -8.84 80.75
CA ASP D 8 81.59 -9.86 79.94
C ASP D 8 80.59 -10.78 79.27
N ALA D 9 79.44 -11.01 79.90
CA ALA D 9 78.43 -11.89 79.36
C ALA D 9 77.21 -11.13 78.87
N LEU D 10 77.32 -9.81 78.70
CA LEU D 10 76.18 -9.02 78.27
C LEU D 10 75.58 -9.54 76.97
N ALA D 11 76.42 -9.98 76.05
CA ALA D 11 75.95 -10.44 74.76
C ALA D 11 75.18 -11.76 74.83
N LEU D 12 75.12 -12.41 76.00
CA LEU D 12 74.39 -13.64 76.14
C LEU D 12 73.06 -13.47 76.84
N LEU D 13 72.78 -12.29 77.38
CA LEU D 13 71.59 -12.11 78.21
C LEU D 13 70.33 -12.11 77.36
N ALA D 14 69.26 -12.66 77.92
CA ALA D 14 67.98 -12.67 77.26
C ALA D 14 67.37 -11.28 77.22
N THR D 15 66.50 -11.01 76.31
CA THR D 15 65.75 -9.85 76.05
C THR D 15 64.27 -10.07 76.19
N GLN D 16 63.49 -9.08 76.45
CA GLN D 16 62.09 -9.07 76.61
C GLN D 16 61.46 -7.77 76.23
N GLU D 17 60.46 -7.73 75.40
CA GLU D 17 59.63 -6.66 75.01
C GLU D 17 58.26 -6.80 75.59
N LEU D 18 57.64 -5.74 76.13
CA LEU D 18 56.24 -5.82 76.57
C LEU D 18 55.33 -6.27 75.42
N ASP D 19 54.37 -7.14 75.74
CA ASP D 19 53.37 -7.66 74.81
C ASP D 19 52.14 -6.75 74.66
N SER D 20 52.24 -5.50 75.10
CA SER D 20 51.20 -4.47 75.01
C SER D 20 51.82 -3.07 75.07
N ILE D 21 51.06 -2.05 74.70
CA ILE D 21 51.54 -0.66 74.61
C ILE D 21 51.01 0.17 75.78
N ILE D 22 51.87 1.02 76.35
CA ILE D 22 51.47 2.04 77.31
C ILE D 22 50.76 3.17 76.55
N LYS D 23 49.45 3.27 76.72
CA LYS D 23 48.56 4.28 76.12
C LYS D 23 47.39 4.60 77.06
N PRO D 24 46.71 5.75 76.95
CA PRO D 24 45.47 6.01 77.68
C PRO D 24 44.39 5.01 77.30
N GLU D 25 43.53 4.64 78.24
CA GLU D 25 42.29 3.95 77.91
C GLU D 25 41.38 4.88 77.11
N THR D 26 40.80 4.39 76.02
CA THR D 26 40.08 5.23 75.05
C THR D 26 38.71 5.67 75.58
N SER D 27 38.27 6.87 75.25
CA SER D 27 36.99 7.42 75.71
C SER D 27 35.78 7.00 74.88
N GLY D 28 35.89 7.00 73.57
CA GLY D 28 34.73 7.03 72.67
C GLY D 28 33.97 8.35 72.67
N SER D 29 33.05 8.56 71.73
CA SER D 29 32.26 9.80 71.64
C SER D 29 31.27 9.96 72.78
N ALA D 30 31.26 11.12 73.42
CA ALA D 30 30.25 11.49 74.40
C ALA D 30 28.85 11.57 73.76
N ALA D 31 28.76 12.02 72.50
CA ALA D 31 27.51 12.03 71.76
C ALA D 31 26.97 10.60 71.53
N LEU D 32 27.79 9.66 71.03
CA LEU D 32 27.37 8.27 70.84
C LEU D 32 27.07 7.57 72.16
N ALA D 33 27.72 7.97 73.25
CA ALA D 33 27.45 7.42 74.58
C ALA D 33 26.11 7.91 75.16
N ALA D 34 25.80 9.19 75.04
CA ALA D 34 24.62 9.81 75.67
C ALA D 34 23.33 9.64 74.87
N PHE D 35 23.37 9.89 73.56
CA PHE D 35 22.14 9.98 72.71
C PHE D 35 21.81 8.66 72.02
N ARG D 36 20.52 8.29 71.97
CA ARG D 36 20.05 7.06 71.27
C ARG D 36 20.31 7.27 69.77
N SER D 37 20.64 6.21 69.02
CA SER D 37 20.95 6.30 67.57
C SER D 37 20.08 5.34 66.74
N ILE D 38 19.91 5.59 65.43
CA ILE D 38 19.18 4.73 64.50
C ILE D 38 20.08 4.32 63.33
N ARG D 39 19.87 3.12 62.79
CA ARG D 39 20.52 2.67 61.56
C ARG D 39 19.86 3.35 60.36
N MET D 40 20.63 4.07 59.56
CA MET D 40 20.17 4.69 58.32
C MET D 40 20.50 3.80 57.13
N SER D 41 19.63 3.73 56.12
CA SER D 41 19.86 2.99 54.88
C SER D 41 19.93 3.85 53.62
N ALA D 42 19.69 5.15 53.69
CA ALA D 42 19.48 5.99 52.51
C ALA D 42 20.39 7.24 52.39
N GLY D 43 21.10 7.63 53.45
CA GLY D 43 21.92 8.86 53.47
C GLY D 43 21.15 10.10 53.93
N THR D 44 19.84 10.17 53.64
CA THR D 44 18.93 11.26 54.11
C THR D 44 17.63 10.61 54.61
N VAL D 45 17.55 10.27 55.90
CA VAL D 45 16.33 9.66 56.54
C VAL D 45 15.30 10.79 56.74
N SER D 46 14.01 10.49 56.94
CA SER D 46 12.94 11.50 57.23
C SER D 46 12.47 11.31 58.67
N MET D 47 11.98 12.37 59.34
CA MET D 47 11.61 12.32 60.78
C MET D 47 10.28 13.04 61.08
N PRO D 48 9.10 12.39 61.19
CA PRO D 48 7.89 13.06 61.60
C PRO D 48 7.97 13.50 63.06
N VAL D 49 7.60 14.74 63.35
CA VAL D 49 7.58 15.33 64.69
C VAL D 49 6.18 15.85 64.99
N LEU D 50 5.59 15.47 66.11
CA LEU D 50 4.37 15.94 66.66
C LEU D 50 4.39 17.45 66.77
N ALA D 51 3.37 18.14 66.39
CA ALA D 51 3.23 19.54 66.31
C ALA D 51 2.12 20.19 67.07
N ALA D 52 1.03 19.55 67.33
CA ALA D 52 -0.14 20.01 67.96
C ALA D 52 -0.88 18.95 68.71
N LEU D 53 -1.53 19.24 69.78
CA LEU D 53 -2.30 18.43 70.65
C LEU D 53 -3.78 18.61 70.48
N PRO D 54 -4.60 17.59 70.75
CA PRO D 54 -6.03 17.74 70.75
C PRO D 54 -6.56 18.47 71.95
N THR D 55 -7.81 18.80 71.99
CA THR D 55 -8.55 19.46 72.99
C THR D 55 -9.89 18.82 73.23
N ALA D 56 -10.14 18.25 74.42
CA ALA D 56 -11.42 17.59 74.77
C ALA D 56 -12.29 18.57 75.57
N GLY D 57 -13.61 18.36 75.61
CA GLY D 57 -14.55 19.19 76.38
C GLY D 57 -15.57 18.34 77.10
N TRP D 58 -16.03 18.76 78.30
CA TRP D 58 -17.03 18.00 79.09
C TRP D 58 -18.38 18.05 78.37
N VAL D 59 -19.16 16.96 78.38
CA VAL D 59 -20.44 16.89 77.67
C VAL D 59 -21.49 16.34 78.62
N THR D 60 -22.70 16.90 78.55
CA THR D 60 -23.81 16.43 79.35
C THR D 60 -24.60 15.38 78.59
N ASP D 61 -25.52 14.71 79.29
CA ASP D 61 -26.31 13.64 78.70
C ASP D 61 -27.79 13.80 79.04
N ASP D 62 -28.22 15.00 79.42
CA ASP D 62 -29.57 15.18 79.95
C ASP D 62 -30.60 15.25 78.83
N THR D 63 -30.44 16.21 77.92
CA THR D 63 -31.43 16.43 76.89
C THR D 63 -30.75 16.97 75.64
N SER D 64 -31.24 16.53 74.48
CA SER D 64 -30.82 17.14 73.24
C SER D 64 -31.22 18.62 73.24
N GLY D 65 -30.66 19.37 72.29
CA GLY D 65 -30.90 20.79 72.21
C GLY D 65 -30.04 21.63 73.13
N ALA D 66 -29.50 21.06 74.20
CA ALA D 66 -28.54 21.77 75.03
C ALA D 66 -27.18 21.79 74.35
N ALA D 67 -26.55 22.96 74.30
CA ALA D 67 -25.26 23.06 73.64
C ALA D 67 -24.20 22.25 74.35
N THR D 68 -24.29 22.14 75.68
CA THR D 68 -23.28 21.39 76.44
C THR D 68 -23.29 19.92 76.11
N GLY D 69 -24.25 19.43 75.33
CA GLY D 69 -24.34 18.03 75.01
C GLY D 69 -23.62 17.61 73.75
N THR D 70 -23.11 18.49 72.95
CA THR D 70 -22.47 18.29 71.71
C THR D 70 -20.99 18.05 71.87
N LYS D 71 -20.44 16.98 71.42
CA LYS D 71 -19.08 16.63 71.47
C LYS D 71 -18.25 17.59 70.65
N PRO D 72 -17.12 18.10 71.15
CA PRO D 72 -16.28 19.00 70.39
C PRO D 72 -15.41 18.31 69.38
N THR D 73 -14.82 19.08 68.47
CA THR D 73 -13.84 18.58 67.50
C THR D 73 -12.50 19.28 67.69
N SER D 74 -11.42 18.57 67.39
CA SER D 74 -10.06 19.07 67.47
C SER D 74 -9.14 18.35 66.49
N LYS D 75 -7.94 18.88 66.26
CA LYS D 75 -6.97 18.33 65.33
C LYS D 75 -5.64 18.00 66.02
N VAL D 76 -4.91 17.10 65.41
CA VAL D 76 -3.51 16.79 65.67
C VAL D 76 -2.75 17.17 64.41
N SER D 77 -1.51 17.62 64.51
CA SER D 77 -0.69 17.89 63.33
C SER D 77 0.76 17.52 63.58
N TRP D 78 1.51 17.35 62.50
CA TRP D 78 2.91 16.99 62.52
C TRP D 78 3.70 17.88 61.57
N THR D 79 5.02 17.86 61.68
CA THR D 79 5.98 18.46 60.75
C THR D 79 7.07 17.44 60.45
N GLY D 80 7.83 17.65 59.37
CA GLY D 80 8.97 16.83 58.99
C GLY D 80 10.29 17.57 59.14
N LYS D 81 11.34 16.86 59.52
CA LYS D 81 12.71 17.20 59.46
C LYS D 81 13.56 16.11 58.88
N ASN D 82 14.82 16.29 58.68
CA ASN D 82 15.76 15.47 58.03
C ASN D 82 16.95 15.09 58.87
N LEU D 83 17.35 13.82 58.86
CA LEU D 83 18.67 13.37 59.29
C LEU D 83 19.48 13.15 58.03
N VAL D 84 20.60 13.85 57.91
CA VAL D 84 21.49 13.83 56.75
C VAL D 84 22.84 13.28 57.17
N ALA D 85 23.29 12.19 56.55
CA ALA D 85 24.57 11.56 56.87
C ALA D 85 25.75 12.32 56.25
N GLU D 86 26.80 12.47 57.03
CA GLU D 86 28.05 13.13 56.67
C GLU D 86 29.22 12.23 57.05
N GLU D 87 30.37 12.44 56.43
CA GLU D 87 31.49 11.52 56.45
C GLU D 87 32.72 12.10 57.15
N ILE D 88 33.26 11.32 58.08
CA ILE D 88 34.54 11.54 58.75
C ILE D 88 35.51 10.47 58.22
N ALA D 89 36.68 10.88 57.75
CA ALA D 89 37.63 9.98 57.14
C ALA D 89 39.07 10.37 57.45
N VAL D 90 39.97 9.41 57.38
CA VAL D 90 41.37 9.56 57.55
C VAL D 90 42.16 8.45 56.90
N ILE D 91 43.28 8.77 56.26
CA ILE D 91 44.21 7.80 55.69
C ILE D 91 45.51 7.82 56.50
N VAL D 92 46.01 6.65 56.90
CA VAL D 92 47.18 6.37 57.64
C VAL D 92 48.20 5.63 56.81
N PRO D 93 49.25 6.24 56.28
CA PRO D 93 50.29 5.54 55.56
C PRO D 93 51.41 5.00 56.40
N VAL D 94 52.05 3.94 56.00
CA VAL D 94 53.12 3.26 56.62
C VAL D 94 53.89 2.41 55.66
N HIS D 95 55.16 2.24 55.81
CA HIS D 95 56.02 1.42 55.06
C HIS D 95 55.70 -0.04 55.24
N GLU D 96 55.82 -0.85 54.19
CA GLU D 96 55.58 -2.30 54.25
C GLU D 96 56.52 -3.02 55.23
N ASN D 97 57.79 -2.64 55.29
CA ASN D 97 58.78 -3.14 56.16
C ASN D 97 58.42 -2.91 57.60
N THR D 98 57.93 -1.76 57.92
CA THR D 98 57.44 -1.37 59.18
C THR D 98 56.41 -2.33 59.69
N ILE D 99 55.43 -2.69 58.87
CA ILE D 99 54.41 -3.67 59.25
C ILE D 99 55.04 -5.04 59.43
N ALA D 100 55.95 -5.43 58.54
CA ALA D 100 56.59 -6.69 58.53
C ALA D 100 57.46 -6.90 59.75
N ASP D 101 58.22 -5.88 60.16
CA ASP D 101 59.21 -6.00 61.26
C ASP D 101 58.54 -5.86 62.63
N SER D 102 57.49 -5.04 62.76
CA SER D 102 56.85 -4.76 64.07
C SER D 102 56.27 -6.05 64.66
N ARG D 103 56.51 -6.31 65.95
CA ARG D 103 55.93 -7.48 66.66
C ARG D 103 54.42 -7.32 66.70
N PHE D 104 53.92 -6.10 66.91
CA PHE D 104 52.47 -5.83 67.07
C PHE D 104 51.71 -5.66 65.77
N ASP D 105 50.42 -6.03 65.73
CA ASP D 105 49.52 -5.74 64.68
C ASP D 105 49.34 -4.26 64.59
N ILE D 106 50.15 -3.58 63.74
CA ILE D 106 50.15 -2.09 63.63
C ILE D 106 48.74 -1.59 63.40
N TRP D 107 47.98 -2.19 62.49
CA TRP D 107 46.57 -1.79 62.19
C TRP D 107 45.67 -2.11 63.38
N GLY D 108 46.04 -3.07 64.23
CA GLY D 108 45.33 -3.37 65.49
C GLY D 108 45.51 -2.22 66.49
N GLU D 109 46.69 -1.58 66.53
CA GLU D 109 47.02 -0.48 67.48
C GLU D 109 46.50 0.85 66.93
N VAL D 110 46.32 1.01 65.62
CA VAL D 110 45.89 2.19 64.96
C VAL D 110 44.40 2.37 64.95
N ARG D 111 43.62 1.31 64.78
CA ARG D 111 42.17 1.39 64.65
C ARG D 111 41.48 1.99 65.87
N PRO D 112 41.86 1.67 67.12
CA PRO D 112 41.20 2.28 68.28
C PRO D 112 41.48 3.77 68.38
N LEU D 113 42.69 4.20 68.05
CA LEU D 113 43.07 5.61 68.05
C LEU D 113 42.29 6.42 67.01
N VAL D 114 42.05 5.85 65.82
CA VAL D 114 41.23 6.48 64.78
C VAL D 114 39.77 6.55 65.19
N SER D 115 39.24 5.49 65.79
CA SER D 115 37.90 5.51 66.36
C SER D 115 37.74 6.59 67.44
N GLN D 116 38.75 6.81 68.29
CA GLN D 116 38.72 7.91 69.26
C GLN D 116 38.78 9.28 68.57
N GLU D 117 39.55 9.45 67.51
CA GLU D 117 39.64 10.62 66.72
C GLU D 117 38.32 10.96 66.08
N PHE D 118 37.65 9.98 65.48
CA PHE D 118 36.33 10.17 64.90
C PHE D 118 35.32 10.56 65.97
N GLY D 119 35.43 10.00 67.17
CA GLY D 119 34.64 10.40 68.33
C GLY D 119 34.86 11.85 68.75
N ARG D 120 36.11 12.34 68.79
CA ARG D 120 36.41 13.74 69.11
C ARG D 120 35.86 14.68 68.04
N VAL D 121 36.04 14.35 66.77
CA VAL D 121 35.55 15.15 65.64
C VAL D 121 34.03 15.22 65.62
N LEU D 122 33.33 14.12 65.90
CA LEU D 122 31.89 14.11 66.05
C LEU D 122 31.43 14.95 67.25
N ASP D 123 31.99 14.73 68.43
CA ASP D 123 31.64 15.50 69.63
C ASP D 123 31.82 17.00 69.43
N GLU D 124 32.94 17.45 68.87
CA GLU D 124 33.18 18.86 68.59
C GLU D 124 32.10 19.50 67.71
N ALA D 125 31.50 18.76 66.79
CA ALA D 125 30.47 19.24 65.88
C ALA D 125 29.05 19.11 66.45
N VAL D 126 28.78 18.17 67.35
CA VAL D 126 27.48 18.00 67.99
C VAL D 126 27.30 18.97 69.14
N PHE D 127 28.31 19.12 70.01
CA PHE D 127 28.21 20.00 71.17
C PHE D 127 28.48 21.45 70.80
N PHE D 128 29.57 21.72 70.08
CA PHE D 128 30.00 23.06 69.72
C PHE D 128 29.81 23.29 68.22
N GLY D 129 30.00 24.51 67.73
CA GLY D 129 29.87 24.77 66.29
C GLY D 129 30.99 24.17 65.43
N VAL D 130 32.05 23.67 66.03
CA VAL D 130 33.39 23.49 65.43
C VAL D 130 33.34 22.55 64.23
N ASN D 131 33.59 23.09 63.03
CA ASN D 131 33.57 22.37 61.75
C ASN D 131 32.27 21.58 61.48
N LYS D 132 31.12 21.98 62.03
CA LYS D 132 29.85 21.29 61.78
C LYS D 132 29.51 21.34 60.28
N PRO D 133 29.10 20.22 59.65
CA PRO D 133 28.63 20.22 58.28
C PRO D 133 27.46 21.19 58.03
N ALA D 134 27.48 21.90 56.91
CA ALA D 134 26.43 22.87 56.54
C ALA D 134 25.05 22.22 56.30
N THR D 135 25.04 20.94 55.95
CA THR D 135 23.84 20.13 55.71
C THR D 135 23.11 19.72 57.00
N TRP D 136 23.74 19.77 58.16
CA TRP D 136 23.10 19.57 59.46
C TRP D 136 22.38 20.86 59.88
N LEU D 137 21.10 20.97 59.57
CA LEU D 137 20.37 22.25 59.68
C LEU D 137 20.12 22.71 61.12
N ASP D 138 19.93 21.79 62.06
CA ASP D 138 19.84 22.11 63.48
C ASP D 138 21.18 22.60 64.04
N PRO D 139 21.21 23.67 64.86
CA PRO D 139 22.41 24.08 65.56
C PRO D 139 22.99 22.96 66.43
N ALA D 140 24.29 23.05 66.70
CA ALA D 140 24.93 22.28 67.76
C ALA D 140 24.36 22.66 69.15
N LEU D 141 24.46 21.79 70.13
CA LEU D 141 23.74 21.94 71.39
C LEU D 141 24.12 23.19 72.19
N VAL D 142 25.40 23.56 72.26
CA VAL D 142 25.83 24.77 72.95
C VAL D 142 25.36 26.03 72.21
N PRO D 143 25.70 26.28 70.92
CA PRO D 143 25.14 27.41 70.17
C PRO D 143 23.60 27.37 70.10
N GLY D 144 22.99 26.19 70.17
CA GLY D 144 21.53 25.99 70.16
C GLY D 144 20.87 26.46 71.44
N ALA D 145 21.49 26.22 72.60
CA ALA D 145 20.98 26.64 73.92
C ALA D 145 21.22 28.14 74.05
N ILE D 146 22.34 28.68 73.57
CA ILE D 146 22.64 30.06 73.60
C ILE D 146 21.61 30.86 72.87
N ALA D 147 21.24 30.45 71.70
CA ALA D 147 20.28 31.05 70.86
C ALA D 147 18.89 31.01 71.44
N ALA D 148 18.56 29.91 72.13
CA ALA D 148 17.22 29.70 72.73
C ALA D 148 16.99 30.56 73.98
N GLY D 149 18.04 31.22 74.50
CA GLY D 149 17.93 31.97 75.77
C GLY D 149 18.08 31.05 76.96
N ASN D 150 18.53 29.80 76.75
CA ASN D 150 18.83 28.82 77.84
C ASN D 150 20.33 28.99 78.10
N THR D 151 20.77 30.10 78.70
CA THR D 151 22.10 30.46 78.97
C THR D 151 22.26 31.34 80.18
N ILE D 152 23.26 31.18 80.98
CA ILE D 152 23.68 31.94 82.09
C ILE D 152 25.17 32.03 82.17
N ALA D 153 25.76 33.16 82.36
CA ALA D 153 27.15 33.42 82.51
C ALA D 153 27.66 32.89 83.82
N ASP D 154 28.77 32.18 83.85
CA ASP D 154 29.35 31.67 85.11
C ASP D 154 29.60 32.86 86.05
N GLY D 155 29.30 32.72 87.35
CA GLY D 155 29.51 33.77 88.36
C GLY D 155 28.37 34.77 88.47
N THR D 156 27.29 34.63 87.68
CA THR D 156 26.08 35.50 87.80
C THR D 156 25.50 35.27 89.20
N GLY D 157 25.34 34.00 89.57
CA GLY D 157 24.79 33.59 90.89
C GLY D 157 25.84 33.64 91.98
N ILE D 158 25.42 33.49 93.25
CA ILE D 158 26.33 33.53 94.43
C ILE D 158 27.49 32.53 94.23
N ASP D 159 27.28 31.39 93.55
CA ASP D 159 28.29 30.38 93.36
C ASP D 159 27.88 29.50 92.19
N LEU D 160 28.76 28.62 91.78
CA LEU D 160 28.58 27.69 90.73
C LEU D 160 27.31 26.89 90.89
N ALA D 161 26.96 26.52 92.13
CA ALA D 161 25.77 25.70 92.36
C ALA D 161 24.50 26.49 92.04
N ASP D 162 24.48 27.80 92.27
CA ASP D 162 23.44 28.69 91.90
C ASP D 162 23.25 28.72 90.41
N ASP D 163 24.30 28.79 89.66
CA ASP D 163 24.33 28.79 88.25
C ASP D 163 23.82 27.50 87.66
N ILE D 164 24.24 26.36 88.19
CA ILE D 164 23.76 25.05 87.74
C ILE D 164 22.27 24.94 88.01
N ASN D 165 21.80 25.43 89.16
CA ASN D 165 20.45 25.52 89.53
C ASN D 165 19.65 26.26 88.49
N GLU D 166 20.11 27.41 88.10
CA GLU D 166 19.52 28.26 87.15
C GLU D 166 19.46 27.65 85.77
N ALA D 167 20.43 26.91 85.37
CA ALA D 167 20.50 26.20 84.14
C ALA D 167 19.46 25.11 84.08
N PHE D 168 19.48 24.26 85.12
CA PHE D 168 18.48 23.18 85.25
C PHE D 168 17.14 23.89 85.32
N GLY D 169 17.08 25.12 85.83
CA GLY D 169 15.86 25.95 85.89
C GLY D 169 15.38 26.39 84.53
N PHE D 170 16.28 26.66 83.56
CA PHE D 170 15.92 27.05 82.17
C PHE D 170 15.30 25.86 81.43
N VAL D 171 15.93 24.69 81.50
CA VAL D 171 15.45 23.47 80.77
C VAL D 171 14.08 23.09 81.36
N GLU D 172 13.90 23.19 82.67
CA GLU D 172 12.63 22.76 83.35
C GLU D 172 11.53 23.79 83.13
N ASP D 173 11.86 25.05 82.81
CA ASP D 173 10.88 26.06 82.45
C ASP D 173 10.30 25.80 81.07
N ASP D 174 11.00 25.18 80.19
CA ASP D 174 10.65 24.74 78.89
C ASP D 174 9.91 23.43 78.88
N GLU D 175 9.54 22.93 80.06
CA GLU D 175 8.75 21.71 80.20
C GLU D 175 9.52 20.49 79.71
N PHE D 176 10.78 20.39 79.99
CA PHE D 176 11.67 19.31 79.85
C PHE D 176 12.24 18.87 81.17
N ASP D 177 12.66 17.59 81.29
CA ASP D 177 13.28 17.04 82.52
C ASP D 177 14.78 16.83 82.26
N VAL D 178 15.66 17.47 83.04
CA VAL D 178 17.13 17.33 82.87
C VAL D 178 17.50 15.92 83.34
N ASN D 179 18.13 15.09 82.49
CA ASN D 179 18.51 13.69 82.82
C ASN D 179 20.03 13.46 82.72
N VAL D 180 20.79 14.29 82.02
CA VAL D 180 22.26 14.11 81.79
C VAL D 180 22.93 15.48 81.90
N ALA D 181 24.26 15.54 82.01
CA ALA D 181 25.04 16.79 82.02
C ALA D 181 26.34 16.55 81.25
N PHE D 182 27.08 17.59 80.85
CA PHE D 182 28.36 17.48 80.19
C PHE D 182 29.27 18.61 80.63
N THR D 183 30.58 18.31 80.79
CA THR D 183 31.62 19.27 81.21
C THR D 183 32.97 18.55 81.21
N GLY D 184 34.10 19.22 80.96
CA GLY D 184 35.45 18.63 81.07
C GLY D 184 35.87 18.40 82.51
N ARG D 185 36.98 17.69 82.79
CA ARG D 185 37.47 17.34 84.17
C ARG D 185 37.94 18.58 84.94
N PHE D 186 38.10 19.75 84.30
CA PHE D 186 38.36 21.00 84.89
C PHE D 186 37.34 21.39 85.93
N LEU D 187 36.14 20.91 85.85
CA LEU D 187 35.04 21.21 86.68
C LEU D 187 35.13 20.62 88.06
N ARG D 188 35.86 19.50 88.20
CA ARG D 188 35.98 18.73 89.47
C ARG D 188 36.66 19.52 90.58
N ARG D 189 37.56 20.45 90.24
CA ARG D 189 38.20 21.34 91.26
C ARG D 189 37.15 22.39 91.69
N ARG D 190 36.25 22.79 90.79
CA ARG D 190 35.18 23.80 91.06
C ARG D 190 34.07 23.24 91.94
N LEU D 191 33.62 22.00 91.71
CA LEU D 191 32.46 21.39 92.44
C LEU D 191 32.91 20.99 93.86
N ARG D 192 34.07 20.33 94.00
CA ARG D 192 34.65 20.08 95.34
C ARG D 192 35.03 21.37 96.05
N GLY D 193 35.39 22.41 95.30
CA GLY D 193 35.88 23.68 95.85
C GLY D 193 34.81 24.61 96.41
N LEU D 194 33.52 24.31 96.30
CA LEU D 194 32.46 25.19 96.82
C LEU D 194 32.42 25.24 98.34
N ARG D 195 32.42 26.45 98.91
CA ARG D 195 32.30 26.71 100.35
C ARG D 195 31.24 27.78 100.62
N ASP D 196 30.54 27.69 101.75
CA ASP D 196 29.60 28.72 102.23
C ASP D 196 30.31 29.93 102.89
N ALA D 197 29.56 30.87 103.45
CA ALA D 197 30.09 32.08 104.09
C ALA D 197 30.93 31.81 105.36
N ASP D 198 30.75 30.63 105.97
CA ASP D 198 31.51 30.13 107.13
C ASP D 198 32.60 29.13 106.70
N ASN D 199 32.92 29.08 105.41
CA ASN D 199 33.89 28.19 104.77
C ASN D 199 33.59 26.69 104.90
N ALA D 200 32.38 26.25 105.27
CA ALA D 200 32.04 24.83 105.22
C ALA D 200 31.76 24.38 103.79
N PRO D 201 32.08 23.14 103.39
CA PRO D 201 31.77 22.62 102.07
C PRO D 201 30.29 22.68 101.74
N ILE D 202 29.97 23.15 100.54
CA ILE D 202 28.64 23.01 99.96
C ILE D 202 28.62 21.65 99.27
N TYR D 203 28.03 20.66 99.93
CA TYR D 203 27.94 19.27 99.46
C TYR D 203 26.90 19.14 98.35
N LEU D 204 27.23 19.70 97.20
CA LEU D 204 26.46 19.62 95.97
C LEU D 204 26.33 18.15 95.55
N ASP D 205 25.09 17.72 95.31
CA ASP D 205 24.74 16.30 95.42
C ASP D 205 25.39 15.40 94.36
N GLY D 206 26.22 14.45 94.78
CA GLY D 206 26.68 13.30 93.98
C GLY D 206 28.06 13.37 93.34
N VAL D 207 28.79 14.49 93.47
CA VAL D 207 30.11 14.64 92.85
C VAL D 207 31.19 13.76 93.52
N ARG D 208 31.06 13.48 94.82
CA ARG D 208 31.95 12.59 95.60
C ARG D 208 31.79 11.08 95.31
N SER D 209 31.13 10.73 94.21
CA SER D 209 31.11 9.36 93.67
C SER D 209 32.45 8.98 93.02
N ASP D 210 32.58 7.75 92.50
CA ASP D 210 33.68 7.39 91.61
C ASP D 210 33.62 8.20 90.29
N ASN D 211 34.73 8.19 89.53
CA ASN D 211 34.97 9.07 88.39
C ASN D 211 33.97 8.90 87.21
N ARG D 212 33.16 7.83 87.18
CA ARG D 212 32.18 7.56 86.10
C ARG D 212 30.73 7.54 86.58
N THR D 213 30.48 7.25 87.85
CA THR D 213 29.15 7.39 88.49
C THR D 213 28.93 8.77 89.12
N ALA D 214 29.67 9.81 88.69
CA ALA D 214 29.45 11.18 89.13
C ALA D 214 28.04 11.68 88.78
N GLU D 215 27.44 12.45 89.68
CA GLU D 215 26.13 13.05 89.49
C GLU D 215 26.14 14.51 89.93
N ILE D 216 25.17 15.25 89.43
CA ILE D 216 24.86 16.62 89.79
C ILE D 216 23.34 16.73 89.97
N TYR D 217 22.89 17.16 91.15
CA TYR D 217 21.46 17.17 91.52
C TYR D 217 20.73 15.85 91.17
N GLY D 218 21.43 14.72 91.32
CA GLY D 218 20.91 13.38 91.03
C GLY D 218 20.99 12.91 89.57
N GLN D 219 21.43 13.74 88.63
CA GLN D 219 21.58 13.50 87.26
C GLN D 219 22.98 13.10 86.87
N ASP D 220 23.17 12.20 85.96
CA ASP D 220 24.40 11.76 85.44
C ASP D 220 25.22 12.93 84.96
N LEU D 221 26.43 13.08 85.47
CA LEU D 221 27.40 14.06 85.03
C LEU D 221 28.45 13.34 84.20
N MET D 222 28.47 13.58 82.90
CA MET D 222 29.39 12.96 81.95
C MET D 222 30.61 13.85 81.73
N TYR D 223 31.77 13.35 82.09
CA TYR D 223 33.05 13.99 81.85
C TYR D 223 33.57 13.59 80.49
N VAL D 224 33.77 14.61 79.65
CA VAL D 224 34.17 14.48 78.26
C VAL D 224 35.70 14.45 78.19
N GLY D 225 36.27 13.25 78.28
CA GLY D 225 37.71 13.06 78.42
C GLY D 225 38.53 12.97 77.14
N ASN D 226 37.95 13.15 75.97
CA ASN D 226 38.57 12.91 74.66
C ASN D 226 39.13 14.19 74.01
N ARG D 227 39.33 15.24 74.80
CA ARG D 227 39.77 16.58 74.40
C ARG D 227 38.79 17.36 73.52
N SER D 228 37.60 16.84 73.23
CA SER D 228 36.60 17.57 72.42
C SER D 228 35.97 18.76 73.15
N TRP D 229 35.93 18.77 74.49
CA TRP D 229 35.33 19.86 75.26
C TRP D 229 36.12 21.16 75.14
N ASP D 230 35.42 22.31 75.08
CA ASP D 230 36.03 23.66 75.08
C ASP D 230 35.46 24.35 76.31
N ARG D 231 36.26 24.67 77.33
CA ARG D 231 35.80 25.44 78.53
C ARG D 231 35.53 26.90 78.11
N ASP D 232 36.29 27.45 77.16
CA ASP D 232 36.17 28.87 76.70
C ASP D 232 34.85 29.11 75.95
N GLU D 233 34.08 28.06 75.62
CA GLU D 233 32.75 28.20 75.03
C GLU D 233 31.65 27.84 76.02
N ALA D 234 31.75 26.69 76.72
CA ALA D 234 30.72 26.25 77.69
C ALA D 234 31.36 25.79 79.00
N VAL D 235 31.08 26.42 80.13
CA VAL D 235 31.50 25.93 81.48
C VAL D 235 30.79 24.57 81.69
N LEU D 236 29.52 24.39 81.26
CA LEU D 236 28.73 23.15 81.48
C LEU D 236 27.55 23.08 80.48
N LEU D 237 26.96 21.92 80.14
CA LEU D 237 25.75 21.77 79.34
C LEU D 237 24.86 20.72 79.98
N ALA D 238 23.61 21.04 80.35
CA ALA D 238 22.73 20.12 81.12
C ALA D 238 21.33 20.11 80.52
N GLY D 239 20.87 18.96 80.01
CA GLY D 239 19.57 18.87 79.33
C GLY D 239 19.10 17.45 79.19
N ASP D 240 18.05 17.21 78.40
CA ASP D 240 17.39 15.89 78.25
C ASP D 240 18.13 15.04 77.18
N ARG D 241 18.73 13.89 77.54
CA ARG D 241 19.54 13.08 76.57
C ARG D 241 18.62 12.46 75.52
N SER D 242 17.32 12.31 75.80
CA SER D 242 16.32 11.73 74.86
C SER D 242 16.02 12.68 73.70
N LYS D 243 16.37 13.98 73.81
CA LYS D 243 16.00 15.01 72.82
C LYS D 243 17.10 15.21 71.75
N VAL D 244 17.96 14.20 71.49
CA VAL D 244 18.93 14.24 70.41
C VAL D 244 18.89 12.89 69.72
N LEU D 245 18.99 12.90 68.40
CA LEU D 245 19.01 11.71 67.58
C LEU D 245 20.24 11.70 66.68
N LEU D 246 20.93 10.56 66.66
CA LEU D 246 22.06 10.31 65.78
C LEU D 246 21.69 9.23 64.76
N GLY D 247 22.23 9.30 63.56
CA GLY D 247 22.09 8.26 62.57
C GLY D 247 23.42 7.62 62.27
N ILE D 248 23.51 6.30 62.32
CA ILE D 248 24.67 5.57 61.80
C ILE D 248 24.33 5.10 60.40
N ARG D 249 24.94 5.70 59.39
CA ARG D 249 24.76 5.30 57.99
C ARG D 249 25.75 4.20 57.61
N GLU D 250 26.99 4.30 58.06
CA GLU D 250 27.98 3.21 57.98
C GLU D 250 28.83 3.20 59.25
N ASP D 251 29.03 2.04 59.85
CA ASP D 251 30.03 1.81 60.88
C ASP D 251 31.44 2.09 60.36
N VAL D 252 32.43 2.21 61.23
CA VAL D 252 33.80 2.49 60.80
C VAL D 252 34.30 1.42 59.84
N GLN D 253 34.60 1.83 58.63
CA GLN D 253 34.91 0.99 57.49
C GLN D 253 36.36 1.20 57.10
N VAL D 254 37.09 0.14 56.76
CA VAL D 254 38.51 0.22 56.41
C VAL D 254 38.83 -0.42 55.07
N LYS D 255 39.75 0.20 54.34
CA LYS D 255 40.35 -0.41 53.14
C LYS D 255 41.86 -0.24 53.14
N LEU D 256 42.59 -1.31 52.88
CA LEU D 256 44.03 -1.27 52.71
C LEU D 256 44.40 -0.86 51.29
N LEU D 257 45.05 0.29 51.17
CA LEU D 257 45.55 0.88 49.94
C LEU D 257 47.00 0.46 49.71
N THR D 258 47.32 0.07 48.49
CA THR D 258 48.60 -0.55 48.11
C THR D 258 49.24 0.09 46.88
N GLU D 259 48.46 0.71 46.02
CA GLU D 259 48.89 1.31 44.77
C GLU D 259 48.58 2.81 44.67
N ALA D 260 47.70 3.34 45.51
CA ALA D 260 47.20 4.70 45.39
C ALA D 260 48.26 5.80 45.52
N THR D 261 47.94 6.99 45.02
CA THR D 261 48.70 8.20 45.32
C THR D 261 47.97 8.98 46.38
N ILE D 262 48.50 9.03 47.59
CA ILE D 262 47.91 9.73 48.73
C ILE D 262 48.82 10.89 49.09
N GLY D 263 48.33 12.13 49.08
CA GLY D 263 49.08 13.28 49.57
C GLY D 263 50.45 13.52 48.93
N GLY D 264 50.63 13.13 47.66
CA GLY D 264 51.92 13.22 46.95
C GLY D 264 52.86 12.04 47.16
N ILE D 265 52.37 10.91 47.67
CA ILE D 265 53.00 9.69 48.01
C ILE D 265 52.53 8.57 47.12
N ASN D 266 53.35 8.09 46.19
CA ASN D 266 53.00 6.93 45.38
C ASN D 266 53.23 5.64 46.18
N LEU D 267 52.18 5.01 46.70
CA LEU D 267 52.33 3.91 47.65
C LEU D 267 53.10 2.73 47.06
N ALA D 268 52.72 2.23 45.88
CA ALA D 268 53.39 1.07 45.21
C ALA D 268 54.86 1.41 44.90
N GLU D 269 55.15 2.62 44.42
CA GLU D 269 56.53 3.07 44.12
C GLU D 269 57.38 3.15 45.39
N LYS D 270 56.81 3.66 46.48
CA LYS D 270 57.54 3.89 47.76
C LYS D 270 57.53 2.62 48.60
N ASP D 271 56.94 1.51 48.13
CA ASP D 271 56.80 0.31 48.86
C ASP D 271 56.05 0.53 50.16
N MET D 272 55.05 1.41 50.16
CA MET D 272 54.20 1.69 51.30
C MET D 272 52.80 1.09 51.13
N VAL D 273 52.04 1.12 52.21
CA VAL D 273 50.61 0.88 52.24
C VAL D 273 49.94 1.96 53.06
N ALA D 274 48.64 2.10 52.94
CA ALA D 274 47.88 2.97 53.81
C ALA D 274 46.56 2.32 54.19
N LEU D 275 46.05 2.60 55.38
CA LEU D 275 44.73 2.15 55.78
C LEU D 275 43.81 3.36 55.74
N ARG D 276 42.79 3.30 54.91
CA ARG D 276 41.76 4.34 54.77
C ARG D 276 40.62 4.01 55.71
N PHE D 277 40.35 4.85 56.69
CA PHE D 277 39.25 4.71 57.64
C PHE D 277 38.16 5.71 57.30
N LYS D 278 36.91 5.28 57.40
CA LYS D 278 35.74 6.07 57.00
C LYS D 278 34.54 5.78 57.90
N PHE D 279 33.72 6.76 58.19
CA PHE D 279 32.57 6.64 59.07
C PHE D 279 31.48 7.63 58.68
N ARG D 280 30.26 7.16 58.42
CA ARG D 280 29.14 8.00 57.99
C ARG D 280 28.09 8.14 59.08
N VAL D 281 27.89 9.35 59.56
CA VAL D 281 27.08 9.65 60.74
C VAL D 281 26.20 10.87 60.48
N ALA D 282 25.04 10.92 61.11
CA ALA D 282 24.10 12.02 61.05
C ALA D 282 23.74 12.51 62.44
N TYR D 283 23.46 13.82 62.58
CA TYR D 283 23.05 14.45 63.86
C TYR D 283 21.99 15.51 63.57
N SER D 284 20.79 15.37 64.13
CA SER D 284 19.71 16.39 64.03
C SER D 284 18.95 16.29 65.34
N THR D 285 18.48 17.40 65.92
CA THR D 285 17.77 17.39 67.23
C THR D 285 16.45 16.63 67.02
N ALA D 286 15.86 16.06 68.08
CA ALA D 286 14.66 15.33 68.02
C ALA D 286 13.76 15.63 69.18
N PHE D 287 13.14 16.81 69.23
CA PHE D 287 12.21 17.21 70.32
C PHE D 287 10.95 17.82 69.69
N SER D 288 9.80 17.65 70.35
CA SER D 288 8.49 18.14 69.86
C SER D 288 8.04 19.26 70.80
N THR D 289 7.67 20.44 70.28
CA THR D 289 7.23 21.62 71.07
C THR D 289 5.69 21.63 71.06
N ALA D 290 5.03 20.48 70.98
CA ALA D 290 3.63 20.33 70.98
C ALA D 290 3.06 20.71 72.32
N GLY D 291 2.16 21.68 72.37
CA GLY D 291 1.56 22.11 73.61
C GLY D 291 2.28 23.25 74.29
N GLY D 292 3.54 23.49 73.93
CA GLY D 292 4.30 24.58 74.51
C GLY D 292 4.55 25.70 73.52
N GLU D 293 5.70 26.34 73.62
CA GLU D 293 6.09 27.41 72.72
C GLU D 293 7.12 26.89 71.74
N VAL D 294 7.33 27.57 70.65
CA VAL D 294 8.25 27.29 69.63
C VAL D 294 9.67 27.45 70.06
N THR D 295 9.97 28.31 70.98
CA THR D 295 11.21 28.68 71.51
C THR D 295 11.74 27.75 72.58
N ASP D 296 10.90 26.79 73.00
CA ASP D 296 11.27 25.78 74.01
C ASP D 296 12.46 24.97 73.49
N TYR D 297 13.54 24.83 74.25
CA TYR D 297 14.74 24.04 73.87
C TYR D 297 15.02 23.09 75.04
N PRO D 298 15.49 21.84 74.83
CA PRO D 298 15.69 20.89 75.94
C PRO D 298 17.08 20.98 76.59
N PHE D 299 17.89 22.01 76.27
CA PHE D 299 19.23 22.15 76.82
C PHE D 299 19.43 23.56 77.32
N ALA D 300 20.34 23.73 78.30
CA ALA D 300 20.75 25.05 78.83
C ALA D 300 22.27 24.97 78.94
N VAL D 301 23.02 26.07 78.80
CA VAL D 301 24.51 26.02 78.80
C VAL D 301 25.08 27.11 79.70
N ILE D 302 25.99 26.75 80.61
CA ILE D 302 26.69 27.79 81.42
C ILE D 302 27.81 28.29 80.51
N THR D 303 27.93 29.59 80.24
CA THR D 303 28.98 30.23 79.55
C THR D 303 30.08 30.67 80.47
N PRO D 304 31.32 30.75 80.02
CA PRO D 304 32.41 31.15 80.89
C PRO D 304 32.26 32.52 81.49
N ASP D 305 32.86 32.79 82.60
CA ASP D 305 32.96 34.02 83.27
C ASP D 305 33.86 34.96 82.51
N ALA E 2 2.64 -16.29 -90.75
CA ALA E 2 1.24 -16.54 -90.38
C ALA E 2 1.15 -17.71 -89.42
N ASP E 3 0.32 -17.59 -88.40
CA ASP E 3 0.10 -18.59 -87.36
C ASP E 3 -1.31 -18.46 -86.78
N ILE E 4 -1.78 -19.49 -86.09
CA ILE E 4 -3.10 -19.53 -85.47
C ILE E 4 -3.11 -18.63 -84.22
N SER E 5 -3.73 -17.46 -84.31
CA SER E 5 -3.95 -16.56 -83.18
C SER E 5 -4.94 -17.16 -82.21
N ARG E 6 -4.98 -16.72 -80.95
CA ARG E 6 -6.09 -17.10 -80.05
C ARG E 6 -7.45 -16.68 -80.62
N ALA E 7 -7.51 -15.54 -81.29
CA ALA E 7 -8.70 -15.05 -81.96
C ALA E 7 -9.15 -15.94 -83.13
N ASP E 8 -8.24 -16.58 -83.86
CA ASP E 8 -8.59 -17.53 -84.93
C ASP E 8 -9.18 -18.82 -84.38
N ALA E 9 -8.74 -19.22 -83.18
CA ALA E 9 -9.24 -20.38 -82.47
C ALA E 9 -10.44 -20.10 -81.57
N LEU E 10 -10.88 -18.84 -81.42
CA LEU E 10 -11.81 -18.39 -80.40
C LEU E 10 -13.13 -19.17 -80.36
N ALA E 11 -13.70 -19.48 -81.51
CA ALA E 11 -14.91 -20.29 -81.64
C ALA E 11 -14.75 -21.72 -81.06
N LEU E 12 -13.53 -22.24 -80.93
CA LEU E 12 -13.23 -23.58 -80.43
C LEU E 12 -12.94 -23.64 -78.94
N LEU E 13 -12.76 -22.51 -78.27
CA LEU E 13 -12.31 -22.48 -76.88
C LEU E 13 -13.39 -22.99 -75.92
N ALA E 14 -12.99 -23.81 -74.96
CA ALA E 14 -13.86 -24.29 -73.91
C ALA E 14 -14.33 -23.14 -72.99
N THR E 15 -15.42 -23.38 -72.27
CA THR E 15 -16.02 -22.46 -71.30
C THR E 15 -16.41 -23.23 -70.04
N GLN E 16 -16.52 -22.53 -68.91
CA GLN E 16 -16.81 -23.10 -67.61
C GLN E 16 -17.71 -22.16 -66.82
N GLU E 17 -18.59 -22.73 -66.00
CA GLU E 17 -19.62 -22.04 -65.23
C GLU E 17 -19.57 -22.55 -63.81
N LEU E 18 -19.71 -21.67 -62.81
CA LEU E 18 -19.98 -22.14 -61.45
C LEU E 18 -21.39 -22.69 -61.28
N ASP E 19 -21.50 -23.66 -60.40
CA ASP E 19 -22.71 -24.45 -60.13
C ASP E 19 -23.66 -23.79 -59.12
N SER E 20 -23.35 -22.59 -58.65
CA SER E 20 -24.00 -21.93 -57.52
C SER E 20 -23.88 -20.42 -57.60
N ILE E 21 -24.75 -19.71 -56.90
CA ILE E 21 -24.85 -18.25 -56.94
C ILE E 21 -24.14 -17.66 -55.72
N ILE E 22 -23.33 -16.64 -55.94
CA ILE E 22 -22.73 -15.81 -54.87
C ILE E 22 -23.85 -14.94 -54.27
N LYS E 23 -24.18 -15.13 -52.99
CA LYS E 23 -25.26 -14.41 -52.29
C LYS E 23 -24.87 -14.18 -50.82
N PRO E 24 -25.39 -13.14 -50.16
CA PRO E 24 -25.22 -12.99 -48.73
C PRO E 24 -26.04 -14.01 -47.94
N GLU E 25 -25.77 -14.14 -46.66
CA GLU E 25 -26.58 -14.93 -45.74
C GLU E 25 -27.93 -14.27 -45.49
N THR E 26 -28.99 -15.07 -45.35
CA THR E 26 -30.32 -14.59 -44.96
C THR E 26 -30.47 -14.47 -43.44
N SER E 27 -31.40 -13.65 -42.98
CA SER E 27 -31.67 -13.44 -41.55
C SER E 27 -33.17 -13.28 -41.27
N GLY E 28 -33.62 -13.67 -40.09
CA GLY E 28 -35.01 -13.56 -39.63
C GLY E 28 -35.38 -12.20 -39.03
N SER E 29 -36.66 -11.96 -38.79
CA SER E 29 -37.12 -10.80 -38.03
C SER E 29 -36.58 -10.82 -36.60
N ALA E 30 -36.02 -9.73 -36.11
CA ALA E 30 -35.75 -9.59 -34.68
C ALA E 30 -37.06 -9.66 -33.87
N ALA E 31 -38.19 -9.18 -34.40
CA ALA E 31 -39.48 -9.20 -33.73
C ALA E 31 -39.94 -10.62 -33.32
N LEU E 32 -40.02 -11.57 -34.25
CA LEU E 32 -40.46 -12.93 -33.93
C LEU E 32 -39.43 -13.72 -33.12
N ALA E 33 -38.15 -13.36 -33.18
CA ALA E 33 -37.13 -13.97 -32.36
C ALA E 33 -37.24 -13.52 -30.90
N ALA E 34 -37.40 -12.22 -30.64
CA ALA E 34 -37.42 -11.66 -29.30
C ALA E 34 -38.74 -11.88 -28.56
N PHE E 35 -39.86 -11.58 -29.22
CA PHE E 35 -41.15 -11.44 -28.56
C PHE E 35 -41.96 -12.73 -28.53
N ARG E 36 -42.80 -12.85 -27.50
CA ARG E 36 -43.83 -13.88 -27.33
C ARG E 36 -44.83 -13.79 -28.48
N SER E 37 -45.33 -14.91 -28.96
CA SER E 37 -46.47 -14.92 -29.86
C SER E 37 -47.56 -15.91 -29.49
N ILE E 38 -48.79 -15.58 -29.88
CA ILE E 38 -49.96 -16.46 -29.77
C ILE E 38 -50.57 -16.74 -31.13
N ARG E 39 -51.19 -17.93 -31.29
CA ARG E 39 -52.06 -18.22 -32.42
C ARG E 39 -53.34 -17.40 -32.31
N MET E 40 -53.73 -16.73 -33.38
CA MET E 40 -55.04 -16.10 -33.49
C MET E 40 -55.92 -16.98 -34.37
N SER E 41 -57.16 -17.22 -33.96
CA SER E 41 -58.18 -17.87 -34.81
C SER E 41 -59.30 -16.92 -35.26
N ALA E 42 -59.30 -15.68 -34.79
CA ALA E 42 -60.43 -14.76 -34.96
C ALA E 42 -60.16 -13.51 -35.82
N GLY E 43 -58.92 -13.04 -35.89
CA GLY E 43 -58.54 -11.81 -36.61
C GLY E 43 -58.45 -10.58 -35.70
N THR E 44 -59.14 -10.59 -34.58
CA THR E 44 -58.89 -9.74 -33.41
C THR E 44 -58.95 -10.58 -32.13
N VAL E 45 -58.05 -10.35 -31.19
CA VAL E 45 -58.12 -10.92 -29.84
C VAL E 45 -58.37 -9.80 -28.86
N SER E 46 -59.16 -10.06 -27.82
CA SER E 46 -59.48 -9.09 -26.77
C SER E 46 -58.72 -9.41 -25.49
N MET E 47 -58.05 -8.40 -24.94
CA MET E 47 -57.14 -8.53 -23.81
C MET E 47 -57.62 -7.65 -22.64
N PRO E 48 -57.99 -8.24 -21.49
CA PRO E 48 -58.33 -7.47 -20.30
C PRO E 48 -57.08 -7.01 -19.54
N VAL E 49 -57.09 -5.77 -19.07
CA VAL E 49 -55.98 -5.10 -18.41
C VAL E 49 -56.44 -4.48 -17.09
N LEU E 50 -55.72 -4.68 -15.98
CA LEU E 50 -56.00 -3.98 -14.73
C LEU E 50 -55.76 -2.49 -14.89
N ALA E 51 -56.66 -1.65 -14.38
CA ALA E 51 -56.67 -0.21 -14.68
C ALA E 51 -56.66 0.71 -13.47
N ALA E 52 -57.18 0.31 -12.31
CA ALA E 52 -57.13 1.09 -11.08
C ALA E 52 -57.06 0.18 -9.86
N LEU E 53 -56.32 0.59 -8.83
CA LEU E 53 -56.09 -0.16 -7.60
C LEU E 53 -57.04 0.28 -6.48
N PRO E 54 -57.37 -0.60 -5.50
CA PRO E 54 -58.16 -0.22 -4.33
C PRO E 54 -57.40 0.78 -3.45
N THR E 55 -58.13 1.55 -2.65
CA THR E 55 -57.59 2.51 -1.68
C THR E 55 -58.12 2.19 -0.28
N ALA E 56 -57.25 1.95 0.68
CA ALA E 56 -57.62 1.72 2.09
C ALA E 56 -57.36 2.95 2.97
N GLY E 57 -57.83 2.96 4.24
CA GLY E 57 -57.70 4.16 5.09
C GLY E 57 -57.75 3.90 6.58
N TRP E 58 -56.97 4.64 7.37
CA TRP E 58 -56.86 4.45 8.85
C TRP E 58 -58.22 4.73 9.51
N VAL E 59 -58.60 3.99 10.55
CA VAL E 59 -59.93 4.13 11.23
C VAL E 59 -59.79 4.11 12.76
N THR E 60 -60.68 4.82 13.48
CA THR E 60 -60.72 4.87 14.94
C THR E 60 -61.72 3.88 15.52
N ASP E 61 -61.74 3.70 16.84
CA ASP E 61 -62.57 2.71 17.54
C ASP E 61 -63.10 3.20 18.90
N ASP E 62 -63.02 4.50 19.16
CA ASP E 62 -63.32 5.12 20.46
C ASP E 62 -64.82 5.17 20.78
N THR E 63 -65.62 5.53 19.79
CA THR E 63 -67.05 5.86 19.92
C THR E 63 -67.82 5.46 18.66
N SER E 64 -69.12 5.19 18.79
CA SER E 64 -69.99 4.76 17.69
C SER E 64 -70.48 5.91 16.80
N GLY E 65 -70.39 7.17 17.24
CA GLY E 65 -70.91 8.34 16.53
C GLY E 65 -69.94 9.05 15.58
N ALA E 66 -68.64 8.79 15.69
CA ALA E 66 -67.61 9.51 14.97
C ALA E 66 -67.47 9.05 13.52
N ALA E 67 -67.33 9.99 12.59
CA ALA E 67 -67.18 9.68 11.17
C ALA E 67 -65.90 8.89 10.87
N THR E 68 -64.83 9.11 11.64
CA THR E 68 -63.55 8.42 11.50
C THR E 68 -63.57 6.98 12.00
N GLY E 69 -64.66 6.52 12.62
CA GLY E 69 -64.86 5.11 12.94
C GLY E 69 -65.40 4.30 11.77
N THR E 70 -65.96 4.95 10.75
CA THR E 70 -66.56 4.27 9.59
C THR E 70 -65.49 3.75 8.64
N LYS E 71 -65.56 2.48 8.24
CA LYS E 71 -64.61 1.88 7.31
C LYS E 71 -64.83 2.42 5.88
N PRO E 72 -63.79 2.88 5.16
CA PRO E 72 -63.93 3.49 3.84
C PRO E 72 -64.26 2.45 2.77
N THR E 73 -64.94 2.87 1.70
CA THR E 73 -65.14 2.02 0.51
C THR E 73 -64.16 2.36 -0.61
N SER E 74 -63.79 1.37 -1.42
CA SER E 74 -63.14 1.63 -2.70
C SER E 74 -63.37 0.52 -3.71
N LYS E 75 -63.10 0.84 -4.99
CA LYS E 75 -63.29 -0.04 -6.15
C LYS E 75 -61.98 -0.51 -6.78
N VAL E 76 -62.11 -1.45 -7.71
CA VAL E 76 -61.08 -1.88 -8.66
C VAL E 76 -61.65 -1.71 -10.06
N SER E 77 -60.82 -1.45 -11.06
CA SER E 77 -61.27 -1.30 -12.46
C SER E 77 -60.37 -2.03 -13.42
N TRP E 78 -60.93 -2.42 -14.56
CA TRP E 78 -60.23 -3.02 -15.68
C TRP E 78 -60.67 -2.37 -17.00
N THR E 79 -59.82 -2.40 -18.00
CA THR E 79 -60.11 -1.96 -19.38
C THR E 79 -59.72 -3.06 -20.35
N GLY E 80 -60.14 -2.94 -21.60
CA GLY E 80 -59.71 -3.83 -22.68
C GLY E 80 -58.76 -3.14 -23.65
N LYS E 81 -57.94 -3.94 -24.34
CA LYS E 81 -57.31 -3.56 -25.61
C LYS E 81 -57.31 -4.71 -26.60
N ASN E 82 -57.12 -4.42 -27.89
CA ASN E 82 -57.23 -5.41 -28.95
C ASN E 82 -55.90 -5.67 -29.66
N LEU E 83 -55.60 -6.95 -29.88
CA LEU E 83 -54.54 -7.42 -30.76
C LEU E 83 -55.15 -7.69 -32.14
N VAL E 84 -54.79 -6.93 -33.17
CA VAL E 84 -55.47 -6.94 -34.48
C VAL E 84 -54.56 -7.46 -35.58
N ALA E 85 -55.00 -8.49 -36.30
CA ALA E 85 -54.24 -9.06 -37.40
C ALA E 85 -54.24 -8.17 -38.65
N GLU E 86 -53.07 -8.03 -39.26
CA GLU E 86 -52.79 -7.28 -40.47
C GLU E 86 -51.94 -8.14 -41.40
N GLU E 87 -51.82 -7.77 -42.66
CA GLU E 87 -51.29 -8.64 -43.70
C GLU E 87 -50.11 -8.05 -44.46
N ILE E 88 -49.03 -8.80 -44.54
CA ILE E 88 -47.87 -8.50 -45.38
C ILE E 88 -48.00 -9.34 -46.63
N ALA E 89 -47.83 -8.75 -47.80
CA ALA E 89 -47.93 -9.47 -49.07
C ALA E 89 -46.95 -8.98 -50.13
N VAL E 90 -46.62 -9.84 -51.10
CA VAL E 90 -45.92 -9.45 -52.33
C VAL E 90 -46.28 -10.38 -53.48
N ILE E 91 -46.21 -9.89 -54.71
CA ILE E 91 -46.33 -10.68 -55.92
C ILE E 91 -45.03 -10.56 -56.72
N VAL E 92 -44.40 -11.67 -57.07
CA VAL E 92 -43.18 -11.70 -57.87
C VAL E 92 -43.48 -12.30 -59.24
N PRO E 93 -43.61 -11.52 -60.31
CA PRO E 93 -43.88 -12.01 -61.66
C PRO E 93 -42.61 -12.23 -62.50
N VAL E 94 -42.63 -13.20 -63.40
CA VAL E 94 -41.54 -13.53 -64.33
C VAL E 94 -42.08 -14.17 -65.61
N HIS E 95 -41.37 -14.09 -66.73
CA HIS E 95 -41.73 -14.79 -67.97
C HIS E 95 -41.53 -16.30 -67.86
N GLU E 96 -42.39 -17.11 -68.48
CA GLU E 96 -42.22 -18.56 -68.52
C GLU E 96 -40.95 -19.00 -69.25
N ASN E 97 -40.48 -18.24 -70.24
CA ASN E 97 -39.23 -18.52 -70.94
C ASN E 97 -38.02 -18.30 -70.03
N THR E 98 -38.05 -17.30 -69.15
CA THR E 98 -36.97 -17.07 -68.18
C THR E 98 -36.83 -18.26 -67.24
N ILE E 99 -37.94 -18.86 -66.80
CA ILE E 99 -37.91 -20.10 -66.03
C ILE E 99 -37.37 -21.27 -66.86
N ALA E 100 -37.81 -21.44 -68.11
CA ALA E 100 -37.37 -22.53 -68.97
C ALA E 100 -35.87 -22.44 -69.34
N ASP E 101 -35.36 -21.27 -69.65
CA ASP E 101 -33.98 -21.03 -70.06
C ASP E 101 -32.98 -20.98 -68.90
N SER E 102 -33.43 -20.81 -67.66
CA SER E 102 -32.53 -20.70 -66.50
C SER E 102 -31.81 -22.00 -66.17
N ARG E 103 -30.53 -21.91 -65.84
CA ARG E 103 -29.70 -23.00 -65.30
C ARG E 103 -30.08 -23.38 -63.87
N PHE E 104 -30.71 -22.45 -63.13
CA PHE E 104 -31.14 -22.59 -61.74
C PHE E 104 -32.66 -22.54 -61.59
N ASP E 105 -33.20 -23.19 -60.58
CA ASP E 105 -34.61 -23.07 -60.18
C ASP E 105 -34.91 -21.67 -59.62
N ILE E 106 -35.48 -20.79 -60.44
CA ILE E 106 -35.70 -19.39 -60.08
C ILE E 106 -36.61 -19.23 -58.87
N TRP E 107 -37.67 -20.02 -58.74
CA TRP E 107 -38.49 -19.94 -57.54
C TRP E 107 -37.75 -20.43 -56.29
N GLY E 108 -36.85 -21.40 -56.42
CA GLY E 108 -35.97 -21.82 -55.34
C GLY E 108 -35.05 -20.71 -54.86
N GLU E 109 -34.66 -19.79 -55.73
CA GLU E 109 -33.92 -18.59 -55.37
C GLU E 109 -34.82 -17.48 -54.82
N VAL E 110 -36.03 -17.27 -55.34
CA VAL E 110 -36.93 -16.20 -54.89
C VAL E 110 -37.49 -16.47 -53.49
N ARG E 111 -37.89 -17.70 -53.16
CA ARG E 111 -38.62 -18.01 -51.93
C ARG E 111 -37.89 -17.64 -50.63
N PRO E 112 -36.61 -17.99 -50.41
CA PRO E 112 -35.88 -17.59 -49.20
C PRO E 112 -35.73 -16.07 -49.07
N LEU E 113 -35.56 -15.37 -50.18
CA LEU E 113 -35.45 -13.92 -50.18
C LEU E 113 -36.75 -13.24 -49.79
N VAL E 114 -37.90 -13.77 -50.18
CA VAL E 114 -39.19 -13.22 -49.76
C VAL E 114 -39.43 -13.48 -48.28
N SER E 115 -39.07 -14.64 -47.75
CA SER E 115 -39.17 -14.93 -46.31
C SER E 115 -38.37 -13.93 -45.48
N GLN E 116 -37.14 -13.61 -45.88
CA GLN E 116 -36.34 -12.55 -45.28
C GLN E 116 -37.03 -11.20 -45.38
N GLU E 117 -37.57 -10.86 -46.55
CA GLU E 117 -38.24 -9.58 -46.73
C GLU E 117 -39.50 -9.42 -45.87
N PHE E 118 -40.32 -10.46 -45.70
CA PHE E 118 -41.46 -10.38 -44.79
C PHE E 118 -40.97 -10.16 -43.36
N GLY E 119 -39.88 -10.80 -42.93
CA GLY E 119 -39.28 -10.52 -41.64
C GLY E 119 -38.79 -9.07 -41.48
N ARG E 120 -38.22 -8.48 -42.53
CA ARG E 120 -37.77 -7.09 -42.52
C ARG E 120 -38.94 -6.12 -42.44
N VAL E 121 -40.01 -6.34 -43.19
CA VAL E 121 -41.20 -5.48 -43.16
C VAL E 121 -41.89 -5.54 -41.80
N LEU E 122 -41.99 -6.71 -41.19
CA LEU E 122 -42.48 -6.85 -39.83
C LEU E 122 -41.61 -6.08 -38.81
N ASP E 123 -40.30 -6.30 -38.77
CA ASP E 123 -39.41 -5.54 -37.88
C ASP E 123 -39.55 -4.05 -38.07
N GLU E 124 -39.52 -3.57 -39.31
CA GLU E 124 -39.55 -2.14 -39.59
C GLU E 124 -40.88 -1.49 -39.18
N ALA E 125 -41.94 -2.26 -38.92
CA ALA E 125 -43.23 -1.79 -38.44
C ALA E 125 -43.40 -1.95 -36.91
N VAL E 126 -42.79 -2.96 -36.31
CA VAL E 126 -42.82 -3.19 -34.87
C VAL E 126 -41.86 -2.27 -34.12
N PHE E 127 -40.62 -2.12 -34.59
CA PHE E 127 -39.61 -1.30 -33.94
C PHE E 127 -39.78 0.17 -34.29
N PHE E 128 -39.73 0.50 -35.56
CA PHE E 128 -39.90 1.83 -36.11
C PHE E 128 -41.35 1.98 -36.61
N GLY E 129 -41.86 3.17 -36.84
CA GLY E 129 -43.27 3.33 -37.26
C GLY E 129 -43.51 3.38 -38.77
N VAL E 130 -42.55 2.97 -39.61
CA VAL E 130 -42.42 3.51 -40.98
C VAL E 130 -43.61 3.28 -41.92
N ASN E 131 -44.13 2.06 -41.98
CA ASN E 131 -45.38 1.73 -42.67
C ASN E 131 -46.32 0.98 -41.73
N LYS E 132 -46.28 1.27 -40.43
CA LYS E 132 -47.09 0.56 -39.43
C LYS E 132 -48.58 0.69 -39.79
N PRO E 133 -49.34 -0.41 -39.86
CA PRO E 133 -50.79 -0.36 -40.09
C PRO E 133 -51.52 0.53 -39.09
N ALA E 134 -52.44 1.35 -39.57
CA ALA E 134 -53.17 2.31 -38.73
C ALA E 134 -54.09 1.64 -37.69
N THR E 135 -54.50 0.41 -37.93
CA THR E 135 -55.29 -0.42 -37.00
C THR E 135 -54.52 -0.96 -35.80
N TRP E 136 -53.18 -0.95 -35.81
CA TRP E 136 -52.37 -1.20 -34.63
C TRP E 136 -52.33 0.07 -33.80
N LEU E 137 -53.23 0.18 -32.82
CA LEU E 137 -53.41 1.42 -32.06
C LEU E 137 -52.21 1.74 -31.15
N ASP E 138 -51.46 0.74 -30.72
CA ASP E 138 -50.22 0.95 -29.97
C ASP E 138 -49.13 1.55 -30.87
N PRO E 139 -48.32 2.51 -30.40
CA PRO E 139 -47.18 2.99 -31.15
C PRO E 139 -46.14 1.89 -31.38
N ALA E 140 -45.33 2.00 -32.44
CA ALA E 140 -44.15 1.17 -32.58
C ALA E 140 -43.15 1.44 -31.45
N LEU E 141 -42.27 0.50 -31.14
CA LEU E 141 -41.47 0.58 -29.92
C LEU E 141 -40.59 1.84 -29.81
N VAL E 142 -39.91 2.27 -30.87
CA VAL E 142 -39.06 3.48 -30.87
C VAL E 142 -39.86 4.78 -30.73
N PRO E 143 -40.84 5.10 -31.60
CA PRO E 143 -41.65 6.30 -31.42
C PRO E 143 -42.51 6.26 -30.14
N GLY E 144 -42.89 5.09 -29.64
CA GLY E 144 -43.52 4.97 -28.32
C GLY E 144 -42.59 5.38 -27.18
N ALA E 145 -41.34 4.94 -27.20
CA ALA E 145 -40.32 5.34 -26.23
C ALA E 145 -40.03 6.84 -26.29
N ILE E 146 -40.01 7.44 -27.48
CA ILE E 146 -39.84 8.88 -27.67
C ILE E 146 -41.04 9.65 -27.12
N ALA E 147 -42.28 9.25 -27.45
CA ALA E 147 -43.49 9.87 -26.94
C ALA E 147 -43.59 9.80 -25.40
N ALA E 148 -43.21 8.67 -24.80
CA ALA E 148 -43.13 8.48 -23.34
C ALA E 148 -42.06 9.34 -22.63
N GLY E 149 -41.09 9.89 -23.37
CA GLY E 149 -39.94 10.60 -22.81
C GLY E 149 -38.81 9.68 -22.33
N ASN E 150 -38.85 8.40 -22.67
CA ASN E 150 -37.79 7.43 -22.37
C ASN E 150 -36.70 7.47 -23.44
N THR E 151 -36.09 8.63 -23.62
CA THR E 151 -35.17 8.90 -24.71
C THR E 151 -33.98 9.72 -24.25
N ILE E 152 -32.81 9.44 -24.82
CA ILE E 152 -31.61 10.26 -24.69
C ILE E 152 -30.95 10.39 -26.08
N ALA E 153 -30.40 11.56 -26.43
CA ALA E 153 -29.60 11.66 -27.63
C ALA E 153 -28.18 11.12 -27.39
N ASP E 154 -27.66 10.34 -28.33
CA ASP E 154 -26.28 9.91 -28.40
C ASP E 154 -25.33 11.10 -28.25
N GLY E 155 -24.36 11.01 -27.34
CA GLY E 155 -23.43 12.07 -27.02
C GLY E 155 -23.90 13.05 -25.96
N THR E 156 -25.05 12.84 -25.32
CA THR E 156 -25.46 13.63 -24.14
C THR E 156 -24.54 13.34 -22.95
N GLY E 157 -24.31 12.08 -22.62
CA GLY E 157 -23.38 11.63 -21.58
C GLY E 157 -21.91 11.70 -21.98
N ILE E 158 -21.03 11.22 -21.11
CA ILE E 158 -19.58 11.28 -21.33
C ILE E 158 -19.09 10.30 -22.42
N ASP E 159 -19.79 9.21 -22.66
CA ASP E 159 -19.49 8.18 -23.66
C ASP E 159 -20.74 7.33 -23.96
N LEU E 160 -20.69 6.45 -24.96
CA LEU E 160 -21.83 5.61 -25.34
C LEU E 160 -22.35 4.79 -24.16
N ALA E 161 -21.50 4.20 -23.34
CA ALA E 161 -21.95 3.37 -22.22
C ALA E 161 -22.67 4.19 -21.13
N ASP E 162 -22.36 5.47 -20.99
CA ASP E 162 -23.13 6.39 -20.15
C ASP E 162 -24.55 6.58 -20.71
N ASP E 163 -24.71 6.79 -22.00
CA ASP E 163 -26.02 6.89 -22.63
C ASP E 163 -26.80 5.57 -22.57
N ILE E 164 -26.15 4.40 -22.69
CA ILE E 164 -26.82 3.10 -22.49
C ILE E 164 -27.29 2.94 -21.05
N ASN E 165 -26.51 3.37 -20.06
CA ASN E 165 -26.93 3.35 -18.67
C ASN E 165 -28.15 4.25 -18.43
N GLU E 166 -28.20 5.44 -19.02
CA GLU E 166 -29.40 6.26 -19.01
C GLU E 166 -30.58 5.56 -19.68
N ALA E 167 -30.39 4.92 -20.84
CA ALA E 167 -31.45 4.19 -21.52
C ALA E 167 -32.03 3.09 -20.62
N PHE E 168 -31.20 2.23 -20.05
CA PHE E 168 -31.66 1.18 -19.14
C PHE E 168 -32.36 1.77 -17.91
N GLY E 169 -31.88 2.92 -17.45
CA GLY E 169 -32.43 3.63 -16.31
C GLY E 169 -33.88 4.10 -16.51
N PHE E 170 -34.26 4.58 -17.69
CA PHE E 170 -35.65 4.95 -17.96
C PHE E 170 -36.61 3.78 -17.81
N VAL E 171 -36.22 2.59 -18.27
CA VAL E 171 -37.05 1.40 -18.14
C VAL E 171 -37.22 1.02 -16.68
N GLU E 172 -36.14 1.08 -15.91
CA GLU E 172 -36.13 0.75 -14.49
C GLU E 172 -36.98 1.74 -13.68
N ASP E 173 -36.91 3.02 -13.99
CA ASP E 173 -37.65 4.09 -13.32
C ASP E 173 -39.16 4.08 -13.65
N ASP E 174 -39.56 3.60 -14.83
CA ASP E 174 -40.96 3.34 -15.18
C ASP E 174 -41.49 2.03 -14.59
N GLU E 175 -40.71 1.37 -13.75
CA GLU E 175 -41.05 0.14 -13.03
C GLU E 175 -41.07 -1.13 -13.87
N PHE E 176 -40.30 -1.18 -14.95
CA PHE E 176 -40.08 -2.39 -15.74
C PHE E 176 -38.66 -2.93 -15.60
N ASP E 177 -38.39 -4.12 -16.14
CA ASP E 177 -37.07 -4.76 -16.09
C ASP E 177 -36.43 -4.82 -17.48
N VAL E 178 -35.21 -4.35 -17.64
CA VAL E 178 -34.46 -4.54 -18.89
C VAL E 178 -34.04 -6.00 -19.02
N ASN E 179 -34.52 -6.67 -20.05
CA ASN E 179 -34.17 -8.05 -20.38
C ASN E 179 -33.99 -8.28 -21.89
N VAL E 180 -34.05 -7.23 -22.69
CA VAL E 180 -33.68 -7.25 -24.11
C VAL E 180 -33.10 -5.89 -24.48
N ALA E 181 -32.15 -5.88 -25.40
CA ALA E 181 -31.70 -4.67 -26.07
C ALA E 181 -31.37 -4.98 -27.52
N PHE E 182 -31.74 -4.08 -28.42
CA PHE E 182 -31.62 -4.21 -29.87
C PHE E 182 -30.75 -3.10 -30.42
N THR E 183 -29.93 -3.42 -31.41
CA THR E 183 -29.05 -2.45 -32.06
C THR E 183 -28.59 -2.95 -33.43
N GLY E 184 -28.01 -2.07 -34.25
CA GLY E 184 -27.39 -2.46 -35.51
C GLY E 184 -25.94 -2.90 -35.33
N ARG E 185 -25.40 -3.56 -36.34
CA ARG E 185 -24.02 -4.08 -36.33
C ARG E 185 -22.94 -3.01 -36.12
N PHE E 186 -23.21 -1.78 -36.51
CA PHE E 186 -22.35 -0.62 -36.30
C PHE E 186 -21.95 -0.40 -34.84
N LEU E 187 -22.73 -0.88 -33.86
CA LEU E 187 -22.40 -0.67 -32.46
C LEU E 187 -21.14 -1.42 -32.01
N ARG E 188 -20.72 -2.47 -32.70
CA ARG E 188 -19.53 -3.24 -32.34
C ARG E 188 -18.27 -2.39 -32.37
N ARG E 189 -18.06 -1.59 -33.41
CA ARG E 189 -16.96 -0.62 -33.50
C ARG E 189 -16.97 0.34 -32.32
N ARG E 190 -18.13 0.85 -31.96
CA ARG E 190 -18.30 1.85 -30.89
C ARG E 190 -18.00 1.26 -29.53
N LEU E 191 -18.48 0.06 -29.21
CA LEU E 191 -18.15 -0.59 -27.94
C LEU E 191 -16.67 -0.94 -27.83
N ARG E 192 -16.03 -1.47 -28.89
CA ARG E 192 -14.58 -1.72 -28.86
C ARG E 192 -13.79 -0.44 -28.66
N GLY E 193 -14.25 0.68 -29.18
CA GLY E 193 -13.64 1.99 -29.08
C GLY E 193 -13.80 2.71 -27.74
N LEU E 194 -14.43 2.11 -26.72
CA LEU E 194 -14.59 2.73 -25.41
C LEU E 194 -13.27 2.73 -24.62
N ARG E 195 -12.70 3.91 -24.42
CA ARG E 195 -11.46 4.17 -23.67
C ARG E 195 -11.70 5.16 -22.53
N ASP E 196 -10.93 5.05 -21.46
CA ASP E 196 -10.82 6.13 -20.47
C ASP E 196 -10.12 7.37 -21.06
N ALA E 197 -10.08 8.46 -20.30
CA ALA E 197 -9.44 9.71 -20.70
C ALA E 197 -7.91 9.61 -20.91
N ASP E 198 -7.26 8.54 -20.50
CA ASP E 198 -5.84 8.26 -20.80
C ASP E 198 -5.69 7.31 -21.98
N ASN E 199 -6.78 6.93 -22.65
CA ASN E 199 -6.84 6.02 -23.78
C ASN E 199 -6.70 4.54 -23.44
N ALA E 200 -6.75 4.10 -22.18
CA ALA E 200 -6.80 2.67 -21.90
C ALA E 200 -8.22 2.12 -22.13
N PRO E 201 -8.41 0.91 -22.67
CA PRO E 201 -9.74 0.36 -22.88
C PRO E 201 -10.53 0.14 -21.58
N ILE E 202 -11.83 0.46 -21.59
CA ILE E 202 -12.75 0.26 -20.46
C ILE E 202 -13.88 -0.73 -20.73
N TYR E 203 -14.21 -1.00 -21.99
CA TYR E 203 -15.11 -2.09 -22.37
C TYR E 203 -14.36 -3.41 -22.54
N LEU E 204 -13.35 -3.44 -23.40
CA LEU E 204 -12.47 -4.59 -23.62
C LEU E 204 -11.43 -4.76 -22.52
N ASP E 205 -10.95 -5.98 -22.36
CA ASP E 205 -9.75 -6.34 -21.60
C ASP E 205 -8.47 -6.13 -22.44
N GLY E 206 -8.11 -4.88 -22.71
CA GLY E 206 -6.98 -4.54 -23.57
C GLY E 206 -7.22 -4.80 -25.07
N VAL E 207 -6.43 -4.14 -25.93
CA VAL E 207 -6.60 -4.20 -27.39
C VAL E 207 -6.02 -5.45 -28.05
N ARG E 208 -5.18 -6.25 -27.38
CA ARG E 208 -4.51 -7.39 -28.01
C ARG E 208 -5.43 -8.56 -28.32
N SER E 209 -5.94 -9.25 -27.32
CA SER E 209 -6.56 -10.58 -27.47
C SER E 209 -8.08 -10.61 -27.42
N ASP E 210 -8.73 -9.48 -27.21
CA ASP E 210 -10.16 -9.38 -26.91
C ASP E 210 -10.91 -8.58 -27.97
N ASN E 211 -12.05 -9.11 -28.41
CA ASN E 211 -13.06 -8.37 -29.17
C ASN E 211 -14.49 -8.76 -28.82
N ARG E 212 -14.78 -9.41 -27.70
CA ARG E 212 -16.13 -9.87 -27.38
C ARG E 212 -17.04 -8.67 -27.13
N THR E 213 -17.98 -8.40 -28.04
CA THR E 213 -18.96 -7.30 -27.95
C THR E 213 -20.39 -7.80 -27.76
N ALA E 214 -20.59 -8.92 -27.08
CA ALA E 214 -21.88 -9.58 -26.93
C ALA E 214 -22.86 -8.88 -25.98
N GLU E 215 -22.40 -8.04 -25.06
CA GLU E 215 -23.20 -7.56 -23.93
C GLU E 215 -22.77 -6.20 -23.40
N ILE E 216 -23.64 -5.51 -22.69
CA ILE E 216 -23.34 -4.25 -22.01
C ILE E 216 -24.10 -4.24 -20.68
N TYR E 217 -23.47 -3.86 -19.58
CA TYR E 217 -23.98 -4.05 -18.22
C TYR E 217 -24.56 -5.46 -18.01
N GLY E 218 -23.88 -6.48 -18.54
CA GLY E 218 -24.32 -7.86 -18.50
C GLY E 218 -25.58 -8.19 -19.30
N GLN E 219 -26.19 -7.24 -20.01
CA GLN E 219 -27.35 -7.48 -20.87
C GLN E 219 -26.87 -7.87 -22.26
N ASP E 220 -27.27 -9.03 -22.76
CA ASP E 220 -26.92 -9.44 -24.13
C ASP E 220 -27.56 -8.50 -25.16
N LEU E 221 -26.78 -8.09 -26.15
CA LEU E 221 -27.25 -7.29 -27.28
C LEU E 221 -27.78 -8.21 -28.38
N MET E 222 -28.97 -7.92 -28.89
CA MET E 222 -29.49 -8.52 -30.11
C MET E 222 -29.12 -7.63 -31.29
N TYR E 223 -28.17 -8.07 -32.11
CA TYR E 223 -27.76 -7.35 -33.30
C TYR E 223 -28.70 -7.68 -34.46
N VAL E 224 -29.34 -6.67 -35.03
CA VAL E 224 -30.39 -6.82 -36.03
C VAL E 224 -29.78 -6.88 -37.44
N GLY E 225 -29.49 -8.08 -37.93
CA GLY E 225 -28.76 -8.34 -39.19
C GLY E 225 -29.60 -8.33 -40.46
N ASN E 226 -30.82 -7.83 -40.36
CA ASN E 226 -31.94 -8.03 -41.27
C ASN E 226 -32.18 -6.83 -42.21
N ARG E 227 -31.33 -5.80 -42.15
CA ARG E 227 -31.50 -4.46 -42.77
C ARG E 227 -32.71 -3.65 -42.29
N SER E 228 -33.51 -4.17 -41.37
CA SER E 228 -34.63 -3.46 -40.74
C SER E 228 -34.20 -2.39 -39.75
N TRP E 229 -32.99 -2.46 -39.20
CA TRP E 229 -32.51 -1.46 -38.25
C TRP E 229 -32.16 -0.14 -38.93
N ASP E 230 -32.48 0.97 -38.27
CA ASP E 230 -32.29 2.31 -38.81
C ASP E 230 -31.53 3.22 -37.84
N ARG E 231 -30.21 3.33 -38.03
CA ARG E 231 -29.38 4.18 -37.19
C ARG E 231 -29.70 5.66 -37.28
N ASP E 232 -30.46 6.11 -38.27
CA ASP E 232 -30.93 7.48 -38.35
C ASP E 232 -32.17 7.74 -37.47
N GLU E 233 -32.78 6.70 -36.90
CA GLU E 233 -33.85 6.79 -35.91
C GLU E 233 -33.40 6.40 -34.51
N ALA E 234 -32.65 5.30 -34.36
CA ALA E 234 -32.16 4.81 -33.07
C ALA E 234 -30.76 4.21 -33.15
N VAL E 235 -29.94 4.50 -32.15
CA VAL E 235 -28.68 3.81 -31.91
C VAL E 235 -28.93 2.49 -31.19
N LEU E 236 -29.80 2.48 -30.19
CA LEU E 236 -30.16 1.30 -29.39
C LEU E 236 -31.57 1.44 -28.83
N LEU E 237 -32.30 0.34 -28.69
CA LEU E 237 -33.59 0.22 -28.02
C LEU E 237 -33.47 -0.83 -26.93
N ALA E 238 -33.86 -0.53 -25.69
CA ALA E 238 -33.81 -1.46 -24.57
C ALA E 238 -35.17 -1.56 -23.88
N GLY E 239 -35.49 -2.68 -23.26
CA GLY E 239 -36.77 -2.82 -22.58
C GLY E 239 -37.06 -4.21 -22.04
N ASP E 240 -38.34 -4.44 -21.82
CA ASP E 240 -38.89 -5.66 -21.26
C ASP E 240 -39.66 -6.47 -22.31
N ARG E 241 -39.03 -7.51 -22.85
CA ARG E 241 -39.60 -8.36 -23.91
C ARG E 241 -40.94 -8.97 -23.55
N SER E 242 -41.22 -9.17 -22.26
CA SER E 242 -42.47 -9.76 -21.81
C SER E 242 -43.68 -8.85 -22.05
N LYS E 243 -43.47 -7.54 -22.20
CA LYS E 243 -44.52 -6.53 -22.38
C LYS E 243 -44.90 -6.27 -23.83
N VAL E 244 -44.46 -7.10 -24.76
CA VAL E 244 -44.91 -7.11 -26.15
C VAL E 244 -45.58 -8.43 -26.46
N LEU E 245 -46.70 -8.40 -27.16
CA LEU E 245 -47.37 -9.57 -27.70
C LEU E 245 -47.46 -9.48 -29.22
N LEU E 246 -47.06 -10.54 -29.90
CA LEU E 246 -47.34 -10.74 -31.32
C LEU E 246 -48.43 -11.80 -31.51
N GLY E 247 -49.26 -11.65 -32.52
CA GLY E 247 -50.20 -12.68 -32.94
C GLY E 247 -49.85 -13.23 -34.30
N ILE E 248 -49.86 -14.54 -34.49
CA ILE E 248 -49.85 -15.13 -35.83
C ILE E 248 -51.25 -15.58 -36.16
N ARG E 249 -51.88 -14.94 -37.14
CA ARG E 249 -53.20 -15.33 -37.63
C ARG E 249 -53.12 -16.40 -38.71
N GLU E 250 -52.16 -16.29 -39.59
CA GLU E 250 -51.99 -17.19 -40.73
C GLU E 250 -50.52 -17.23 -41.15
N ASP E 251 -49.95 -18.43 -41.22
CA ASP E 251 -48.57 -18.63 -41.65
C ASP E 251 -48.40 -18.19 -43.11
N VAL E 252 -47.17 -17.91 -43.54
CA VAL E 252 -46.93 -17.51 -44.92
C VAL E 252 -47.48 -18.56 -45.89
N GLN E 253 -48.24 -18.13 -46.88
CA GLN E 253 -48.80 -19.02 -47.89
C GLN E 253 -48.65 -18.43 -49.29
N VAL E 254 -48.56 -19.33 -50.26
CA VAL E 254 -48.06 -19.02 -51.59
C VAL E 254 -48.96 -19.63 -52.67
N LYS E 255 -49.33 -18.85 -53.68
CA LYS E 255 -50.13 -19.29 -54.82
C LYS E 255 -49.41 -18.97 -56.12
N LEU E 256 -49.35 -19.94 -57.03
CA LEU E 256 -48.88 -19.75 -58.40
C LEU E 256 -49.98 -19.11 -59.25
N LEU E 257 -49.75 -17.90 -59.73
CA LEU E 257 -50.66 -17.17 -60.60
C LEU E 257 -50.25 -17.38 -62.06
N THR E 258 -51.17 -17.83 -62.89
CA THR E 258 -50.94 -18.07 -64.33
C THR E 258 -51.86 -17.28 -65.26
N GLU E 259 -52.91 -16.64 -64.75
CA GLU E 259 -53.90 -15.89 -65.55
C GLU E 259 -54.22 -14.48 -65.05
N ALA E 260 -53.89 -14.15 -63.80
CA ALA E 260 -54.25 -12.91 -63.14
C ALA E 260 -53.76 -11.66 -63.89
N THR E 261 -54.41 -10.53 -63.66
CA THR E 261 -53.90 -9.23 -64.09
C THR E 261 -53.26 -8.51 -62.91
N ILE E 262 -51.97 -8.25 -62.99
CA ILE E 262 -51.13 -7.79 -61.89
C ILE E 262 -50.54 -6.42 -62.23
N GLY E 263 -50.87 -5.38 -61.48
CA GLY E 263 -50.57 -4.01 -61.91
C GLY E 263 -51.21 -3.73 -63.27
N GLY E 264 -50.42 -3.36 -64.28
CA GLY E 264 -50.88 -3.26 -65.66
C GLY E 264 -50.79 -4.53 -66.52
N ILE E 265 -50.29 -5.64 -65.97
CA ILE E 265 -49.78 -6.78 -66.74
C ILE E 265 -50.80 -7.92 -66.75
N ASN E 266 -51.30 -8.29 -67.91
CA ASN E 266 -52.14 -9.48 -68.07
C ASN E 266 -51.23 -10.73 -68.16
N LEU E 267 -51.11 -11.56 -67.12
CA LEU E 267 -50.08 -12.60 -67.10
C LEU E 267 -50.21 -13.62 -68.24
N ALA E 268 -51.38 -14.19 -68.48
CA ALA E 268 -51.59 -15.16 -69.54
C ALA E 268 -51.32 -14.60 -70.94
N GLU E 269 -51.78 -13.38 -71.22
CA GLU E 269 -51.53 -12.70 -72.48
C GLU E 269 -50.04 -12.42 -72.72
N LYS E 270 -49.26 -12.17 -71.67
CA LYS E 270 -47.81 -11.94 -71.71
C LYS E 270 -46.97 -13.21 -71.57
N ASP E 271 -47.56 -14.39 -71.41
CA ASP E 271 -46.85 -15.63 -71.10
C ASP E 271 -45.98 -15.55 -69.83
N MET E 272 -46.41 -14.72 -68.89
CA MET E 272 -45.81 -14.59 -67.58
C MET E 272 -46.54 -15.43 -66.55
N VAL E 273 -45.88 -15.64 -65.42
CA VAL E 273 -46.35 -16.36 -64.24
C VAL E 273 -45.87 -15.60 -63.01
N ALA E 274 -46.54 -15.71 -61.88
CA ALA E 274 -46.12 -15.06 -60.65
C ALA E 274 -46.31 -15.94 -59.43
N LEU E 275 -45.50 -15.73 -58.40
CA LEU E 275 -45.81 -16.22 -57.05
C LEU E 275 -46.41 -15.08 -56.24
N ARG E 276 -47.56 -15.33 -55.63
CA ARG E 276 -48.20 -14.44 -54.65
C ARG E 276 -47.90 -14.99 -53.27
N PHE E 277 -47.34 -14.16 -52.41
CA PHE E 277 -47.02 -14.48 -51.01
C PHE E 277 -47.85 -13.60 -50.09
N LYS E 278 -48.37 -14.17 -49.01
CA LYS E 278 -49.15 -13.43 -48.01
C LYS E 278 -48.94 -14.03 -46.63
N PHE E 279 -49.03 -13.24 -45.57
CA PHE E 279 -48.77 -13.64 -44.18
C PHE E 279 -49.55 -12.73 -43.23
N ARG E 280 -50.25 -13.27 -42.22
CA ARG E 280 -51.06 -12.44 -41.32
C ARG E 280 -50.57 -12.45 -39.88
N VAL E 281 -50.32 -11.26 -39.37
CA VAL E 281 -49.59 -10.99 -38.14
C VAL E 281 -50.19 -9.80 -37.38
N ALA E 282 -50.15 -9.82 -36.06
CA ALA E 282 -50.62 -8.76 -35.19
C ALA E 282 -49.53 -8.31 -34.22
N TYR E 283 -49.53 -7.04 -33.80
CA TYR E 283 -48.66 -6.52 -32.75
C TYR E 283 -49.45 -5.72 -31.73
N SER E 284 -49.13 -5.88 -30.44
CA SER E 284 -49.59 -4.99 -29.38
C SER E 284 -48.57 -4.93 -28.23
N THR E 285 -48.55 -3.82 -27.49
CA THR E 285 -47.91 -3.75 -26.19
C THR E 285 -48.89 -4.20 -25.11
N ALA E 286 -48.43 -5.06 -24.23
CA ALA E 286 -49.20 -5.77 -23.22
C ALA E 286 -48.70 -5.46 -21.81
N PHE E 287 -48.95 -4.24 -21.33
CA PHE E 287 -48.61 -3.81 -19.98
C PHE E 287 -49.73 -3.01 -19.33
N SER E 288 -49.81 -3.07 -18.01
CA SER E 288 -50.69 -2.26 -17.17
C SER E 288 -49.88 -1.19 -16.45
N THR E 289 -50.38 0.03 -16.41
CA THR E 289 -49.87 1.12 -15.58
C THR E 289 -50.69 1.33 -14.30
N ALA E 290 -51.39 0.31 -13.81
CA ALA E 290 -52.28 0.45 -12.65
C ALA E 290 -51.53 0.89 -11.40
N GLY E 291 -52.00 1.98 -10.78
CA GLY E 291 -51.36 2.62 -9.62
C GLY E 291 -50.03 3.31 -9.89
N GLY E 292 -49.48 3.21 -11.11
CA GLY E 292 -48.33 3.95 -11.60
C GLY E 292 -48.74 5.27 -12.26
N GLU E 293 -48.00 5.71 -13.28
CA GLU E 293 -48.32 6.87 -14.11
C GLU E 293 -48.59 6.44 -15.55
N VAL E 294 -49.51 7.13 -16.22
CA VAL E 294 -49.96 6.78 -17.58
C VAL E 294 -48.87 6.86 -18.65
N THR E 295 -47.81 7.62 -18.39
CA THR E 295 -46.63 7.73 -19.26
C THR E 295 -45.60 6.61 -19.02
N ASP E 296 -45.77 5.75 -18.02
CA ASP E 296 -44.84 4.60 -17.81
C ASP E 296 -44.81 3.74 -19.08
N TYR E 297 -43.63 3.47 -19.66
CA TYR E 297 -43.45 2.62 -20.87
C TYR E 297 -42.38 1.55 -20.57
N PRO E 298 -42.47 0.29 -21.06
CA PRO E 298 -41.42 -0.72 -20.85
C PRO E 298 -40.15 -0.59 -21.70
N PHE E 299 -40.02 0.41 -22.58
CA PHE E 299 -38.87 0.54 -23.46
C PHE E 299 -38.27 1.95 -23.40
N ALA E 300 -37.01 2.04 -23.79
CA ALA E 300 -36.26 3.28 -23.87
C ALA E 300 -35.30 3.23 -25.06
N VAL E 301 -34.94 4.39 -25.60
CA VAL E 301 -34.19 4.48 -26.84
C VAL E 301 -33.08 5.52 -26.75
N ILE E 302 -31.94 5.23 -27.37
CA ILE E 302 -30.92 6.24 -27.66
C ILE E 302 -31.18 6.71 -29.08
N THR E 303 -31.53 7.98 -29.26
CA THR E 303 -31.68 8.61 -30.58
C THR E 303 -30.32 9.10 -31.08
N PRO E 304 -30.07 9.19 -32.39
CA PRO E 304 -28.78 9.63 -32.91
C PRO E 304 -28.41 11.08 -32.58
N ASP E 305 -27.12 11.38 -32.66
CA ASP E 305 -26.51 12.65 -32.26
C ASP E 305 -26.97 13.86 -33.10
N ALA F 2 68.36 -15.53 -42.92
CA ALA F 2 67.47 -16.12 -43.94
C ALA F 2 66.58 -17.19 -43.32
N ASP F 3 65.31 -17.23 -43.72
CA ASP F 3 64.30 -18.19 -43.26
C ASP F 3 63.15 -18.32 -44.26
N ILE F 4 62.36 -19.39 -44.14
CA ILE F 4 61.16 -19.65 -44.93
C ILE F 4 60.02 -18.72 -44.49
N SER F 5 59.77 -17.63 -45.21
CA SER F 5 58.62 -16.75 -44.96
C SER F 5 57.31 -17.43 -45.33
N ARG F 6 56.17 -16.92 -44.86
CA ARG F 6 54.86 -17.46 -45.26
C ARG F 6 54.65 -17.36 -46.77
N ALA F 7 55.13 -16.30 -47.39
CA ALA F 7 55.12 -16.14 -48.84
C ALA F 7 55.94 -17.20 -49.57
N ASP F 8 57.08 -17.65 -49.04
CA ASP F 8 57.87 -18.73 -49.63
C ASP F 8 57.18 -20.09 -49.58
N ALA F 9 56.27 -20.32 -48.63
CA ALA F 9 55.50 -21.55 -48.51
C ALA F 9 54.07 -21.43 -49.05
N LEU F 10 53.67 -20.29 -49.61
CA LEU F 10 52.29 -19.99 -50.01
C LEU F 10 51.66 -21.06 -50.91
N ALA F 11 52.40 -21.56 -51.90
CA ALA F 11 51.94 -22.60 -52.81
C ALA F 11 51.60 -23.92 -52.11
N LEU F 12 52.13 -24.18 -50.92
CA LEU F 12 51.97 -25.42 -50.16
C LEU F 12 50.83 -25.34 -49.14
N LEU F 13 50.29 -24.15 -48.86
CA LEU F 13 49.28 -23.94 -47.82
C LEU F 13 47.94 -24.57 -48.18
N ALA F 14 47.33 -25.24 -47.21
CA ALA F 14 46.00 -25.85 -47.35
C ALA F 14 44.91 -24.80 -47.63
N THR F 15 43.77 -25.26 -48.13
CA THR F 15 42.55 -24.46 -48.36
C THR F 15 41.33 -25.18 -47.84
N GLN F 16 40.32 -24.43 -47.41
CA GLN F 16 39.07 -24.97 -46.90
C GLN F 16 37.89 -24.19 -47.46
N GLU F 17 36.80 -24.88 -47.74
CA GLU F 17 35.59 -24.34 -48.33
C GLU F 17 34.40 -24.78 -47.48
N LEU F 18 33.44 -23.88 -47.23
CA LEU F 18 32.17 -24.32 -46.66
C LEU F 18 31.35 -25.14 -47.64
N ASP F 19 30.62 -26.11 -47.09
CA ASP F 19 29.82 -27.12 -47.79
C ASP F 19 28.42 -26.62 -48.19
N SER F 20 28.09 -25.36 -47.92
CA SER F 20 26.74 -24.79 -47.95
C SER F 20 26.77 -23.30 -48.23
N ILE F 21 25.67 -22.78 -48.80
CA ILE F 21 25.57 -21.39 -49.28
C ILE F 21 24.83 -20.53 -48.26
N ILE F 22 25.37 -19.35 -47.94
CA ILE F 22 24.69 -18.36 -47.12
C ILE F 22 23.58 -17.70 -47.94
N LYS F 23 22.32 -17.94 -47.58
CA LYS F 23 21.10 -17.48 -48.28
C LYS F 23 20.05 -17.01 -47.28
N PRO F 24 19.16 -16.06 -47.63
CA PRO F 24 18.02 -15.73 -46.79
C PRO F 24 16.98 -16.86 -46.84
N GLU F 25 15.99 -16.84 -45.96
CA GLU F 25 14.82 -17.72 -46.05
C GLU F 25 13.90 -17.38 -47.23
N THR F 26 13.16 -18.37 -47.70
CA THR F 26 12.14 -18.22 -48.74
C THR F 26 10.74 -18.34 -48.17
N SER F 27 9.76 -17.62 -48.73
CA SER F 27 8.34 -17.78 -48.38
C SER F 27 7.42 -17.76 -49.60
N GLY F 28 6.29 -18.47 -49.48
CA GLY F 28 5.26 -18.59 -50.50
C GLY F 28 4.43 -17.33 -50.67
N SER F 29 3.52 -17.29 -51.64
CA SER F 29 2.54 -16.19 -51.75
C SER F 29 1.57 -16.16 -50.58
N ALA F 30 1.26 -14.97 -50.06
CA ALA F 30 0.19 -14.80 -49.08
C ALA F 30 -1.18 -15.04 -49.74
N ALA F 31 -1.34 -14.74 -51.02
CA ALA F 31 -2.58 -14.94 -51.75
C ALA F 31 -3.03 -16.41 -51.75
N LEU F 32 -2.15 -17.35 -52.13
CA LEU F 32 -2.50 -18.77 -52.16
C LEU F 32 -2.61 -19.39 -50.77
N ALA F 33 -1.97 -18.82 -49.76
CA ALA F 33 -2.15 -19.22 -48.38
C ALA F 33 -3.55 -18.81 -47.86
N ALA F 34 -3.93 -17.56 -48.06
CA ALA F 34 -5.14 -16.97 -47.49
C ALA F 34 -6.43 -17.33 -48.22
N PHE F 35 -6.45 -17.30 -49.55
CA PHE F 35 -7.68 -17.29 -50.33
C PHE F 35 -8.00 -18.66 -50.92
N ARG F 36 -9.29 -18.99 -51.01
CA ARG F 36 -9.78 -20.21 -51.66
C ARG F 36 -9.42 -20.24 -53.14
N SER F 37 -9.12 -21.42 -53.66
CA SER F 37 -8.89 -21.59 -55.09
C SER F 37 -9.62 -22.77 -55.71
N ILE F 38 -9.98 -22.63 -56.98
CA ILE F 38 -10.66 -23.65 -57.79
C ILE F 38 -9.80 -24.05 -58.97
N ARG F 39 -9.89 -25.31 -59.40
CA ARG F 39 -9.31 -25.76 -60.66
C ARG F 39 -10.10 -25.22 -61.83
N MET F 40 -9.45 -24.46 -62.69
CA MET F 40 -10.04 -24.03 -63.95
C MET F 40 -9.69 -25.03 -65.05
N SER F 41 -10.65 -25.40 -65.87
CA SER F 41 -10.48 -26.24 -67.04
C SER F 41 -10.59 -25.47 -68.36
N ALA F 42 -11.08 -24.22 -68.35
CA ALA F 42 -11.44 -23.48 -69.55
C ALA F 42 -10.59 -22.24 -69.89
N GLY F 43 -9.99 -21.60 -68.89
CA GLY F 43 -9.29 -20.32 -69.07
C GLY F 43 -10.15 -19.09 -68.79
N THR F 44 -11.47 -19.20 -68.85
CA THR F 44 -12.40 -18.27 -68.19
C THR F 44 -13.50 -19.05 -67.49
N VAL F 45 -13.87 -18.66 -66.27
CA VAL F 45 -15.00 -19.20 -65.53
C VAL F 45 -16.00 -18.09 -65.24
N SER F 46 -17.27 -18.32 -65.55
CA SER F 46 -18.33 -17.34 -65.33
C SER F 46 -19.10 -17.65 -64.04
N MET F 47 -19.39 -16.60 -63.27
CA MET F 47 -19.87 -16.67 -61.89
C MET F 47 -21.13 -15.82 -61.73
N PRO F 48 -22.30 -16.39 -61.40
CA PRO F 48 -23.50 -15.62 -61.12
C PRO F 48 -23.53 -15.08 -59.68
N VAL F 49 -24.08 -13.89 -59.53
CA VAL F 49 -24.14 -13.11 -58.29
C VAL F 49 -25.56 -12.57 -58.06
N LEU F 50 -26.09 -12.67 -56.83
CA LEU F 50 -27.33 -11.99 -56.48
C LEU F 50 -27.10 -10.48 -56.44
N ALA F 51 -27.99 -9.68 -57.03
CA ALA F 51 -27.79 -8.24 -57.19
C ALA F 51 -28.86 -7.37 -56.54
N ALA F 52 -30.08 -7.84 -56.30
CA ALA F 52 -31.18 -7.07 -55.72
C ALA F 52 -32.12 -7.97 -54.91
N LEU F 53 -32.89 -7.38 -54.00
CA LEU F 53 -33.80 -8.09 -53.10
C LEU F 53 -35.27 -7.71 -53.32
N PRO F 54 -36.23 -8.58 -52.99
CA PRO F 54 -37.65 -8.24 -53.02
C PRO F 54 -37.99 -7.11 -52.07
N THR F 55 -39.09 -6.43 -52.33
CA THR F 55 -39.74 -5.49 -51.41
C THR F 55 -41.20 -5.90 -51.22
N ALA F 56 -41.64 -6.16 -49.99
CA ALA F 56 -43.03 -6.46 -49.68
C ALA F 56 -43.77 -5.23 -49.14
N GLY F 57 -45.04 -5.35 -48.81
CA GLY F 57 -45.82 -4.24 -48.26
C GLY F 57 -47.03 -4.69 -47.47
N TRP F 58 -47.63 -3.75 -46.75
CA TRP F 58 -48.85 -3.97 -45.99
C TRP F 58 -50.10 -3.83 -46.87
N VAL F 59 -51.07 -4.73 -46.74
CA VAL F 59 -52.37 -4.64 -47.43
C VAL F 59 -53.56 -4.66 -46.47
N THR F 60 -54.56 -3.86 -46.76
CA THR F 60 -55.86 -3.85 -46.06
C THR F 60 -56.84 -4.88 -46.64
N ASP F 61 -57.90 -5.25 -45.92
CA ASP F 61 -58.88 -6.25 -46.35
C ASP F 61 -60.36 -5.87 -46.10
N ASP F 62 -60.65 -4.58 -45.91
CA ASP F 62 -61.97 -4.07 -45.55
C ASP F 62 -62.96 -3.94 -46.70
N THR F 63 -62.49 -3.41 -47.84
CA THR F 63 -63.32 -3.03 -48.98
C THR F 63 -62.57 -3.27 -50.30
N SER F 64 -63.30 -3.57 -51.37
CA SER F 64 -62.73 -3.88 -52.68
C SER F 64 -62.19 -2.64 -53.42
N GLY F 65 -62.73 -1.46 -53.13
CA GLY F 65 -62.42 -0.25 -53.88
C GLY F 65 -61.12 0.45 -53.47
N ALA F 66 -60.56 0.17 -52.29
CA ALA F 66 -59.40 0.88 -51.76
C ALA F 66 -58.08 0.41 -52.36
N ALA F 67 -57.25 1.36 -52.80
CA ALA F 67 -55.94 1.08 -53.40
C ALA F 67 -54.99 0.33 -52.44
N THR F 68 -55.08 0.60 -51.14
CA THR F 68 -54.32 -0.10 -50.08
C THR F 68 -54.65 -1.59 -49.95
N GLY F 69 -55.68 -2.10 -50.62
CA GLY F 69 -55.96 -3.53 -50.70
C GLY F 69 -55.18 -4.26 -51.77
N THR F 70 -54.54 -3.56 -52.70
CA THR F 70 -53.77 -4.16 -53.80
C THR F 70 -52.40 -4.64 -53.33
N LYS F 71 -52.07 -5.91 -53.56
CA LYS F 71 -50.77 -6.48 -53.21
C LYS F 71 -49.66 -5.87 -54.08
N PRO F 72 -48.52 -5.46 -53.53
CA PRO F 72 -47.45 -4.84 -54.32
C PRO F 72 -46.70 -5.88 -55.17
N THR F 73 -46.16 -5.46 -56.30
CA THR F 73 -45.22 -6.24 -57.09
C THR F 73 -43.77 -5.97 -56.71
N SER F 74 -42.90 -6.95 -56.89
CA SER F 74 -41.45 -6.76 -56.74
C SER F 74 -40.65 -7.80 -57.52
N LYS F 75 -39.33 -7.61 -57.60
CA LYS F 75 -38.40 -8.38 -58.41
C LYS F 75 -37.13 -8.74 -57.64
N VAL F 76 -36.44 -9.74 -58.17
CA VAL F 76 -35.06 -10.12 -57.82
C VAL F 76 -34.22 -9.97 -59.08
N SER F 77 -32.94 -9.66 -58.97
CA SER F 77 -32.04 -9.62 -60.13
C SER F 77 -30.67 -10.18 -59.80
N TRP F 78 -29.94 -10.57 -60.83
CA TRP F 78 -28.61 -11.13 -60.74
C TRP F 78 -27.67 -10.47 -61.74
N THR F 79 -26.39 -10.57 -61.48
CA THR F 79 -25.30 -10.16 -62.36
C THR F 79 -24.32 -11.29 -62.54
N GLY F 80 -23.50 -11.21 -63.58
CA GLY F 80 -22.40 -12.13 -63.82
C GLY F 80 -21.07 -11.42 -63.74
N LYS F 81 -20.03 -12.13 -63.31
CA LYS F 81 -18.63 -11.68 -63.41
C LYS F 81 -17.70 -12.85 -63.73
N ASN F 82 -16.52 -12.58 -64.28
CA ASN F 82 -15.63 -13.61 -64.82
C ASN F 82 -14.33 -13.73 -64.03
N LEU F 83 -13.83 -14.95 -63.93
CA LEU F 83 -12.50 -15.30 -63.43
C LEU F 83 -11.63 -15.68 -64.64
N VAL F 84 -10.59 -14.91 -64.98
CA VAL F 84 -9.80 -15.04 -66.21
C VAL F 84 -8.37 -15.48 -65.91
N ALA F 85 -7.92 -16.60 -66.49
CA ALA F 85 -6.55 -17.08 -66.33
C ALA F 85 -5.54 -16.20 -67.07
N GLU F 86 -4.43 -15.92 -66.41
CA GLU F 86 -3.28 -15.16 -66.88
C GLU F 86 -1.99 -15.88 -66.45
N GLU F 87 -0.87 -15.56 -67.08
CA GLU F 87 0.34 -16.38 -67.01
C GLU F 87 1.54 -15.63 -66.45
N ILE F 88 2.21 -16.21 -65.45
CA ILE F 88 3.50 -15.76 -64.93
C ILE F 88 4.57 -16.67 -65.53
N ALA F 89 5.65 -16.11 -66.03
CA ALA F 89 6.74 -16.84 -66.64
C ALA F 89 8.12 -16.21 -66.44
N VAL F 90 9.17 -17.02 -66.51
CA VAL F 90 10.57 -16.58 -66.59
C VAL F 90 11.43 -17.63 -67.29
N ILE F 91 12.50 -17.21 -67.95
CA ILE F 91 13.53 -18.08 -68.49
C ILE F 91 14.88 -17.76 -67.82
N VAL F 92 15.57 -18.77 -67.32
CA VAL F 92 16.89 -18.63 -66.68
C VAL F 92 17.95 -19.36 -67.52
N PRO F 93 18.73 -18.66 -68.35
CA PRO F 93 19.81 -19.25 -69.14
C PRO F 93 21.15 -19.30 -68.40
N VAL F 94 21.94 -20.35 -68.62
CA VAL F 94 23.27 -20.57 -68.04
C VAL F 94 24.18 -21.33 -69.01
N HIS F 95 25.50 -21.17 -68.94
CA HIS F 95 26.43 -21.96 -69.74
C HIS F 95 26.55 -23.39 -69.22
N GLU F 96 26.62 -24.39 -70.10
CA GLU F 96 26.80 -25.78 -69.66
C GLU F 96 28.08 -26.00 -68.85
N ASN F 97 29.16 -25.27 -69.14
CA ASN F 97 30.40 -25.35 -68.36
C ASN F 97 30.24 -24.80 -66.95
N THR F 98 29.39 -23.80 -66.73
CA THR F 98 29.09 -23.32 -65.37
C THR F 98 28.37 -24.39 -64.55
N ILE F 99 27.47 -25.18 -65.15
CA ILE F 99 26.88 -26.33 -64.49
C ILE F 99 27.93 -27.41 -64.21
N ALA F 100 28.80 -27.70 -65.19
CA ALA F 100 29.80 -28.75 -65.06
C ALA F 100 30.89 -28.44 -64.03
N ASP F 101 31.32 -27.18 -63.92
CA ASP F 101 32.43 -26.76 -63.06
C ASP F 101 32.02 -26.46 -61.61
N SER F 102 30.76 -26.15 -61.31
CA SER F 102 30.36 -25.75 -59.96
C SER F 102 30.38 -26.91 -58.97
N ARG F 103 30.70 -26.63 -57.70
CA ARG F 103 30.55 -27.60 -56.59
C ARG F 103 29.09 -27.90 -56.29
N PHE F 104 28.25 -26.88 -56.38
CA PHE F 104 26.82 -26.93 -56.11
C PHE F 104 26.01 -27.20 -57.37
N ASP F 105 24.87 -27.86 -57.24
CA ASP F 105 23.87 -27.99 -58.29
C ASP F 105 23.15 -26.65 -58.54
N ILE F 106 23.49 -25.98 -59.64
CA ILE F 106 22.92 -24.67 -59.98
C ILE F 106 21.41 -24.74 -60.11
N TRP F 107 20.84 -25.74 -60.78
CA TRP F 107 19.38 -25.81 -60.91
C TRP F 107 18.70 -26.10 -59.58
N GLY F 108 19.32 -26.90 -58.72
CA GLY F 108 18.87 -27.11 -57.35
C GLY F 108 18.83 -25.81 -56.55
N GLU F 109 19.73 -24.86 -56.82
CA GLU F 109 19.66 -23.51 -56.24
C GLU F 109 18.65 -22.59 -56.94
N VAL F 110 18.51 -22.63 -58.27
CA VAL F 110 17.62 -21.72 -59.01
C VAL F 110 16.14 -22.02 -58.73
N ARG F 111 15.74 -23.29 -58.71
CA ARG F 111 14.32 -23.68 -58.63
C ARG F 111 13.57 -23.09 -57.43
N PRO F 112 14.06 -23.16 -56.17
CA PRO F 112 13.43 -22.50 -55.03
C PRO F 112 13.25 -20.99 -55.20
N LEU F 113 14.22 -20.30 -55.79
CA LEU F 113 14.17 -18.86 -55.95
C LEU F 113 13.16 -18.41 -57.00
N VAL F 114 12.98 -19.17 -58.07
CA VAL F 114 11.93 -18.91 -59.07
C VAL F 114 10.56 -19.18 -58.47
N SER F 115 10.41 -20.24 -57.68
CA SER F 115 9.18 -20.52 -56.95
C SER F 115 8.81 -19.39 -55.99
N GLN F 116 9.75 -18.86 -55.21
CA GLN F 116 9.50 -17.66 -54.39
C GLN F 116 9.10 -16.46 -55.25
N GLU F 117 9.78 -16.23 -56.37
CA GLU F 117 9.53 -15.09 -57.23
C GLU F 117 8.15 -15.12 -57.88
N PHE F 118 7.66 -16.29 -58.30
CA PHE F 118 6.29 -16.41 -58.79
C PHE F 118 5.29 -16.01 -57.71
N GLY F 119 5.51 -16.47 -56.48
CA GLY F 119 4.65 -16.13 -55.36
C GLY F 119 4.63 -14.62 -55.09
N ARG F 120 5.79 -13.96 -55.15
CA ARG F 120 5.89 -12.50 -55.00
C ARG F 120 5.13 -11.76 -56.10
N VAL F 121 5.29 -12.16 -57.36
CA VAL F 121 4.65 -11.50 -58.51
C VAL F 121 3.13 -11.61 -58.43
N LEU F 122 2.61 -12.79 -58.07
CA LEU F 122 1.19 -12.98 -57.83
C LEU F 122 0.68 -12.06 -56.71
N ASP F 123 1.35 -12.05 -55.56
CA ASP F 123 0.93 -11.21 -54.43
C ASP F 123 0.88 -9.73 -54.76
N GLU F 124 1.93 -9.17 -55.39
CA GLU F 124 1.92 -7.74 -55.66
C GLU F 124 0.95 -7.36 -56.79
N ALA F 125 0.36 -8.32 -57.49
CA ALA F 125 -0.78 -8.09 -58.39
C ALA F 125 -2.13 -8.30 -57.71
N VAL F 126 -2.25 -9.17 -56.69
CA VAL F 126 -3.51 -9.42 -55.98
C VAL F 126 -3.78 -8.36 -54.91
N PHE F 127 -2.78 -8.03 -54.09
CA PHE F 127 -2.95 -7.09 -52.99
C PHE F 127 -2.80 -5.65 -53.45
N PHE F 128 -1.73 -5.36 -54.17
CA PHE F 128 -1.46 -4.07 -54.78
C PHE F 128 -1.71 -4.17 -56.28
N GLY F 129 -1.79 -3.05 -56.99
CA GLY F 129 -2.13 -3.08 -58.42
C GLY F 129 -0.95 -3.16 -59.39
N VAL F 130 0.27 -3.37 -58.91
CA VAL F 130 1.50 -2.88 -59.58
C VAL F 130 1.75 -3.34 -61.01
N ASN F 131 1.53 -4.61 -61.34
CA ASN F 131 1.63 -5.15 -62.70
C ASN F 131 0.41 -6.00 -63.05
N LYS F 132 -0.75 -5.69 -62.46
CA LYS F 132 -1.96 -6.50 -62.58
C LYS F 132 -2.35 -6.63 -64.06
N PRO F 133 -2.65 -7.83 -64.58
CA PRO F 133 -3.18 -7.99 -65.92
C PRO F 133 -4.46 -7.17 -66.16
N ALA F 134 -4.59 -6.54 -67.32
CA ALA F 134 -5.77 -5.74 -67.68
C ALA F 134 -7.05 -6.58 -67.81
N THR F 135 -6.92 -7.89 -68.02
CA THR F 135 -8.03 -8.85 -68.06
C THR F 135 -8.59 -9.22 -66.70
N TRP F 136 -7.92 -8.91 -65.60
CA TRP F 136 -8.49 -9.03 -64.26
C TRP F 136 -9.28 -7.75 -63.99
N LEU F 137 -10.60 -7.78 -64.15
CA LEU F 137 -11.41 -6.56 -64.14
C LEU F 137 -11.67 -6.01 -62.74
N ASP F 138 -11.57 -6.83 -61.70
CA ASP F 138 -11.58 -6.33 -60.32
C ASP F 138 -10.31 -5.53 -60.02
N PRO F 139 -10.39 -4.43 -59.27
CA PRO F 139 -9.21 -3.84 -58.67
C PRO F 139 -8.53 -4.84 -57.74
N ALA F 140 -7.24 -4.62 -57.50
CA ALA F 140 -6.52 -5.32 -56.45
C ALA F 140 -7.09 -4.95 -55.07
N LEU F 141 -6.84 -5.77 -54.05
CA LEU F 141 -7.47 -5.57 -52.73
C LEU F 141 -7.23 -4.20 -52.09
N VAL F 142 -6.01 -3.67 -52.07
CA VAL F 142 -5.69 -2.35 -51.50
C VAL F 142 -6.34 -1.20 -52.29
N PRO F 143 -6.09 -1.00 -53.59
CA PRO F 143 -6.75 0.08 -54.32
C PRO F 143 -8.27 -0.06 -54.40
N GLY F 144 -8.82 -1.29 -54.36
CA GLY F 144 -10.26 -1.52 -54.25
C GLY F 144 -10.85 -1.04 -52.93
N ALA F 145 -10.18 -1.26 -51.79
CA ALA F 145 -10.62 -0.75 -50.50
C ALA F 145 -10.56 0.78 -50.44
N ILE F 146 -9.54 1.39 -51.06
CA ILE F 146 -9.40 2.85 -51.18
C ILE F 146 -10.52 3.43 -52.03
N ALA F 147 -10.78 2.87 -53.21
CA ALA F 147 -11.85 3.33 -54.08
C ALA F 147 -13.24 3.19 -53.44
N ALA F 148 -13.47 2.13 -52.66
CA ALA F 148 -14.68 1.93 -51.89
C ALA F 148 -14.86 2.93 -50.72
N GLY F 149 -13.83 3.67 -50.34
CA GLY F 149 -13.83 4.51 -49.15
C GLY F 149 -13.64 3.75 -47.84
N ASN F 150 -13.34 2.45 -47.88
CA ASN F 150 -12.98 1.63 -46.72
C ASN F 150 -11.52 1.84 -46.32
N THR F 151 -11.14 3.09 -46.12
CA THR F 151 -9.77 3.52 -45.88
C THR F 151 -9.70 4.54 -44.76
N ILE F 152 -8.66 4.47 -43.95
CA ILE F 152 -8.32 5.47 -42.95
C ILE F 152 -6.82 5.73 -42.94
N ALA F 153 -6.39 6.98 -42.84
CA ALA F 153 -4.98 7.28 -42.70
C ALA F 153 -4.49 6.98 -41.28
N ASP F 154 -3.38 6.27 -41.19
CA ASP F 154 -2.62 6.04 -39.96
C ASP F 154 -2.39 7.36 -39.21
N GLY F 155 -2.71 7.39 -37.92
CA GLY F 155 -2.49 8.56 -37.09
C GLY F 155 -3.58 9.62 -37.16
N THR F 156 -4.74 9.32 -37.74
CA THR F 156 -5.92 10.19 -37.62
C THR F 156 -6.71 9.88 -36.35
N GLY F 157 -6.80 8.62 -35.93
CA GLY F 157 -7.28 8.23 -34.62
C GLY F 157 -6.33 8.59 -33.47
N ILE F 158 -6.69 8.25 -32.24
CA ILE F 158 -5.86 8.52 -31.05
C ILE F 158 -4.59 7.64 -31.01
N ASP F 159 -4.63 6.44 -31.55
CA ASP F 159 -3.50 5.52 -31.67
C ASP F 159 -3.77 4.50 -32.78
N LEU F 160 -2.76 3.71 -33.15
CA LEU F 160 -2.94 2.74 -34.23
C LEU F 160 -4.05 1.73 -33.94
N ALA F 161 -4.27 1.33 -32.68
CA ALA F 161 -5.35 0.40 -32.33
C ALA F 161 -6.73 1.05 -32.49
N ASP F 162 -6.86 2.36 -32.33
CA ASP F 162 -8.05 3.11 -32.74
C ASP F 162 -8.26 3.02 -34.26
N ASP F 163 -7.23 3.30 -35.06
CA ASP F 163 -7.32 3.20 -36.52
C ASP F 163 -7.64 1.78 -37.02
N ILE F 164 -7.13 0.75 -36.36
CA ILE F 164 -7.48 -0.65 -36.66
C ILE F 164 -8.93 -0.95 -36.31
N ASN F 165 -9.44 -0.47 -35.17
CA ASN F 165 -10.84 -0.60 -34.84
C ASN F 165 -11.75 0.11 -35.87
N GLU F 166 -11.36 1.26 -36.39
CA GLU F 166 -12.08 1.90 -37.50
C GLU F 166 -12.04 1.08 -38.78
N ALA F 167 -10.88 0.56 -39.18
CA ALA F 167 -10.75 -0.26 -40.36
C ALA F 167 -11.59 -1.54 -40.26
N PHE F 168 -11.59 -2.22 -39.12
CA PHE F 168 -12.45 -3.38 -38.92
C PHE F 168 -13.91 -2.96 -38.91
N GLY F 169 -14.22 -1.77 -38.41
CA GLY F 169 -15.54 -1.19 -38.43
C GLY F 169 -16.10 -0.97 -39.83
N PHE F 170 -15.29 -0.60 -40.82
CA PHE F 170 -15.76 -0.44 -42.20
C PHE F 170 -16.22 -1.76 -42.80
N VAL F 171 -15.46 -2.83 -42.62
CA VAL F 171 -15.82 -4.16 -43.11
C VAL F 171 -17.11 -4.64 -42.45
N GLU F 172 -17.26 -4.44 -41.14
CA GLU F 172 -18.48 -4.76 -40.41
C GLU F 172 -19.67 -3.96 -40.90
N ASP F 173 -19.51 -2.65 -41.10
CA ASP F 173 -20.54 -1.75 -41.60
C ASP F 173 -21.00 -2.08 -43.02
N ASP F 174 -20.13 -2.64 -43.85
CA ASP F 174 -20.48 -3.18 -45.16
C ASP F 174 -21.08 -4.60 -45.06
N GLU F 175 -21.40 -5.10 -43.88
CA GLU F 175 -21.99 -6.43 -43.64
C GLU F 175 -21.12 -7.62 -44.07
N PHE F 176 -19.80 -7.48 -43.96
CA PHE F 176 -18.82 -8.56 -44.13
C PHE F 176 -18.10 -8.85 -42.81
N ASP F 177 -17.47 -10.01 -42.66
CA ASP F 177 -16.76 -10.39 -41.43
C ASP F 177 -15.25 -10.19 -41.54
N VAL F 178 -14.61 -9.49 -40.59
CA VAL F 178 -13.15 -9.55 -40.49
C VAL F 178 -12.74 -10.94 -40.02
N ASN F 179 -11.94 -11.63 -40.81
CA ASN F 179 -11.37 -12.94 -40.46
C ASN F 179 -9.96 -13.15 -41.04
N VAL F 180 -9.40 -12.14 -41.69
CA VAL F 180 -7.99 -12.10 -42.08
C VAL F 180 -7.47 -10.68 -41.94
N ALA F 181 -6.19 -10.51 -41.65
CA ALA F 181 -5.51 -9.23 -41.70
C ALA F 181 -4.06 -9.42 -42.17
N PHE F 182 -3.61 -8.57 -43.08
CA PHE F 182 -2.30 -8.65 -43.73
C PHE F 182 -1.49 -7.39 -43.44
N THR F 183 -0.19 -7.55 -43.21
CA THR F 183 0.74 -6.45 -42.97
C THR F 183 2.19 -6.89 -43.21
N GLY F 184 3.14 -5.97 -43.25
CA GLY F 184 4.57 -6.28 -43.27
C GLY F 184 5.19 -6.32 -41.86
N ARG F 185 6.44 -6.77 -41.73
CA ARG F 185 7.13 -6.91 -40.41
C ARG F 185 7.20 -5.61 -39.61
N PHE F 186 7.25 -4.46 -40.26
CA PHE F 186 7.28 -3.15 -39.62
C PHE F 186 6.16 -2.92 -38.61
N LEU F 187 5.01 -3.60 -38.71
CA LEU F 187 3.94 -3.44 -37.75
C LEU F 187 4.28 -3.97 -36.36
N ARG F 188 5.10 -5.03 -36.33
CA ARG F 188 5.53 -5.66 -35.05
C ARG F 188 6.11 -4.58 -34.17
N ARG F 189 6.91 -3.67 -34.72
CA ARG F 189 7.43 -2.54 -33.89
C ARG F 189 6.25 -1.66 -33.48
N ARG F 190 5.31 -1.30 -34.36
CA ARG F 190 4.19 -0.35 -34.05
C ARG F 190 3.35 -0.87 -32.87
N LEU F 191 3.07 -2.18 -32.83
CA LEU F 191 2.30 -2.84 -31.79
C LEU F 191 3.01 -2.84 -30.44
N ARG F 192 4.31 -3.14 -30.36
CA ARG F 192 5.07 -3.02 -29.10
C ARG F 192 5.07 -1.58 -28.56
N GLY F 193 5.00 -0.60 -29.46
CA GLY F 193 4.97 0.83 -29.14
C GLY F 193 3.60 1.44 -28.82
N LEU F 194 2.53 0.65 -28.96
CA LEU F 194 1.18 1.12 -28.56
C LEU F 194 1.28 1.47 -27.09
N ARG F 195 1.03 2.73 -26.71
CA ARG F 195 1.08 3.20 -25.30
C ARG F 195 -0.15 4.08 -25.11
N ASP F 196 -0.55 4.36 -23.86
CA ASP F 196 -1.71 5.22 -23.55
C ASP F 196 -1.21 6.68 -23.57
N ALA F 197 -1.99 7.64 -23.07
CA ALA F 197 -1.66 9.05 -23.12
C ALA F 197 -0.52 9.45 -22.15
N ASP F 198 -0.30 8.69 -21.09
CA ASP F 198 0.79 8.84 -20.13
C ASP F 198 1.99 7.93 -20.43
N ASN F 199 2.10 7.39 -21.64
CA ASN F 199 3.19 6.54 -22.09
C ASN F 199 3.33 5.18 -21.38
N ALA F 200 2.32 4.67 -20.68
CA ALA F 200 2.32 3.28 -20.24
C ALA F 200 1.84 2.33 -21.35
N PRO F 201 2.40 1.13 -21.53
CA PRO F 201 1.99 0.24 -22.62
C PRO F 201 0.54 -0.25 -22.47
N ILE F 202 -0.22 -0.27 -23.57
CA ILE F 202 -1.65 -0.77 -23.59
C ILE F 202 -1.70 -2.13 -24.28
N TYR F 203 -1.07 -2.29 -25.45
CA TYR F 203 -1.07 -3.55 -26.23
C TYR F 203 -0.35 -4.68 -25.47
N LEU F 204 0.81 -4.39 -24.86
CA LEU F 204 1.63 -5.43 -24.18
C LEU F 204 1.37 -5.48 -22.68
N ASP F 205 1.84 -6.53 -21.98
CA ASP F 205 1.85 -6.62 -20.52
C ASP F 205 3.12 -6.01 -19.90
N GLY F 206 3.34 -4.70 -20.09
CA GLY F 206 4.56 -4.00 -19.70
C GLY F 206 5.77 -4.34 -20.58
N VAL F 207 6.83 -3.53 -20.55
CA VAL F 207 7.94 -3.64 -21.52
C VAL F 207 8.99 -4.71 -21.20
N ARG F 208 9.03 -5.32 -20.01
CA ARG F 208 10.10 -6.25 -19.63
C ARG F 208 10.01 -7.60 -20.32
N SER F 209 8.90 -8.29 -20.14
CA SER F 209 8.83 -9.75 -20.28
C SER F 209 8.09 -10.24 -21.53
N ASP F 210 7.52 -9.33 -22.31
CA ASP F 210 6.51 -9.62 -23.32
C ASP F 210 6.92 -9.04 -24.68
N ASN F 211 6.72 -9.79 -25.75
CA ASN F 211 6.93 -9.35 -27.14
C ASN F 211 5.84 -9.83 -28.10
N ARG F 212 4.81 -10.55 -27.66
CA ARG F 212 3.93 -11.27 -28.57
C ARG F 212 3.11 -10.31 -29.43
N THR F 213 3.40 -10.29 -30.74
CA THR F 213 2.83 -9.39 -31.76
C THR F 213 1.96 -10.13 -32.78
N ALA F 214 1.42 -11.30 -32.43
CA ALA F 214 0.69 -12.16 -33.34
C ALA F 214 -0.72 -11.69 -33.72
N GLU F 215 -1.39 -10.87 -32.91
CA GLU F 215 -2.82 -10.59 -33.06
C GLU F 215 -3.18 -9.17 -32.61
N ILE F 216 -4.30 -8.64 -33.09
CA ILE F 216 -4.91 -7.40 -32.60
C ILE F 216 -6.43 -7.56 -32.58
N TYR F 217 -7.11 -7.13 -31.53
CA TYR F 217 -8.52 -7.46 -31.25
C TYR F 217 -8.82 -8.96 -31.41
N GLY F 218 -7.89 -9.82 -31.03
CA GLY F 218 -7.99 -11.26 -31.22
C GLY F 218 -7.96 -11.75 -32.67
N GLN F 219 -7.82 -10.89 -33.69
CA GLN F 219 -7.57 -11.28 -35.07
C GLN F 219 -6.07 -11.56 -35.27
N ASP F 220 -5.72 -12.77 -35.70
CA ASP F 220 -4.35 -13.09 -36.12
C ASP F 220 -3.89 -12.24 -37.30
N LEU F 221 -2.63 -11.83 -37.29
CA LEU F 221 -2.00 -11.06 -38.34
C LEU F 221 -1.20 -12.00 -39.24
N MET F 222 -1.43 -11.93 -40.54
CA MET F 222 -0.61 -12.60 -41.54
C MET F 222 0.48 -11.64 -41.98
N TYR F 223 1.70 -11.87 -41.49
CA TYR F 223 2.88 -11.09 -41.89
C TYR F 223 3.38 -11.55 -43.25
N VAL F 224 3.40 -10.65 -44.23
CA VAL F 224 3.78 -10.95 -45.61
C VAL F 224 5.30 -10.90 -45.76
N GLY F 225 5.92 -12.08 -45.84
CA GLY F 225 7.38 -12.24 -45.78
C GLY F 225 8.13 -12.17 -47.11
N ASN F 226 7.48 -12.39 -48.25
CA ASN F 226 8.13 -12.53 -49.55
C ASN F 226 8.47 -11.21 -50.26
N ARG F 227 8.52 -10.10 -49.53
CA ARG F 227 8.88 -8.76 -50.04
C ARG F 227 7.88 -8.13 -51.02
N SER F 228 6.69 -8.72 -51.20
CA SER F 228 5.63 -8.16 -52.05
C SER F 228 4.84 -7.02 -51.40
N TRP F 229 4.85 -6.90 -50.07
CA TRP F 229 4.11 -5.86 -49.35
C TRP F 229 4.69 -4.47 -49.58
N ASP F 230 3.88 -3.52 -50.01
CA ASP F 230 4.28 -2.13 -50.15
C ASP F 230 3.78 -1.27 -48.99
N ARG F 231 4.67 -1.01 -48.03
CA ARG F 231 4.41 -0.15 -46.88
C ARG F 231 4.17 1.31 -47.23
N ASP F 232 4.54 1.78 -48.42
CA ASP F 232 4.20 3.13 -48.87
C ASP F 232 2.78 3.23 -49.42
N GLU F 233 2.07 2.11 -49.60
CA GLU F 233 0.65 2.11 -49.97
C GLU F 233 -0.25 1.69 -48.81
N ALA F 234 0.16 0.73 -47.98
CA ALA F 234 -0.66 0.23 -46.89
C ALA F 234 0.13 -0.14 -45.64
N VAL F 235 -0.43 0.17 -44.48
CA VAL F 235 0.01 -0.28 -43.16
C VAL F 235 -0.62 -1.63 -42.83
N LEU F 236 -1.91 -1.77 -43.09
CA LEU F 236 -2.72 -2.92 -42.69
C LEU F 236 -3.86 -3.07 -43.70
N LEU F 237 -4.12 -4.28 -44.19
CA LEU F 237 -5.31 -4.63 -44.97
C LEU F 237 -6.07 -5.70 -44.21
N ALA F 238 -7.35 -5.51 -43.92
CA ALA F 238 -8.16 -6.47 -43.19
C ALA F 238 -9.50 -6.71 -43.87
N GLY F 239 -10.09 -7.89 -43.72
CA GLY F 239 -11.38 -8.20 -44.30
C GLY F 239 -11.78 -9.66 -44.24
N ASP F 240 -12.64 -10.07 -45.17
CA ASP F 240 -13.22 -11.41 -45.24
C ASP F 240 -12.53 -12.26 -46.31
N ARG F 241 -11.72 -13.24 -45.91
CA ARG F 241 -10.97 -14.12 -46.81
C ARG F 241 -11.85 -14.95 -47.73
N SER F 242 -13.10 -15.16 -47.38
CA SER F 242 -14.03 -15.96 -48.17
C SER F 242 -14.56 -15.22 -49.39
N LYS F 243 -14.37 -13.89 -49.47
CA LYS F 243 -14.85 -13.04 -50.56
C LYS F 243 -13.85 -12.82 -51.69
N VAL F 244 -12.80 -13.63 -51.75
CA VAL F 244 -11.81 -13.68 -52.83
C VAL F 244 -11.78 -15.08 -53.39
N LEU F 245 -11.66 -15.21 -54.69
CA LEU F 245 -11.50 -16.48 -55.38
C LEU F 245 -10.28 -16.42 -56.29
N LEU F 246 -9.40 -17.40 -56.20
CA LEU F 246 -8.29 -17.59 -57.11
C LEU F 246 -8.55 -18.80 -58.00
N GLY F 247 -8.13 -18.77 -59.25
CA GLY F 247 -8.22 -19.92 -60.14
C GLY F 247 -6.85 -20.49 -60.44
N ILE F 248 -6.66 -21.79 -60.30
CA ILE F 248 -5.45 -22.45 -60.81
C ILE F 248 -5.81 -23.06 -62.15
N ARG F 249 -5.28 -22.52 -63.25
CA ARG F 249 -5.52 -23.05 -64.60
C ARG F 249 -4.47 -24.06 -65.00
N GLU F 250 -3.24 -23.87 -64.60
CA GLU F 250 -2.13 -24.76 -64.91
C GLU F 250 -1.03 -24.55 -63.87
N ASP F 251 -0.65 -25.61 -63.16
CA ASP F 251 0.41 -25.59 -62.15
C ASP F 251 1.78 -25.24 -62.76
N VAL F 252 2.80 -25.01 -61.93
CA VAL F 252 4.11 -24.62 -62.45
C VAL F 252 4.68 -25.72 -63.34
N GLN F 253 4.86 -25.41 -64.61
CA GLN F 253 5.54 -26.22 -65.61
C GLN F 253 6.97 -25.70 -65.80
N VAL F 254 7.92 -26.62 -65.91
CA VAL F 254 9.34 -26.30 -66.15
C VAL F 254 9.86 -27.13 -67.31
N LYS F 255 10.53 -26.48 -68.27
CA LYS F 255 11.12 -27.13 -69.44
C LYS F 255 12.59 -26.78 -69.58
N LEU F 256 13.44 -27.76 -69.84
CA LEU F 256 14.85 -27.55 -70.16
C LEU F 256 15.01 -27.23 -71.65
N LEU F 257 15.42 -26.02 -71.98
CA LEU F 257 15.71 -25.54 -73.32
C LEU F 257 17.20 -25.77 -73.62
N THR F 258 17.48 -26.39 -74.75
CA THR F 258 18.86 -26.65 -75.22
C THR F 258 19.15 -26.09 -76.61
N GLU F 259 18.15 -25.71 -77.41
CA GLU F 259 18.37 -25.22 -78.78
C GLU F 259 17.71 -23.88 -79.10
N ALA F 260 16.82 -23.38 -78.25
CA ALA F 260 16.03 -22.18 -78.50
C ALA F 260 16.86 -20.91 -78.73
N THR F 261 16.23 -19.88 -79.29
CA THR F 261 16.79 -18.53 -79.31
C THR F 261 16.11 -17.71 -78.22
N ILE F 262 16.85 -17.29 -77.20
CA ILE F 262 16.34 -16.62 -76.01
C ILE F 262 16.92 -15.22 -75.95
N GLY F 263 16.09 -14.18 -76.06
CA GLY F 263 16.58 -12.86 -76.38
C GLY F 263 17.32 -12.90 -77.72
N GLY F 264 18.59 -12.47 -77.73
CA GLY F 264 19.51 -12.65 -78.86
C GLY F 264 20.34 -13.93 -78.83
N ILE F 265 20.31 -14.70 -77.74
CA ILE F 265 21.19 -15.85 -77.50
C ILE F 265 20.67 -17.10 -78.20
N ASN F 266 21.45 -17.68 -79.11
CA ASN F 266 21.17 -19.00 -79.66
C ASN F 266 21.76 -20.05 -78.72
N LEU F 267 20.93 -20.80 -77.98
CA LEU F 267 21.44 -21.60 -76.87
C LEU F 267 22.43 -22.69 -77.29
N ALA F 268 22.14 -23.46 -78.34
CA ALA F 268 23.01 -24.55 -78.79
C ALA F 268 24.34 -24.04 -79.34
N GLU F 269 24.31 -22.96 -80.11
CA GLU F 269 25.49 -22.34 -80.70
C GLU F 269 26.45 -21.77 -79.65
N LYS F 270 25.92 -21.34 -78.50
CA LYS F 270 26.71 -20.82 -77.37
C LYS F 270 26.97 -21.85 -76.27
N ASP F 271 26.64 -23.12 -76.47
CA ASP F 271 26.81 -24.17 -75.47
C ASP F 271 26.17 -23.81 -74.11
N MET F 272 25.00 -23.18 -74.18
CA MET F 272 24.15 -22.81 -73.05
C MET F 272 22.92 -23.70 -72.95
N VAL F 273 22.27 -23.68 -71.80
CA VAL F 273 20.97 -24.30 -71.52
C VAL F 273 20.12 -23.31 -70.74
N ALA F 274 18.81 -23.53 -70.67
CA ALA F 274 17.93 -22.67 -69.88
C ALA F 274 16.78 -23.45 -69.27
N LEU F 275 16.26 -23.03 -68.13
CA LEU F 275 14.98 -23.49 -67.62
C LEU F 275 13.92 -22.44 -67.94
N ARG F 276 12.83 -22.87 -68.57
CA ARG F 276 11.63 -22.06 -68.82
C ARG F 276 10.58 -22.47 -67.81
N PHE F 277 10.15 -21.53 -66.99
CA PHE F 277 9.12 -21.71 -65.97
C PHE F 277 7.86 -20.96 -66.38
N LYS F 278 6.69 -21.56 -66.26
CA LYS F 278 5.40 -20.88 -66.47
C LYS F 278 4.31 -21.41 -65.55
N PHE F 279 3.35 -20.57 -65.22
CA PHE F 279 2.25 -20.85 -64.28
C PHE F 279 1.03 -20.03 -64.66
N ARG F 280 -0.16 -20.64 -64.73
CA ARG F 280 -1.42 -19.94 -65.10
C ARG F 280 -2.38 -19.88 -63.94
N VAL F 281 -2.83 -18.68 -63.65
CA VAL F 281 -3.57 -18.33 -62.44
C VAL F 281 -4.59 -17.22 -62.72
N ALA F 282 -5.67 -17.17 -61.98
CA ALA F 282 -6.70 -16.16 -62.08
C ALA F 282 -7.03 -15.55 -60.72
N TYR F 283 -7.46 -14.29 -60.69
CA TYR F 283 -7.93 -13.60 -59.50
C TYR F 283 -9.28 -12.95 -59.77
N SER F 284 -10.20 -13.06 -58.81
CA SER F 284 -11.35 -12.18 -58.73
C SER F 284 -11.83 -12.02 -57.29
N THR F 285 -12.49 -10.91 -57.00
CA THR F 285 -13.35 -10.79 -55.83
C THR F 285 -14.67 -11.52 -56.11
N ALA F 286 -15.23 -12.15 -55.09
CA ALA F 286 -16.43 -12.96 -55.18
C ALA F 286 -17.40 -12.62 -54.04
N PHE F 287 -18.11 -11.51 -54.18
CA PHE F 287 -19.10 -11.04 -53.19
C PHE F 287 -20.30 -10.35 -53.84
N SER F 288 -21.43 -10.43 -53.16
CA SER F 288 -22.68 -9.75 -53.47
C SER F 288 -22.90 -8.58 -52.52
N THR F 289 -23.36 -7.44 -53.05
CA THR F 289 -23.84 -6.29 -52.27
C THR F 289 -25.38 -6.21 -52.21
N ALA F 290 -26.10 -7.31 -52.40
CA ALA F 290 -27.56 -7.30 -52.47
C ALA F 290 -28.20 -6.71 -51.21
N GLY F 291 -29.09 -5.76 -51.37
CA GLY F 291 -29.74 -5.00 -50.30
C GLY F 291 -28.89 -3.87 -49.70
N GLY F 292 -27.59 -3.88 -49.93
CA GLY F 292 -26.64 -2.88 -49.50
C GLY F 292 -26.44 -1.79 -50.54
N GLU F 293 -25.24 -1.22 -50.60
CA GLU F 293 -24.84 -0.22 -51.59
C GLU F 293 -23.76 -0.80 -52.50
N VAL F 294 -23.71 -0.39 -53.77
CA VAL F 294 -22.71 -0.90 -54.73
C VAL F 294 -21.26 -0.66 -54.31
N THR F 295 -21.00 0.32 -53.43
CA THR F 295 -19.68 0.62 -52.87
C THR F 295 -19.29 -0.27 -51.68
N ASP F 296 -20.16 -1.14 -51.18
CA ASP F 296 -19.83 -2.05 -50.07
C ASP F 296 -18.71 -3.01 -50.47
N TYR F 297 -17.64 -3.11 -49.67
CA TYR F 297 -16.45 -3.88 -50.01
C TYR F 297 -15.96 -4.74 -48.83
N PRO F 298 -15.59 -6.01 -49.04
CA PRO F 298 -15.24 -6.94 -47.98
C PRO F 298 -13.87 -6.73 -47.33
N PHE F 299 -13.17 -5.66 -47.64
CA PHE F 299 -11.87 -5.30 -47.07
C PHE F 299 -11.82 -3.83 -46.74
N ALA F 300 -10.89 -3.50 -45.86
CA ALA F 300 -10.52 -2.14 -45.49
C ALA F 300 -9.02 -2.06 -45.31
N VAL F 301 -8.49 -0.85 -45.47
CA VAL F 301 -7.06 -0.60 -45.44
C VAL F 301 -6.73 0.58 -44.55
N ILE F 302 -5.56 0.55 -43.94
CA ILE F 302 -4.95 1.70 -43.27
C ILE F 302 -3.85 2.19 -44.18
N THR F 303 -3.94 3.42 -44.65
CA THR F 303 -2.88 4.03 -45.47
C THR F 303 -1.83 4.67 -44.58
N PRO F 304 -0.56 4.77 -45.03
CA PRO F 304 0.49 5.37 -44.20
C PRO F 304 0.24 6.84 -43.92
N ASP F 305 0.80 7.37 -42.84
CA ASP F 305 0.55 8.76 -42.39
C ASP F 305 0.97 9.79 -43.44
N ALA G 2 -12.60 22.13 63.51
CA ALA G 2 -11.21 21.67 63.36
C ALA G 2 -11.12 20.21 62.91
N ASP G 3 -10.15 19.87 62.06
CA ASP G 3 -9.87 18.51 61.58
C ASP G 3 -8.41 18.38 61.11
N ILE G 4 -7.90 17.15 61.00
CA ILE G 4 -6.59 16.84 60.44
C ILE G 4 -6.63 17.02 58.93
N SER G 5 -6.08 18.11 58.40
CA SER G 5 -5.93 18.33 56.95
C SER G 5 -4.80 17.49 56.35
N ARG G 6 -4.70 17.37 55.03
CA ARG G 6 -3.57 16.67 54.40
C ARG G 6 -2.25 17.38 54.67
N ALA G 7 -2.25 18.70 54.75
CA ALA G 7 -1.09 19.46 55.18
C ALA G 7 -0.65 19.13 56.62
N ASP G 8 -1.57 18.87 57.54
CA ASP G 8 -1.24 18.47 58.91
C ASP G 8 -0.60 17.09 59.01
N ALA G 9 -0.98 16.16 58.14
CA ALA G 9 -0.48 14.79 58.11
C ALA G 9 0.59 14.53 57.03
N LEU G 10 1.08 15.56 56.35
CA LEU G 10 2.04 15.47 55.25
C LEU G 10 3.30 14.68 55.59
N ALA G 11 3.82 14.84 56.81
CA ALA G 11 4.99 14.11 57.30
C ALA G 11 4.77 12.60 57.49
N LEU G 12 3.53 12.12 57.59
CA LEU G 12 3.21 10.71 57.83
C LEU G 12 3.00 9.93 56.54
N LEU G 13 2.84 10.60 55.40
CA LEU G 13 2.45 9.94 54.16
C LEU G 13 3.54 9.00 53.63
N ALA G 14 3.15 7.80 53.25
CA ALA G 14 4.02 6.82 52.62
C ALA G 14 4.59 7.34 51.30
N THR G 15 5.73 6.79 50.88
CA THR G 15 6.35 7.01 49.58
C THR G 15 6.38 5.70 48.81
N GLN G 16 6.34 5.79 47.50
CA GLN G 16 6.61 4.68 46.61
C GLN G 16 7.57 5.16 45.53
N GLU G 17 8.43 4.28 45.08
CA GLU G 17 9.37 4.53 44.01
C GLU G 17 9.21 3.45 42.95
N LEU G 18 9.25 3.82 41.67
CA LEU G 18 9.13 2.88 40.56
C LEU G 18 10.28 1.86 40.62
N ASP G 19 9.98 0.59 40.34
CA ASP G 19 10.93 -0.52 40.50
C ASP G 19 12.05 -0.57 39.46
N SER G 20 12.02 0.25 38.42
CA SER G 20 12.89 0.18 37.24
C SER G 20 13.06 1.55 36.58
N ILE G 21 14.15 1.76 35.85
CA ILE G 21 14.45 3.02 35.18
C ILE G 21 13.76 3.09 33.82
N ILE G 22 13.22 4.27 33.48
CA ILE G 22 12.74 4.61 32.13
C ILE G 22 13.94 5.01 31.27
N LYS G 23 14.16 4.31 30.17
CA LYS G 23 15.29 4.49 29.24
C LYS G 23 14.87 4.10 27.80
N PRO G 24 15.53 4.62 26.77
CA PRO G 24 15.33 4.14 25.41
C PRO G 24 15.90 2.73 25.21
N GLU G 25 15.51 2.06 24.14
CA GLU G 25 16.14 0.81 23.71
C GLU G 25 17.57 1.05 23.22
N THR G 26 18.43 0.03 23.31
CA THR G 26 19.83 0.08 22.88
C THR G 26 20.08 -0.74 21.63
N SER G 27 21.06 -0.38 20.81
CA SER G 27 21.47 -1.16 19.62
C SER G 27 22.98 -1.20 19.42
N GLY G 28 23.46 -2.25 18.79
CA GLY G 28 24.88 -2.45 18.46
C GLY G 28 25.30 -1.76 17.17
N SER G 29 26.60 -1.65 16.91
CA SER G 29 27.14 -0.98 15.72
C SER G 29 26.52 -1.53 14.44
N ALA G 30 26.14 -0.67 13.51
CA ALA G 30 25.76 -1.11 12.18
C ALA G 30 26.95 -1.78 11.45
N ALA G 31 28.19 -1.34 11.70
CA ALA G 31 29.37 -1.92 11.08
C ALA G 31 29.55 -3.41 11.42
N LEU G 32 29.59 -3.80 12.70
CA LEU G 32 29.75 -5.20 13.07
C LEU G 32 28.56 -6.06 12.64
N ALA G 33 27.38 -5.49 12.52
CA ALA G 33 26.21 -6.19 12.00
C ALA G 33 26.33 -6.45 10.49
N ALA G 34 26.81 -5.49 9.71
CA ALA G 34 26.83 -5.56 8.25
C ALA G 34 28.01 -6.36 7.67
N PHE G 35 29.22 -6.08 8.12
CA PHE G 35 30.47 -6.47 7.45
C PHE G 35 31.04 -7.78 7.98
N ARG G 36 31.79 -8.52 7.15
CA ARG G 36 32.53 -9.68 7.62
C ARG G 36 33.63 -9.24 8.58
N SER G 37 33.92 -10.07 9.58
CA SER G 37 35.03 -9.81 10.49
C SER G 37 35.92 -11.02 10.70
N ILE G 38 37.20 -10.76 10.94
CA ILE G 38 38.19 -11.80 11.26
C ILE G 38 38.69 -11.62 12.68
N ARG G 39 39.00 -12.71 13.37
CA ARG G 39 39.81 -12.67 14.58
C ARG G 39 41.24 -12.31 14.20
N MET G 40 41.75 -11.21 14.73
CA MET G 40 43.14 -10.83 14.60
C MET G 40 43.91 -11.36 15.81
N SER G 41 45.01 -12.06 15.60
CA SER G 41 45.91 -12.51 16.67
C SER G 41 47.17 -11.63 16.81
N ALA G 42 47.40 -10.66 15.93
CA ALA G 42 48.69 -10.00 15.78
C ALA G 42 48.74 -8.47 15.90
N GLY G 43 47.62 -7.77 15.96
CA GLY G 43 47.59 -6.30 15.95
C GLY G 43 47.73 -5.65 14.57
N THR G 44 48.25 -6.37 13.58
CA THR G 44 48.17 -6.01 12.16
C THR G 44 48.02 -7.28 11.33
N VAL G 45 47.14 -7.26 10.32
CA VAL G 45 47.06 -8.31 9.28
C VAL G 45 47.50 -7.69 7.97
N SER G 46 48.35 -8.38 7.21
CA SER G 46 48.75 -7.95 5.87
C SER G 46 47.89 -8.63 4.80
N MET G 47 47.44 -7.84 3.84
CA MET G 47 46.46 -8.22 2.82
C MET G 47 47.05 -7.99 1.42
N PRO G 48 47.25 -9.03 0.59
CA PRO G 48 47.68 -8.87 -0.79
C PRO G 48 46.51 -8.53 -1.73
N VAL G 49 46.67 -7.49 -2.53
CA VAL G 49 45.68 -6.98 -3.48
C VAL G 49 46.24 -7.02 -4.89
N LEU G 50 45.54 -7.61 -5.86
CA LEU G 50 45.90 -7.54 -7.28
C LEU G 50 45.87 -6.10 -7.77
N ALA G 51 46.94 -5.62 -8.39
CA ALA G 51 47.10 -4.20 -8.73
C ALA G 51 47.05 -3.92 -10.23
N ALA G 52 47.48 -4.83 -11.09
CA ALA G 52 47.50 -4.62 -12.54
C ALA G 52 47.27 -5.91 -13.32
N LEU G 53 46.47 -5.86 -14.38
CA LEU G 53 46.17 -7.00 -15.27
C LEU G 53 47.22 -7.14 -16.39
N PRO G 54 47.42 -8.35 -16.96
CA PRO G 54 48.25 -8.52 -18.14
C PRO G 54 47.59 -7.96 -19.41
N THR G 55 48.39 -7.58 -20.40
CA THR G 55 47.93 -7.08 -21.71
C THR G 55 48.44 -7.97 -22.84
N ALA G 56 47.56 -8.49 -23.69
CA ALA G 56 47.91 -9.25 -24.88
C ALA G 56 47.79 -8.40 -26.15
N GLY G 57 48.23 -8.92 -27.29
CA GLY G 57 48.15 -8.22 -28.57
C GLY G 57 47.96 -9.16 -29.74
N TRP G 58 47.56 -8.62 -30.88
CA TRP G 58 47.53 -9.33 -32.15
C TRP G 58 48.93 -9.43 -32.74
N VAL G 59 49.30 -10.60 -33.25
CA VAL G 59 50.61 -10.84 -33.88
C VAL G 59 50.48 -11.42 -35.27
N THR G 60 51.32 -10.95 -36.18
CA THR G 60 51.43 -11.46 -37.55
C THR G 60 52.39 -12.64 -37.65
N ASP G 61 52.35 -13.34 -38.78
CA ASP G 61 53.11 -14.57 -39.02
C ASP G 61 53.72 -14.63 -40.42
N ASP G 62 53.87 -13.48 -41.07
CA ASP G 62 54.34 -13.39 -42.46
C ASP G 62 55.86 -13.51 -42.61
N THR G 63 56.62 -12.68 -41.90
CA THR G 63 58.08 -12.60 -42.00
C THR G 63 58.73 -12.44 -40.64
N SER G 64 59.97 -12.89 -40.51
CA SER G 64 60.77 -12.74 -39.29
C SER G 64 61.21 -11.31 -39.03
N GLY G 65 61.24 -10.43 -40.05
CA GLY G 65 61.66 -9.04 -39.91
C GLY G 65 60.61 -8.09 -39.33
N ALA G 66 59.32 -8.39 -39.48
CA ALA G 66 58.23 -7.53 -39.03
C ALA G 66 58.17 -7.39 -37.50
N ALA G 67 58.11 -6.16 -36.99
CA ALA G 67 57.97 -5.90 -35.56
C ALA G 67 56.63 -6.41 -34.99
N THR G 68 55.57 -6.42 -35.80
CA THR G 68 54.25 -6.99 -35.45
C THR G 68 54.26 -8.51 -35.35
N GLY G 69 55.36 -9.16 -35.73
CA GLY G 69 55.56 -10.60 -35.57
C GLY G 69 56.07 -11.01 -34.18
N THR G 70 56.54 -10.05 -33.38
CA THR G 70 57.09 -10.28 -32.04
C THR G 70 55.97 -10.35 -31.00
N LYS G 71 55.88 -11.42 -30.21
CA LYS G 71 54.86 -11.54 -29.15
C LYS G 71 55.14 -10.50 -28.05
N PRO G 72 54.15 -9.71 -27.61
CA PRO G 72 54.37 -8.68 -26.60
C PRO G 72 54.64 -9.30 -25.23
N THR G 73 55.55 -8.70 -24.47
CA THR G 73 55.69 -9.02 -23.05
C THR G 73 54.63 -8.31 -22.22
N SER G 74 54.18 -8.91 -21.12
CA SER G 74 53.38 -8.23 -20.12
C SER G 74 53.67 -8.77 -18.72
N LYS G 75 53.57 -7.91 -17.70
CA LYS G 75 53.59 -8.32 -16.28
C LYS G 75 52.20 -8.40 -15.68
N VAL G 76 52.13 -8.99 -14.50
CA VAL G 76 51.06 -8.86 -13.50
C VAL G 76 51.70 -8.26 -12.24
N SER G 77 50.97 -7.49 -11.44
CA SER G 77 51.51 -7.01 -10.17
C SER G 77 50.46 -6.94 -9.07
N TRP G 78 50.93 -6.89 -7.83
CA TRP G 78 50.15 -6.87 -6.61
C TRP G 78 50.71 -5.82 -5.66
N THR G 79 49.90 -5.35 -4.72
CA THR G 79 50.31 -4.47 -3.62
C THR G 79 49.84 -5.04 -2.28
N GLY G 80 50.50 -4.65 -1.20
CA GLY G 80 50.03 -4.92 0.15
C GLY G 80 49.17 -3.78 0.69
N LYS G 81 48.23 -4.09 1.57
CA LYS G 81 47.69 -3.13 2.54
C LYS G 81 47.49 -3.79 3.90
N ASN G 82 47.32 -2.98 4.95
CA ASN G 82 47.28 -3.46 6.32
C ASN G 82 45.91 -3.20 6.95
N LEU G 83 45.40 -4.21 7.65
CA LEU G 83 44.29 -4.09 8.59
C LEU G 83 44.87 -3.89 10.00
N VAL G 84 44.81 -2.68 10.54
CA VAL G 84 45.53 -2.29 11.77
C VAL G 84 44.56 -2.12 12.94
N ALA G 85 44.79 -2.82 14.06
CA ALA G 85 43.94 -2.70 15.23
C ALA G 85 44.18 -1.42 16.02
N GLU G 86 43.08 -0.80 16.43
CA GLU G 86 43.02 0.44 17.19
C GLU G 86 42.02 0.29 18.33
N GLU G 87 42.14 1.10 19.36
CA GLU G 87 41.47 0.86 20.64
C GLU G 87 40.42 1.93 20.96
N ILE G 88 39.20 1.51 21.28
CA ILE G 88 38.17 2.38 21.86
C ILE G 88 38.18 2.17 23.36
N ALA G 89 38.15 3.25 24.15
CA ALA G 89 38.16 3.17 25.59
C ALA G 89 37.34 4.29 26.26
N VAL G 90 36.84 4.04 27.48
CA VAL G 90 36.29 5.07 28.36
C VAL G 90 36.41 4.64 29.83
N ILE G 91 36.56 5.60 30.72
CA ILE G 91 36.50 5.40 32.17
C ILE G 91 35.27 6.12 32.72
N VAL G 92 34.45 5.44 33.52
CA VAL G 92 33.26 6.03 34.17
C VAL G 92 33.47 6.08 35.69
N PRO G 93 33.94 7.20 36.26
CA PRO G 93 34.13 7.33 37.70
C PRO G 93 32.85 7.74 38.43
N VAL G 94 32.69 7.28 39.67
CA VAL G 94 31.56 7.58 40.56
C VAL G 94 31.99 7.52 42.03
N HIS G 95 31.33 8.24 42.93
CA HIS G 95 31.62 8.21 44.35
C HIS G 95 31.11 6.93 45.00
N GLU G 96 31.85 6.33 45.93
CA GLU G 96 31.42 5.11 46.62
C GLU G 96 30.09 5.30 47.37
N ASN G 97 29.81 6.49 47.90
CA ASN G 97 28.54 6.78 48.59
C ASN G 97 27.35 6.81 47.63
N THR G 98 27.55 7.23 46.38
CA THR G 98 26.52 7.09 45.35
C THR G 98 26.16 5.63 45.12
N ILE G 99 27.14 4.75 44.99
CA ILE G 99 26.90 3.30 44.86
C ILE G 99 26.24 2.72 46.12
N ALA G 100 26.64 3.17 47.30
CA ALA G 100 26.07 2.68 48.55
C ALA G 100 24.61 3.10 48.75
N ASP G 101 24.24 4.32 48.38
CA ASP G 101 22.92 4.89 48.63
C ASP G 101 21.88 4.69 47.52
N SER G 102 22.29 4.36 46.29
CA SER G 102 21.35 4.04 45.20
C SER G 102 20.61 2.72 45.43
N ARG G 103 19.33 2.66 45.06
CA ARG G 103 18.53 1.43 45.05
C ARG G 103 18.71 0.57 43.78
N PHE G 104 19.36 1.11 42.75
CA PHE G 104 19.84 0.36 41.58
C PHE G 104 21.32 0.02 41.69
N ASP G 105 21.72 -1.08 41.07
CA ASP G 105 23.11 -1.36 40.73
C ASP G 105 23.56 -0.44 39.59
N ILE G 106 24.23 0.66 39.91
CA ILE G 106 24.71 1.65 38.94
C ILE G 106 25.50 1.03 37.80
N TRP G 107 26.42 0.09 38.07
CA TRP G 107 27.18 -0.55 37.01
C TRP G 107 26.32 -1.41 36.10
N GLY G 108 25.26 -2.01 36.61
CA GLY G 108 24.24 -2.67 35.80
C GLY G 108 23.55 -1.73 34.83
N GLU G 109 23.45 -0.44 35.14
CA GLU G 109 22.92 0.59 34.25
C GLU G 109 23.97 1.15 33.29
N VAL G 110 25.20 1.32 33.74
CA VAL G 110 26.30 1.88 32.94
C VAL G 110 26.78 0.91 31.87
N ARG G 111 26.91 -0.39 32.16
CA ARG G 111 27.49 -1.38 31.23
C ARG G 111 26.79 -1.44 29.86
N PRO G 112 25.46 -1.52 29.74
CA PRO G 112 24.80 -1.52 28.43
C PRO G 112 24.97 -0.20 27.68
N LEU G 113 25.00 0.93 28.38
CA LEU G 113 25.16 2.24 27.75
C LEU G 113 26.56 2.46 27.19
N VAL G 114 27.61 1.97 27.86
CA VAL G 114 28.97 1.99 27.30
C VAL G 114 29.11 1.01 26.12
N SER G 115 28.46 -0.16 26.18
CA SER G 115 28.44 -1.10 25.06
C SER G 115 27.81 -0.50 23.79
N GLN G 116 26.71 0.23 23.92
CA GLN G 116 26.15 1.00 22.82
C GLN G 116 27.07 2.13 22.36
N GLU G 117 27.71 2.86 23.28
CA GLU G 117 28.61 3.95 22.93
C GLU G 117 29.84 3.47 22.14
N PHE G 118 30.39 2.30 22.47
CA PHE G 118 31.46 1.69 21.69
C PHE G 118 31.00 1.41 20.25
N GLY G 119 29.79 0.89 20.09
CA GLY G 119 29.21 0.69 18.76
C GLY G 119 29.03 1.98 17.97
N ARG G 120 28.60 3.06 18.63
CA ARG G 120 28.46 4.37 18.00
C ARG G 120 29.81 4.95 17.58
N VAL G 121 30.83 4.89 18.44
CA VAL G 121 32.16 5.41 18.11
C VAL G 121 32.77 4.65 16.94
N LEU G 122 32.65 3.33 16.90
CA LEU G 122 33.08 2.53 15.77
C LEU G 122 32.33 2.91 14.48
N ASP G 123 31.00 2.97 14.51
CA ASP G 123 30.22 3.36 13.33
C ASP G 123 30.58 4.73 12.79
N GLU G 124 30.71 5.77 13.61
CA GLU G 124 31.02 7.10 13.10
C GLU G 124 32.49 7.28 12.68
N ALA G 125 33.34 6.26 12.85
CA ALA G 125 34.65 6.16 12.26
C ALA G 125 34.66 5.32 10.97
N VAL G 126 33.81 4.29 10.86
CA VAL G 126 33.71 3.44 9.66
C VAL G 126 32.90 4.12 8.55
N PHE G 127 31.70 4.61 8.85
CA PHE G 127 30.79 5.15 7.85
C PHE G 127 31.13 6.60 7.54
N PHE G 128 31.14 7.43 8.56
CA PHE G 128 31.58 8.81 8.52
C PHE G 128 33.04 8.86 8.99
N GLY G 129 33.75 9.95 8.77
CA GLY G 129 35.18 9.98 9.11
C GLY G 129 35.54 10.61 10.45
N VAL G 130 34.60 10.64 11.42
CA VAL G 130 34.56 11.67 12.47
C VAL G 130 35.80 11.74 13.35
N ASN G 131 36.15 10.65 14.04
CA ASN G 131 37.39 10.52 14.81
C ASN G 131 38.18 9.29 14.38
N LYS G 132 38.23 9.01 13.08
CA LYS G 132 38.90 7.83 12.53
C LYS G 132 40.38 7.81 12.92
N PRO G 133 40.93 6.72 13.47
CA PRO G 133 42.35 6.61 13.77
C PRO G 133 43.22 6.86 12.53
N ALA G 134 44.26 7.66 12.65
CA ALA G 134 45.14 8.01 11.54
C ALA G 134 45.91 6.82 10.94
N THR G 135 46.03 5.71 11.66
CA THR G 135 46.59 4.43 11.19
C THR G 135 45.64 3.65 10.29
N TRP G 136 44.32 3.88 10.32
CA TRP G 136 43.39 3.33 9.34
C TRP G 136 43.46 4.17 8.06
N LEU G 137 44.28 3.76 7.10
CA LEU G 137 44.64 4.61 5.95
C LEU G 137 43.52 4.78 4.93
N ASP G 138 42.59 3.82 4.83
CA ASP G 138 41.43 3.92 3.95
C ASP G 138 40.46 5.01 4.42
N PRO G 139 39.84 5.77 3.50
CA PRO G 139 38.77 6.67 3.86
C PRO G 139 37.59 5.92 4.48
N ALA G 140 36.77 6.62 5.27
CA ALA G 140 35.49 6.11 5.71
C ALA G 140 34.53 6.02 4.52
N LEU G 141 33.50 5.18 4.60
CA LEU G 141 32.68 4.84 3.44
C LEU G 141 32.00 6.04 2.78
N VAL G 142 31.35 6.92 3.55
CA VAL G 142 30.65 8.11 3.05
C VAL G 142 31.60 9.12 2.41
N PRO G 143 32.63 9.66 3.09
CA PRO G 143 33.57 10.56 2.42
C PRO G 143 34.35 9.87 1.29
N GLY G 144 34.57 8.57 1.36
CA GLY G 144 35.19 7.78 0.29
C GLY G 144 34.32 7.68 -0.95
N ALA G 145 33.02 7.47 -0.81
CA ALA G 145 32.08 7.49 -1.92
C ALA G 145 31.97 8.88 -2.55
N ILE G 146 32.00 9.94 -1.75
CA ILE G 146 31.96 11.32 -2.22
C ILE G 146 33.22 11.69 -3.00
N ALA G 147 34.41 11.37 -2.47
CA ALA G 147 35.67 11.62 -3.16
C ALA G 147 35.79 10.84 -4.48
N ALA G 148 35.28 9.60 -4.52
CA ALA G 148 35.18 8.81 -5.74
C ALA G 148 34.15 9.33 -6.76
N GLY G 149 33.34 10.32 -6.40
CA GLY G 149 32.28 10.86 -7.25
C GLY G 149 31.01 10.01 -7.31
N ASN G 150 30.88 8.97 -6.50
CA ASN G 150 29.69 8.11 -6.42
C ASN G 150 28.61 8.76 -5.55
N THR G 151 28.12 9.92 -5.99
CA THR G 151 27.27 10.79 -5.18
C THR G 151 26.21 11.50 -6.01
N ILE G 152 25.02 11.65 -5.43
CA ILE G 152 23.89 12.39 -5.98
C ILE G 152 23.18 13.11 -4.84
N ALA G 153 22.74 14.34 -5.04
CA ALA G 153 21.96 15.03 -4.02
C ALA G 153 20.51 14.55 -4.03
N ASP G 154 19.94 14.35 -2.84
CA ASP G 154 18.53 14.10 -2.61
C ASP G 154 17.68 15.19 -3.25
N GLY G 155 16.72 14.80 -4.07
CA GLY G 155 15.79 15.70 -4.76
C GLY G 155 16.29 16.18 -6.13
N THR G 156 17.34 15.59 -6.68
CA THR G 156 17.72 15.85 -8.08
C THR G 156 16.93 14.99 -9.06
N GLY G 157 16.58 13.75 -8.69
CA GLY G 157 15.66 12.91 -9.46
C GLY G 157 14.19 13.31 -9.30
N ILE G 158 13.30 12.55 -9.92
CA ILE G 158 11.85 12.71 -9.84
C ILE G 158 11.34 12.56 -8.40
N ASP G 159 11.85 11.58 -7.66
CA ASP G 159 11.46 11.22 -6.30
C ASP G 159 12.61 10.47 -5.60
N LEU G 160 12.47 10.16 -4.31
CA LEU G 160 13.52 9.45 -3.58
C LEU G 160 13.90 8.11 -4.24
N ALA G 161 12.94 7.35 -4.76
CA ALA G 161 13.22 6.07 -5.39
C ALA G 161 14.06 6.23 -6.67
N ASP G 162 13.92 7.33 -7.38
CA ASP G 162 14.80 7.71 -8.48
C ASP G 162 16.24 7.98 -7.99
N ASP G 163 16.43 8.73 -6.92
CA ASP G 163 17.76 8.98 -6.37
C ASP G 163 18.41 7.70 -5.84
N ILE G 164 17.65 6.80 -5.22
CA ILE G 164 18.16 5.50 -4.80
C ILE G 164 18.58 4.67 -6.01
N ASN G 165 17.83 4.70 -7.10
CA ASN G 165 18.19 3.99 -8.32
C ASN G 165 19.51 4.51 -8.89
N GLU G 166 19.74 5.81 -8.90
CA GLU G 166 20.99 6.41 -9.32
C GLU G 166 22.15 6.07 -8.39
N ALA G 167 21.94 6.07 -7.07
CA ALA G 167 22.95 5.63 -6.12
C ALA G 167 23.38 4.18 -6.39
N PHE G 168 22.42 3.27 -6.55
CA PHE G 168 22.72 1.87 -6.88
C PHE G 168 23.46 1.78 -8.23
N GLY G 169 23.09 2.63 -9.18
CA GLY G 169 23.73 2.75 -10.48
C GLY G 169 25.23 3.05 -10.42
N PHE G 170 25.69 3.97 -9.56
CA PHE G 170 27.12 4.25 -9.47
C PHE G 170 27.95 3.05 -9.02
N VAL G 171 27.43 2.24 -8.12
CA VAL G 171 28.09 1.03 -7.66
C VAL G 171 28.16 0.00 -8.79
N GLU G 172 27.05 -0.22 -9.50
CA GLU G 172 26.96 -1.14 -10.62
C GLU G 172 27.89 -0.75 -11.76
N ASP G 173 27.98 0.53 -12.09
CA ASP G 173 28.88 1.11 -13.09
C ASP G 173 30.37 1.04 -12.70
N ASP G 174 30.70 0.87 -11.43
CA ASP G 174 32.05 0.61 -10.94
C ASP G 174 32.38 -0.88 -10.89
N GLU G 175 31.57 -1.74 -11.50
CA GLU G 175 31.70 -3.21 -11.53
C GLU G 175 31.47 -3.90 -10.18
N PHE G 176 30.88 -3.23 -9.19
CA PHE G 176 30.51 -3.81 -7.90
C PHE G 176 29.01 -4.09 -7.82
N ASP G 177 28.59 -5.02 -6.96
CA ASP G 177 27.18 -5.38 -6.77
C ASP G 177 26.60 -4.72 -5.52
N VAL G 178 25.44 -4.07 -5.60
CA VAL G 178 24.76 -3.59 -4.40
C VAL G 178 24.19 -4.78 -3.63
N ASN G 179 24.52 -4.93 -2.35
CA ASN G 179 23.99 -5.98 -1.46
C ASN G 179 23.82 -5.52 0.00
N VAL G 180 24.07 -4.24 0.28
CA VAL G 180 23.75 -3.59 1.55
C VAL G 180 23.37 -2.14 1.32
N ALA G 181 22.47 -1.62 2.13
CA ALA G 181 22.11 -0.21 2.15
C ALA G 181 21.83 0.25 3.58
N PHE G 182 22.24 1.46 3.93
CA PHE G 182 22.15 2.06 5.26
C PHE G 182 21.44 3.41 5.19
N THR G 183 20.64 3.71 6.21
CA THR G 183 19.96 4.99 6.37
C THR G 183 19.45 5.15 7.81
N GLY G 184 19.01 6.34 8.20
CA GLY G 184 18.30 6.54 9.48
C GLY G 184 16.80 6.28 9.36
N ARG G 185 16.11 6.06 10.49
CA ARG G 185 14.67 5.74 10.55
C ARG G 185 13.75 6.81 9.94
N PHE G 186 14.24 8.03 9.74
CA PHE G 186 13.56 9.12 9.03
C PHE G 186 13.15 8.77 7.59
N LEU G 187 13.81 7.80 6.94
CA LEU G 187 13.50 7.42 5.57
C LEU G 187 12.18 6.65 5.44
N ARG G 188 11.68 6.01 6.50
CA ARG G 188 10.42 5.24 6.44
C ARG G 188 9.25 6.10 5.99
N ARG G 189 9.12 7.32 6.53
CA ARG G 189 8.16 8.33 6.10
C ARG G 189 8.28 8.65 4.61
N ARG G 190 9.50 8.87 4.12
CA ARG G 190 9.80 9.20 2.72
C ARG G 190 9.37 8.06 1.80
N LEU G 191 9.65 6.81 2.16
CA LEU G 191 9.27 5.63 1.39
C LEU G 191 7.76 5.42 1.36
N ARG G 192 7.07 5.48 2.51
CA ARG G 192 5.60 5.40 2.57
C ARG G 192 4.93 6.49 1.75
N GLY G 193 5.52 7.67 1.68
CA GLY G 193 5.03 8.81 0.91
C GLY G 193 5.21 8.76 -0.60
N LEU G 194 5.87 7.75 -1.18
CA LEU G 194 6.10 7.66 -2.63
C LEU G 194 4.78 7.42 -3.37
N ARG G 195 4.32 8.40 -4.16
CA ARG G 195 3.09 8.32 -4.94
C ARG G 195 3.29 8.73 -6.40
N ASP G 196 2.43 8.22 -7.28
CA ASP G 196 2.31 8.69 -8.66
C ASP G 196 1.71 10.11 -8.75
N ALA G 197 1.69 10.69 -9.95
CA ALA G 197 1.18 12.03 -10.17
C ALA G 197 -0.33 12.17 -9.91
N ASP G 198 -1.09 11.08 -9.84
CA ASP G 198 -2.50 11.07 -9.45
C ASP G 198 -2.71 10.87 -7.95
N ASN G 199 -1.66 10.82 -7.13
CA ASN G 199 -1.69 10.58 -5.68
C ASN G 199 -1.94 9.13 -5.27
N ALA G 200 -1.70 8.12 -6.11
CA ALA G 200 -1.77 6.71 -5.71
C ALA G 200 -0.40 6.19 -5.26
N PRO G 201 -0.26 5.41 -4.19
CA PRO G 201 1.05 4.92 -3.74
C PRO G 201 1.74 4.01 -4.77
N ILE G 202 3.03 4.22 -5.02
CA ILE G 202 3.88 3.36 -5.88
C ILE G 202 4.84 2.45 -5.09
N TYR G 203 5.02 2.70 -3.79
CA TYR G 203 5.83 1.86 -2.90
C TYR G 203 5.00 0.87 -2.07
N LEU G 204 3.98 1.36 -1.34
CA LEU G 204 3.04 0.50 -0.61
C LEU G 204 1.99 -0.12 -1.53
N ASP G 205 1.41 -1.24 -1.12
CA ASP G 205 0.23 -1.84 -1.72
C ASP G 205 -1.07 -1.13 -1.27
N GLY G 206 -1.16 0.19 -1.48
CA GLY G 206 -2.26 1.02 -1.00
C GLY G 206 -2.17 1.42 0.47
N VAL G 207 -2.92 2.44 0.89
CA VAL G 207 -2.73 3.10 2.18
C VAL G 207 -3.36 2.41 3.39
N ARG G 208 -4.29 1.45 3.23
CA ARG G 208 -5.02 0.88 4.36
C ARG G 208 -4.21 -0.08 5.21
N SER G 209 -3.78 -1.20 4.65
CA SER G 209 -3.26 -2.34 5.41
C SER G 209 -1.74 -2.50 5.41
N ASP G 210 -1.00 -1.62 4.74
CA ASP G 210 0.42 -1.80 4.49
C ASP G 210 1.27 -0.67 5.06
N ASN G 211 2.42 -1.00 5.61
CA ASN G 211 3.47 -0.08 6.02
C ASN G 211 4.87 -0.69 5.91
N ARG G 212 5.04 -1.86 5.30
CA ARG G 212 6.33 -2.56 5.29
C ARG G 212 7.34 -1.73 4.51
N THR G 213 8.40 -1.29 5.19
CA THR G 213 9.45 -0.39 4.69
C THR G 213 10.84 -1.00 4.80
N ALA G 214 10.92 -2.33 4.78
CA ALA G 214 12.15 -3.10 4.97
C ALA G 214 13.14 -3.04 3.80
N GLU G 215 12.72 -2.68 2.59
CA GLU G 215 13.51 -2.85 1.37
C GLU G 215 13.18 -1.80 0.30
N ILE G 216 14.07 -1.62 -0.65
CA ILE G 216 13.86 -0.81 -1.84
C ILE G 216 14.56 -1.50 -3.01
N TYR G 217 13.95 -1.58 -4.18
CA TYR G 217 14.42 -2.40 -5.30
C TYR G 217 14.84 -3.82 -4.87
N GLY G 218 14.07 -4.46 -4.00
CA GLY G 218 14.36 -5.77 -3.45
C GLY G 218 15.57 -5.85 -2.51
N GLN G 219 16.25 -4.74 -2.22
CA GLN G 219 17.40 -4.68 -1.34
C GLN G 219 16.97 -4.26 0.06
N ASP G 220 17.26 -5.10 1.06
CA ASP G 220 16.97 -4.80 2.46
C ASP G 220 17.74 -3.56 2.94
N LEU G 221 17.09 -2.73 3.73
CA LEU G 221 17.64 -1.52 4.33
C LEU G 221 18.03 -1.81 5.77
N MET G 222 19.26 -1.47 6.16
CA MET G 222 19.67 -1.41 7.56
C MET G 222 19.41 -0.03 8.11
N TYR G 223 18.43 0.09 9.00
CA TYR G 223 18.16 1.31 9.71
C TYR G 223 19.11 1.45 10.90
N VAL G 224 19.90 2.51 10.93
CA VAL G 224 20.92 2.73 11.96
C VAL G 224 20.32 3.47 13.16
N GLY G 225 20.22 2.79 14.30
CA GLY G 225 19.58 3.31 15.51
C GLY G 225 20.49 3.98 16.55
N ASN G 226 21.80 3.92 16.39
CA ASN G 226 22.81 4.18 17.44
C ASN G 226 23.09 5.66 17.77
N ARG G 227 22.40 6.61 17.14
CA ARG G 227 22.83 8.01 16.95
C ARG G 227 24.05 8.18 16.03
N SER G 228 24.59 7.11 15.44
CA SER G 228 25.75 7.18 14.54
C SER G 228 25.47 7.91 13.23
N TRP G 229 24.25 7.78 12.70
CA TRP G 229 23.91 8.24 11.36
C TRP G 229 23.81 9.76 11.29
N ASP G 230 24.66 10.40 10.51
CA ASP G 230 24.60 11.85 10.30
C ASP G 230 23.82 12.21 9.03
N ARG G 231 22.54 12.57 9.19
CA ARG G 231 21.68 12.94 8.06
C ARG G 231 22.13 14.21 7.33
N ASP G 232 22.99 15.03 7.95
CA ASP G 232 23.61 16.19 7.31
C ASP G 232 24.81 15.82 6.44
N GLU G 233 25.30 14.58 6.47
CA GLU G 233 26.29 14.06 5.55
C GLU G 233 25.67 13.13 4.50
N ALA G 234 24.80 12.21 4.90
CA ALA G 234 24.21 11.23 4.01
C ALA G 234 22.75 10.95 4.33
N VAL G 235 21.91 10.90 3.31
CA VAL G 235 20.56 10.34 3.38
C VAL G 235 20.60 8.82 3.35
N LEU G 236 21.41 8.24 2.46
CA LEU G 236 21.56 6.79 2.33
C LEU G 236 22.94 6.46 1.78
N LEU G 237 23.50 5.34 2.21
CA LEU G 237 24.73 4.73 1.69
C LEU G 237 24.39 3.35 1.16
N ALA G 238 24.78 3.01 -0.06
CA ALA G 238 24.56 1.69 -0.66
C ALA G 238 25.85 1.14 -1.26
N GLY G 239 26.05 -0.18 -1.25
CA GLY G 239 27.24 -0.76 -1.81
C GLY G 239 27.36 -2.26 -1.63
N ASP G 240 28.60 -2.74 -1.72
CA ASP G 240 28.95 -4.15 -1.62
C ASP G 240 29.61 -4.45 -0.27
N ARG G 241 28.90 -5.12 0.64
CA ARG G 241 29.39 -5.48 1.98
C ARG G 241 30.62 -6.36 1.95
N SER G 242 30.81 -7.14 0.89
CA SER G 242 31.94 -8.06 0.78
C SER G 242 33.27 -7.33 0.68
N LYS G 243 33.26 -6.06 0.26
CA LYS G 243 34.42 -5.21 0.04
C LYS G 243 34.85 -4.42 1.26
N VAL G 244 34.33 -4.69 2.45
CA VAL G 244 34.77 -4.13 3.72
C VAL G 244 35.15 -5.27 4.64
N LEU G 245 36.26 -5.14 5.32
CA LEU G 245 36.73 -6.09 6.30
C LEU G 245 36.93 -5.40 7.65
N LEU G 246 36.31 -5.95 8.68
CA LEU G 246 36.61 -5.59 10.06
C LEU G 246 37.52 -6.63 10.69
N GLY G 247 38.37 -6.22 11.61
CA GLY G 247 39.13 -7.13 12.46
C GLY G 247 38.72 -6.96 13.90
N ILE G 248 38.54 -8.04 14.63
CA ILE G 248 38.38 -8.01 16.08
C ILE G 248 39.67 -8.50 16.69
N ARG G 249 40.42 -7.60 17.31
CA ARG G 249 41.66 -7.94 17.99
C ARG G 249 41.43 -8.42 19.41
N GLU G 250 40.55 -7.73 20.14
CA GLU G 250 40.22 -8.06 21.51
C GLU G 250 38.81 -7.58 21.83
N ASP G 251 37.95 -8.49 22.27
CA ASP G 251 36.58 -8.19 22.71
C ASP G 251 36.54 -7.25 23.93
N VAL G 252 35.39 -6.70 24.26
CA VAL G 252 35.24 -5.75 25.37
C VAL G 252 35.78 -6.32 26.67
N GLN G 253 36.73 -5.62 27.28
CA GLN G 253 37.24 -5.87 28.62
C GLN G 253 36.79 -4.75 29.55
N VAL G 254 36.41 -5.11 30.77
CA VAL G 254 36.01 -4.15 31.81
C VAL G 254 36.81 -4.42 33.08
N LYS G 255 37.36 -3.38 33.69
CA LYS G 255 38.09 -3.45 34.98
C LYS G 255 37.53 -2.47 35.99
N LEU G 256 37.24 -2.91 37.21
CA LEU G 256 36.93 -2.02 38.32
C LEU G 256 38.22 -1.40 38.86
N LEU G 257 38.33 -0.08 38.82
CA LEU G 257 39.44 0.70 39.34
C LEU G 257 39.03 1.26 40.70
N THR G 258 39.90 1.12 41.70
CA THR G 258 39.66 1.61 43.06
C THR G 258 40.81 2.42 43.64
N GLU G 259 42.04 2.23 43.17
CA GLU G 259 43.23 2.96 43.66
C GLU G 259 43.83 3.95 42.66
N ALA G 260 43.50 3.86 41.37
CA ALA G 260 44.16 4.58 40.30
C ALA G 260 44.00 6.11 40.39
N THR G 261 44.88 6.84 39.72
CA THR G 261 44.74 8.27 39.48
C THR G 261 44.22 8.51 38.08
N ILE G 262 43.08 9.16 37.97
CA ILE G 262 42.34 9.36 36.73
C ILE G 262 42.19 10.86 36.50
N GLY G 263 42.64 11.38 35.35
CA GLY G 263 42.68 12.81 35.14
C GLY G 263 43.54 13.52 36.19
N GLY G 264 42.95 14.43 36.95
CA GLY G 264 43.61 15.11 38.05
C GLY G 264 43.56 14.43 39.41
N ILE G 265 42.79 13.35 39.59
CA ILE G 265 42.33 12.91 40.93
C ILE G 265 42.61 11.45 41.22
N ASN G 266 43.02 11.15 42.46
CA ASN G 266 43.20 9.77 42.92
C ASN G 266 41.91 9.18 43.47
N LEU G 267 41.46 8.06 42.92
CA LEU G 267 40.18 7.46 43.28
C LEU G 267 40.11 7.06 44.77
N ALA G 268 41.14 6.44 45.34
CA ALA G 268 41.07 5.97 46.72
C ALA G 268 40.99 7.15 47.70
N GLU G 269 41.80 8.17 47.47
CA GLU G 269 41.84 9.41 48.23
C GLU G 269 40.53 10.21 48.15
N LYS G 270 39.84 10.17 47.01
CA LYS G 270 38.51 10.77 46.83
C LYS G 270 37.34 9.89 47.27
N ASP G 271 37.57 8.68 47.75
CA ASP G 271 36.52 7.70 48.02
C ASP G 271 35.63 7.44 46.79
N MET G 272 36.25 7.33 45.62
CA MET G 272 35.61 7.04 44.35
C MET G 272 36.07 5.69 43.83
N VAL G 273 35.30 5.16 42.90
CA VAL G 273 35.67 4.00 42.08
C VAL G 273 35.31 4.30 40.63
N ALA G 274 35.83 3.53 39.69
CA ALA G 274 35.51 3.70 38.29
C ALA G 274 35.49 2.38 37.55
N LEU G 275 34.72 2.26 36.48
CA LEU G 275 34.90 1.19 35.51
C LEU G 275 35.72 1.70 34.33
N ARG G 276 36.72 0.91 33.92
CA ARG G 276 37.49 1.11 32.70
C ARG G 276 37.00 0.13 31.66
N PHE G 277 36.56 0.61 30.52
CA PHE G 277 36.11 -0.18 29.38
C PHE G 277 37.10 -0.05 28.23
N LYS G 278 37.49 -1.14 27.58
CA LYS G 278 38.30 -1.10 26.35
C LYS G 278 37.99 -2.21 25.36
N PHE G 279 38.20 -1.92 24.08
CA PHE G 279 37.87 -2.79 22.94
C PHE G 279 38.82 -2.53 21.76
N ARG G 280 39.39 -3.56 21.14
CA ARG G 280 40.37 -3.40 20.03
C ARG G 280 39.84 -3.95 18.72
N VAL G 281 39.83 -3.11 17.71
CA VAL G 281 39.10 -3.34 16.46
C VAL G 281 39.86 -2.72 15.28
N ALA G 282 39.66 -3.21 14.07
CA ALA G 282 40.31 -2.72 12.87
C ALA G 282 39.31 -2.58 11.72
N TYR G 283 39.56 -1.67 10.78
CA TYR G 283 38.76 -1.50 9.57
C TYR G 283 39.65 -1.32 8.35
N SER G 284 39.27 -1.94 7.23
CA SER G 284 39.80 -1.63 5.92
C SER G 284 38.80 -1.91 4.81
N THR G 285 38.87 -1.16 3.71
CA THR G 285 38.22 -1.55 2.46
C THR G 285 39.08 -2.60 1.76
N ALA G 286 38.45 -3.71 1.40
CA ALA G 286 39.08 -4.90 0.86
C ALA G 286 38.60 -5.11 -0.59
N PHE G 287 39.01 -4.25 -1.52
CA PHE G 287 38.71 -4.40 -2.93
C PHE G 287 39.89 -4.04 -3.82
N SER G 288 39.96 -4.70 -4.97
CA SER G 288 40.93 -4.43 -6.02
C SER G 288 40.27 -3.64 -7.14
N THR G 289 40.98 -2.66 -7.69
CA THR G 289 40.57 -1.97 -8.92
C THR G 289 41.50 -2.28 -10.10
N ALA G 290 42.09 -3.48 -10.15
CA ALA G 290 42.86 -3.94 -11.30
C ALA G 290 42.00 -3.97 -12.57
N GLY G 291 42.50 -3.40 -13.67
CA GLY G 291 41.77 -3.25 -14.95
C GLY G 291 40.72 -2.14 -14.99
N GLY G 292 40.34 -1.57 -13.84
CA GLY G 292 39.40 -0.47 -13.71
C GLY G 292 40.06 0.90 -13.68
N GLU G 293 39.28 1.90 -13.29
CA GLU G 293 39.82 3.22 -12.93
C GLU G 293 40.23 3.22 -11.46
N VAL G 294 41.25 4.00 -11.10
CA VAL G 294 41.69 4.11 -9.72
C VAL G 294 40.62 4.66 -8.78
N THR G 295 39.63 5.37 -9.33
CA THR G 295 38.46 5.93 -8.65
C THR G 295 37.21 5.04 -8.65
N ASP G 296 37.25 3.80 -9.14
CA ASP G 296 36.11 2.88 -8.96
C ASP G 296 35.93 2.54 -7.48
N TYR G 297 34.71 2.62 -6.94
CA TYR G 297 34.44 2.48 -5.52
C TYR G 297 33.21 1.61 -5.23
N PRO G 298 33.25 0.67 -4.28
CA PRO G 298 32.14 -0.25 -4.00
C PRO G 298 30.93 0.35 -3.27
N PHE G 299 30.88 1.67 -3.04
CA PHE G 299 29.76 2.35 -2.39
C PHE G 299 29.40 3.65 -3.09
N ALA G 300 28.17 4.09 -2.86
CA ALA G 300 27.61 5.36 -3.30
C ALA G 300 26.69 5.95 -2.22
N VAL G 301 26.54 7.26 -2.23
CA VAL G 301 25.71 7.98 -1.27
C VAL G 301 24.71 8.91 -1.93
N ILE G 302 23.55 9.05 -1.29
CA ILE G 302 22.68 10.19 -1.50
C ILE G 302 23.04 11.22 -0.44
N THR G 303 23.46 12.42 -0.82
CA THR G 303 23.73 13.52 0.12
C THR G 303 22.48 14.38 0.30
N PRO G 304 22.33 15.14 1.40
CA PRO G 304 21.10 15.89 1.65
C PRO G 304 20.83 16.99 0.62
N ASP G 305 19.57 17.33 0.47
CA ASP G 305 19.06 18.29 -0.51
C ASP G 305 19.71 19.68 -0.37
#